data_2B00
# 
_entry.id   2B00 
# 
_audit_conform.dict_name       mmcif_pdbx.dic 
_audit_conform.dict_version    5.398 
_audit_conform.dict_location   http://mmcif.pdb.org/dictionaries/ascii/mmcif_pdbx.dic 
# 
loop_
_database_2.database_id 
_database_2.database_code 
_database_2.pdbx_database_accession 
_database_2.pdbx_DOI 
PDB   2B00         pdb_00002b00 10.2210/pdb2b00/pdb 
RCSB  RCSB034504   ?            ?                   
WWPDB D_1000034504 ?            ?                   
# 
loop_
_pdbx_audit_revision_history.ordinal 
_pdbx_audit_revision_history.data_content_type 
_pdbx_audit_revision_history.major_revision 
_pdbx_audit_revision_history.minor_revision 
_pdbx_audit_revision_history.revision_date 
1 'Structure model' 1 0 2006-11-14 
2 'Structure model' 1 1 2008-05-01 
3 'Structure model' 1 2 2011-07-13 
4 'Structure model' 1 3 2024-11-06 
# 
_pdbx_audit_revision_details.ordinal             1 
_pdbx_audit_revision_details.revision_ordinal    1 
_pdbx_audit_revision_details.data_content_type   'Structure model' 
_pdbx_audit_revision_details.provider            repository 
_pdbx_audit_revision_details.type                'Initial release' 
_pdbx_audit_revision_details.description         ? 
_pdbx_audit_revision_details.details             ? 
# 
loop_
_pdbx_audit_revision_group.ordinal 
_pdbx_audit_revision_group.revision_ordinal 
_pdbx_audit_revision_group.data_content_type 
_pdbx_audit_revision_group.group 
1 2 'Structure model' 'Version format compliance' 
2 3 'Structure model' 'Derived calculations'      
3 3 'Structure model' 'Version format compliance' 
4 4 'Structure model' 'Data collection'           
5 4 'Structure model' 'Database references'       
6 4 'Structure model' 'Derived calculations'      
7 4 'Structure model' 'Structure summary'         
# 
loop_
_pdbx_audit_revision_category.ordinal 
_pdbx_audit_revision_category.revision_ordinal 
_pdbx_audit_revision_category.data_content_type 
_pdbx_audit_revision_category.category 
1 4 'Structure model' chem_comp_atom            
2 4 'Structure model' chem_comp_bond            
3 4 'Structure model' database_2                
4 4 'Structure model' pdbx_entry_details        
5 4 'Structure model' pdbx_modification_feature 
6 4 'Structure model' pdbx_struct_conn_angle    
7 4 'Structure model' struct_conn               
8 4 'Structure model' struct_site               
# 
loop_
_pdbx_audit_revision_item.ordinal 
_pdbx_audit_revision_item.revision_ordinal 
_pdbx_audit_revision_item.data_content_type 
_pdbx_audit_revision_item.item 
1  4 'Structure model' '_database_2.pdbx_DOI'                        
2  4 'Structure model' '_database_2.pdbx_database_accession'         
3  4 'Structure model' '_pdbx_struct_conn_angle.ptnr1_auth_comp_id'  
4  4 'Structure model' '_pdbx_struct_conn_angle.ptnr1_auth_seq_id'   
5  4 'Structure model' '_pdbx_struct_conn_angle.ptnr1_label_asym_id' 
6  4 'Structure model' '_pdbx_struct_conn_angle.ptnr1_label_atom_id' 
7  4 'Structure model' '_pdbx_struct_conn_angle.ptnr1_label_comp_id' 
8  4 'Structure model' '_pdbx_struct_conn_angle.ptnr1_label_seq_id'  
9  4 'Structure model' '_pdbx_struct_conn_angle.ptnr1_symmetry'      
10 4 'Structure model' '_pdbx_struct_conn_angle.ptnr3_auth_comp_id'  
11 4 'Structure model' '_pdbx_struct_conn_angle.ptnr3_auth_seq_id'   
12 4 'Structure model' '_pdbx_struct_conn_angle.ptnr3_label_asym_id' 
13 4 'Structure model' '_pdbx_struct_conn_angle.ptnr3_label_atom_id' 
14 4 'Structure model' '_pdbx_struct_conn_angle.ptnr3_label_comp_id' 
15 4 'Structure model' '_pdbx_struct_conn_angle.ptnr3_label_seq_id'  
16 4 'Structure model' '_pdbx_struct_conn_angle.ptnr3_symmetry'      
17 4 'Structure model' '_pdbx_struct_conn_angle.value'               
18 4 'Structure model' '_struct_conn.pdbx_dist_value'                
19 4 'Structure model' '_struct_conn.ptnr1_auth_comp_id'             
20 4 'Structure model' '_struct_conn.ptnr1_auth_seq_id'              
21 4 'Structure model' '_struct_conn.ptnr1_label_asym_id'            
22 4 'Structure model' '_struct_conn.ptnr1_label_atom_id'            
23 4 'Structure model' '_struct_conn.ptnr1_label_comp_id'            
24 4 'Structure model' '_struct_conn.ptnr1_label_seq_id'             
25 4 'Structure model' '_struct_conn.ptnr1_symmetry'                 
26 4 'Structure model' '_struct_conn.ptnr2_auth_comp_id'             
27 4 'Structure model' '_struct_conn.ptnr2_auth_seq_id'              
28 4 'Structure model' '_struct_conn.ptnr2_label_asym_id'            
29 4 'Structure model' '_struct_conn.ptnr2_label_atom_id'            
30 4 'Structure model' '_struct_conn.ptnr2_label_comp_id'            
31 4 'Structure model' '_struct_conn.ptnr2_label_seq_id'             
32 4 'Structure model' '_struct_conn.ptnr2_symmetry'                 
33 4 'Structure model' '_struct_site.pdbx_auth_asym_id'              
34 4 'Structure model' '_struct_site.pdbx_auth_comp_id'              
35 4 'Structure model' '_struct_site.pdbx_auth_seq_id'               
# 
_pdbx_database_status.status_code                     REL 
_pdbx_database_status.entry_id                        2B00 
_pdbx_database_status.recvd_initial_deposition_date   2005-09-12 
_pdbx_database_status.deposit_site                    RCSB 
_pdbx_database_status.process_site                    RCSB 
_pdbx_database_status.status_code_sf                  REL 
_pdbx_database_status.status_code_mr                  ? 
_pdbx_database_status.SG_entry                        N 
_pdbx_database_status.pdb_format_compatible           Y 
_pdbx_database_status.status_code_cs                  ? 
_pdbx_database_status.status_code_nmr_data            ? 
_pdbx_database_status.methods_development_category    ? 
# 
loop_
_pdbx_database_related.db_name 
_pdbx_database_related.db_id 
_pdbx_database_related.details 
_pdbx_database_related.content_type 
PDB 2AZY 'Crystal Structure of Porcine Pancreatic Phospholipase A2 in Complex with Cholate'                unspecified 
PDB 2AZZ 'Crystal Structure of Porcine Pancreatic Phospholipase A2 in Complex with Taurocholate'           unspecified 
PDB 2B04 'Crystal Structure of Porcine Pancreatic Phospholipase A2 in Complex with Glycochenodeoxycholate' unspecified 
PDB 2B01 'Crystal Structure of Porcine Pancreatic Phospholipase A2 in Complex with Taurochenodeoxycholate' unspecified 
PDB 2B03 'Crystal Structure of Porcine Pancreatic Phospholipase A2 in Complex with Taurochenodeoxycholate' unspecified 
# 
loop_
_audit_author.name 
_audit_author.pdbx_ordinal 
'Pan, Y.H.'     1 
'Bahnson, B.J.' 2 
'Jain, M.K.'    3 
# 
_citation.id                        primary 
_citation.title                     'Structural basis for bile salt inhibition of pancreatic phospholipase A2.' 
_citation.journal_abbrev            J.Mol.Biol. 
_citation.journal_volume            369 
_citation.page_first                439 
_citation.page_last                 450 
_citation.year                      2007 
_citation.journal_id_ASTM           JMOBAK 
_citation.country                   UK 
_citation.journal_id_ISSN           0022-2836 
_citation.journal_id_CSD            0070 
_citation.book_publisher            ? 
_citation.pdbx_database_id_PubMed   17434532 
_citation.pdbx_database_id_DOI      10.1016/j.jmb.2007.03.034 
# 
loop_
_citation_author.citation_id 
_citation_author.name 
_citation_author.ordinal 
_citation_author.identifier_ORCID 
primary 'Pan, Y.H.'     1 ? 
primary 'Bahnson, B.J.' 2 ? 
# 
loop_
_entity.id 
_entity.type 
_entity.src_method 
_entity.pdbx_description 
_entity.formula_weight 
_entity.pdbx_number_of_molecules 
_entity.pdbx_ec 
_entity.pdbx_mutation 
_entity.pdbx_fragment 
_entity.details 
1 polymer     man 'Phospholipase A2, major isoenzyme' 14009.714 1   3.1.1.4 ? ? ? 
2 non-polymer syn 'CALCIUM ION'                       40.078    2   ?       ? ? ? 
3 non-polymer syn 'GLYCOCHOLIC ACID'                  465.623   1   ?       ? ? ? 
4 water       nat water                               18.015    153 ?       ? ? ? 
# 
_entity_name_com.entity_id   1 
_entity_name_com.name        'Phosphatidylcholine 2-acylhydrolase, Group IB phospholipase A2' 
# 
_entity_poly.entity_id                      1 
_entity_poly.type                           'polypeptide(L)' 
_entity_poly.nstd_linkage                   no 
_entity_poly.nstd_monomer                   no 
_entity_poly.pdbx_seq_one_letter_code       
;ALWQFRSMIKCAIPGSHPLMDFNNYGCYCGLGGSGTPVDELDRCCETHDNCYRDAKNLDSCKFLVDNPYTESYSYSCSNT
EITCNSKNNACEAFICNCDRNAAICFSKAPYNKEHKNLDTKKYC
;
_entity_poly.pdbx_seq_one_letter_code_can   
;ALWQFRSMIKCAIPGSHPLMDFNNYGCYCGLGGSGTPVDELDRCCETHDNCYRDAKNLDSCKFLVDNPYTESYSYSCSNT
EITCNSKNNACEAFICNCDRNAAICFSKAPYNKEHKNLDTKKYC
;
_entity_poly.pdbx_strand_id                 A 
_entity_poly.pdbx_target_identifier         ? 
# 
loop_
_pdbx_entity_nonpoly.entity_id 
_pdbx_entity_nonpoly.name 
_pdbx_entity_nonpoly.comp_id 
2 'CALCIUM ION'      CA  
3 'GLYCOCHOLIC ACID' GCH 
4 water              HOH 
# 
loop_
_entity_poly_seq.entity_id 
_entity_poly_seq.num 
_entity_poly_seq.mon_id 
_entity_poly_seq.hetero 
1 1   ALA n 
1 2   LEU n 
1 3   TRP n 
1 4   GLN n 
1 5   PHE n 
1 6   ARG n 
1 7   SER n 
1 8   MET n 
1 9   ILE n 
1 10  LYS n 
1 11  CYS n 
1 12  ALA n 
1 13  ILE n 
1 14  PRO n 
1 15  GLY n 
1 16  SER n 
1 17  HIS n 
1 18  PRO n 
1 19  LEU n 
1 20  MET n 
1 21  ASP n 
1 22  PHE n 
1 23  ASN n 
1 24  ASN n 
1 25  TYR n 
1 26  GLY n 
1 27  CYS n 
1 28  TYR n 
1 29  CYS n 
1 30  GLY n 
1 31  LEU n 
1 32  GLY n 
1 33  GLY n 
1 34  SER n 
1 35  GLY n 
1 36  THR n 
1 37  PRO n 
1 38  VAL n 
1 39  ASP n 
1 40  GLU n 
1 41  LEU n 
1 42  ASP n 
1 43  ARG n 
1 44  CYS n 
1 45  CYS n 
1 46  GLU n 
1 47  THR n 
1 48  HIS n 
1 49  ASP n 
1 50  ASN n 
1 51  CYS n 
1 52  TYR n 
1 53  ARG n 
1 54  ASP n 
1 55  ALA n 
1 56  LYS n 
1 57  ASN n 
1 58  LEU n 
1 59  ASP n 
1 60  SER n 
1 61  CYS n 
1 62  LYS n 
1 63  PHE n 
1 64  LEU n 
1 65  VAL n 
1 66  ASP n 
1 67  ASN n 
1 68  PRO n 
1 69  TYR n 
1 70  THR n 
1 71  GLU n 
1 72  SER n 
1 73  TYR n 
1 74  SER n 
1 75  TYR n 
1 76  SER n 
1 77  CYS n 
1 78  SER n 
1 79  ASN n 
1 80  THR n 
1 81  GLU n 
1 82  ILE n 
1 83  THR n 
1 84  CYS n 
1 85  ASN n 
1 86  SER n 
1 87  LYS n 
1 88  ASN n 
1 89  ASN n 
1 90  ALA n 
1 91  CYS n 
1 92  GLU n 
1 93  ALA n 
1 94  PHE n 
1 95  ILE n 
1 96  CYS n 
1 97  ASN n 
1 98  CYS n 
1 99  ASP n 
1 100 ARG n 
1 101 ASN n 
1 102 ALA n 
1 103 ALA n 
1 104 ILE n 
1 105 CYS n 
1 106 PHE n 
1 107 SER n 
1 108 LYS n 
1 109 ALA n 
1 110 PRO n 
1 111 TYR n 
1 112 ASN n 
1 113 LYS n 
1 114 GLU n 
1 115 HIS n 
1 116 LYS n 
1 117 ASN n 
1 118 LEU n 
1 119 ASP n 
1 120 THR n 
1 121 LYS n 
1 122 LYS n 
1 123 TYR n 
1 124 CYS n 
# 
_entity_src_gen.entity_id                          1 
_entity_src_gen.pdbx_src_id                        1 
_entity_src_gen.pdbx_alt_source_flag               sample 
_entity_src_gen.pdbx_seq_type                      ? 
_entity_src_gen.pdbx_beg_seq_num                   ? 
_entity_src_gen.pdbx_end_seq_num                   ? 
_entity_src_gen.gene_src_common_name               pig 
_entity_src_gen.gene_src_genus                     Sus 
_entity_src_gen.pdbx_gene_src_gene                 PLA2G1B 
_entity_src_gen.gene_src_species                   ? 
_entity_src_gen.gene_src_strain                    ? 
_entity_src_gen.gene_src_tissue                    ? 
_entity_src_gen.gene_src_tissue_fraction           ? 
_entity_src_gen.gene_src_details                   ? 
_entity_src_gen.pdbx_gene_src_fragment             ? 
_entity_src_gen.pdbx_gene_src_scientific_name      'Sus scrofa' 
_entity_src_gen.pdbx_gene_src_ncbi_taxonomy_id     9823 
_entity_src_gen.pdbx_gene_src_variant              ? 
_entity_src_gen.pdbx_gene_src_cell_line            ? 
_entity_src_gen.pdbx_gene_src_atcc                 ? 
_entity_src_gen.pdbx_gene_src_organ                ? 
_entity_src_gen.pdbx_gene_src_organelle            ? 
_entity_src_gen.pdbx_gene_src_cell                 ? 
_entity_src_gen.pdbx_gene_src_cellular_location    ? 
_entity_src_gen.host_org_common_name               ? 
_entity_src_gen.pdbx_host_org_scientific_name      'Escherichia coli' 
_entity_src_gen.pdbx_host_org_ncbi_taxonomy_id     562 
_entity_src_gen.host_org_genus                     Escherichia 
_entity_src_gen.pdbx_host_org_gene                 ? 
_entity_src_gen.pdbx_host_org_organ                ? 
_entity_src_gen.host_org_species                   ? 
_entity_src_gen.pdbx_host_org_tissue               ? 
_entity_src_gen.pdbx_host_org_tissue_fraction      ? 
_entity_src_gen.pdbx_host_org_strain               ? 
_entity_src_gen.pdbx_host_org_variant              ? 
_entity_src_gen.pdbx_host_org_cell_line            ? 
_entity_src_gen.pdbx_host_org_atcc                 ? 
_entity_src_gen.pdbx_host_org_culture_collection   ? 
_entity_src_gen.pdbx_host_org_cell                 ? 
_entity_src_gen.pdbx_host_org_organelle            ? 
_entity_src_gen.pdbx_host_org_cellular_location    ? 
_entity_src_gen.pdbx_host_org_vector_type          ? 
_entity_src_gen.pdbx_host_org_vector               ? 
_entity_src_gen.host_org_details                   ? 
_entity_src_gen.expression_system_id               ? 
_entity_src_gen.plasmid_name                       ? 
_entity_src_gen.plasmid_details                    ? 
_entity_src_gen.pdbx_description                   ? 
# 
loop_
_chem_comp.id 
_chem_comp.type 
_chem_comp.mon_nstd_flag 
_chem_comp.name 
_chem_comp.pdbx_synonyms 
_chem_comp.formula 
_chem_comp.formula_weight 
ALA 'L-peptide linking' y ALANINE            ?               'C3 H7 N O2'     89.093  
ARG 'L-peptide linking' y ARGININE           ?               'C6 H15 N4 O2 1' 175.209 
ASN 'L-peptide linking' y ASPARAGINE         ?               'C4 H8 N2 O3'    132.118 
ASP 'L-peptide linking' y 'ASPARTIC ACID'    ?               'C4 H7 N O4'     133.103 
CA  non-polymer         . 'CALCIUM ION'      ?               'Ca 2'           40.078  
CYS 'L-peptide linking' y CYSTEINE           ?               'C3 H7 N O2 S'   121.158 
GCH non-polymer         . 'GLYCOCHOLIC ACID' N-CHOLYLGLYCINE 'C26 H43 N O6'   465.623 
GLN 'L-peptide linking' y GLUTAMINE          ?               'C5 H10 N2 O3'   146.144 
GLU 'L-peptide linking' y 'GLUTAMIC ACID'    ?               'C5 H9 N O4'     147.129 
GLY 'peptide linking'   y GLYCINE            ?               'C2 H5 N O2'     75.067  
HIS 'L-peptide linking' y HISTIDINE          ?               'C6 H10 N3 O2 1' 156.162 
HOH non-polymer         . WATER              ?               'H2 O'           18.015  
ILE 'L-peptide linking' y ISOLEUCINE         ?               'C6 H13 N O2'    131.173 
LEU 'L-peptide linking' y LEUCINE            ?               'C6 H13 N O2'    131.173 
LYS 'L-peptide linking' y LYSINE             ?               'C6 H15 N2 O2 1' 147.195 
MET 'L-peptide linking' y METHIONINE         ?               'C5 H11 N O2 S'  149.211 
PHE 'L-peptide linking' y PHENYLALANINE      ?               'C9 H11 N O2'    165.189 
PRO 'L-peptide linking' y PROLINE            ?               'C5 H9 N O2'     115.130 
SER 'L-peptide linking' y SERINE             ?               'C3 H7 N O3'     105.093 
THR 'L-peptide linking' y THREONINE          ?               'C4 H9 N O3'     119.119 
TRP 'L-peptide linking' y TRYPTOPHAN         ?               'C11 H12 N2 O2'  204.225 
TYR 'L-peptide linking' y TYROSINE           ?               'C9 H11 N O3'    181.189 
VAL 'L-peptide linking' y VALINE             ?               'C5 H11 N O2'    117.146 
# 
loop_
_pdbx_poly_seq_scheme.asym_id 
_pdbx_poly_seq_scheme.entity_id 
_pdbx_poly_seq_scheme.seq_id 
_pdbx_poly_seq_scheme.mon_id 
_pdbx_poly_seq_scheme.ndb_seq_num 
_pdbx_poly_seq_scheme.pdb_seq_num 
_pdbx_poly_seq_scheme.auth_seq_num 
_pdbx_poly_seq_scheme.pdb_mon_id 
_pdbx_poly_seq_scheme.auth_mon_id 
_pdbx_poly_seq_scheme.pdb_strand_id 
_pdbx_poly_seq_scheme.pdb_ins_code 
_pdbx_poly_seq_scheme.hetero 
A 1 1   ALA 1   1   1   ALA ALA A . n 
A 1 2   LEU 2   2   2   LEU LEU A . n 
A 1 3   TRP 3   3   3   TRP TRP A . n 
A 1 4   GLN 4   4   4   GLN GLN A . n 
A 1 5   PHE 5   5   5   PHE PHE A . n 
A 1 6   ARG 6   6   6   ARG ARG A . n 
A 1 7   SER 7   7   7   SER SER A . n 
A 1 8   MET 8   8   8   MET MET A . n 
A 1 9   ILE 9   9   9   ILE ILE A . n 
A 1 10  LYS 10  10  10  LYS LYS A . n 
A 1 11  CYS 11  11  11  CYS CYS A . n 
A 1 12  ALA 12  12  12  ALA ALA A . n 
A 1 13  ILE 13  13  13  ILE ILE A . n 
A 1 14  PRO 14  14  14  PRO PRO A . n 
A 1 15  GLY 15  15  15  GLY GLY A . n 
A 1 16  SER 16  16  16  SER SER A . n 
A 1 17  HIS 17  17  17  HIS HIS A . n 
A 1 18  PRO 18  18  18  PRO PRO A . n 
A 1 19  LEU 19  19  19  LEU LEU A . n 
A 1 20  MET 20  20  20  MET MET A . n 
A 1 21  ASP 21  21  21  ASP ASP A . n 
A 1 22  PHE 22  22  22  PHE PHE A . n 
A 1 23  ASN 23  23  23  ASN ASN A . n 
A 1 24  ASN 24  24  24  ASN ASN A . n 
A 1 25  TYR 25  25  25  TYR TYR A . n 
A 1 26  GLY 26  26  26  GLY GLY A . n 
A 1 27  CYS 27  27  27  CYS CYS A . n 
A 1 28  TYR 28  28  28  TYR TYR A . n 
A 1 29  CYS 29  29  29  CYS CYS A . n 
A 1 30  GLY 30  30  30  GLY GLY A . n 
A 1 31  LEU 31  31  31  LEU LEU A . n 
A 1 32  GLY 32  32  32  GLY GLY A . n 
A 1 33  GLY 33  33  33  GLY GLY A . n 
A 1 34  SER 34  34  34  SER SER A . n 
A 1 35  GLY 35  35  35  GLY GLY A . n 
A 1 36  THR 36  36  36  THR THR A . n 
A 1 37  PRO 37  37  37  PRO PRO A . n 
A 1 38  VAL 38  38  38  VAL VAL A . n 
A 1 39  ASP 39  39  39  ASP ASP A . n 
A 1 40  GLU 40  40  40  GLU GLU A . n 
A 1 41  LEU 41  41  41  LEU LEU A . n 
A 1 42  ASP 42  42  42  ASP ASP A . n 
A 1 43  ARG 43  43  43  ARG ARG A . n 
A 1 44  CYS 44  44  44  CYS CYS A . n 
A 1 45  CYS 45  45  45  CYS CYS A . n 
A 1 46  GLU 46  46  46  GLU GLU A . n 
A 1 47  THR 47  47  47  THR THR A . n 
A 1 48  HIS 48  48  48  HIS HIS A . n 
A 1 49  ASP 49  49  49  ASP ASP A . n 
A 1 50  ASN 50  50  50  ASN ASN A . n 
A 1 51  CYS 51  51  51  CYS CYS A . n 
A 1 52  TYR 52  52  52  TYR TYR A . n 
A 1 53  ARG 53  53  53  ARG ARG A . n 
A 1 54  ASP 54  54  54  ASP ASP A . n 
A 1 55  ALA 55  55  55  ALA ALA A . n 
A 1 56  LYS 56  56  56  LYS LYS A . n 
A 1 57  ASN 57  57  57  ASN ASN A . n 
A 1 58  LEU 58  58  58  LEU LEU A . n 
A 1 59  ASP 59  59  59  ASP ASP A . n 
A 1 60  SER 60  60  60  SER SER A . n 
A 1 61  CYS 61  61  61  CYS CYS A . n 
A 1 62  LYS 62  62  62  LYS LYS A . n 
A 1 63  PHE 63  63  63  PHE PHE A . n 
A 1 64  LEU 64  64  64  LEU LEU A . n 
A 1 65  VAL 65  65  65  VAL VAL A . n 
A 1 66  ASP 66  66  66  ASP ASP A . n 
A 1 67  ASN 67  67  67  ASN ASN A . n 
A 1 68  PRO 68  68  68  PRO PRO A . n 
A 1 69  TYR 69  69  69  TYR TYR A . n 
A 1 70  THR 70  70  70  THR THR A . n 
A 1 71  GLU 71  71  71  GLU GLU A . n 
A 1 72  SER 72  72  72  SER SER A . n 
A 1 73  TYR 73  73  73  TYR TYR A . n 
A 1 74  SER 74  74  74  SER SER A . n 
A 1 75  TYR 75  75  75  TYR TYR A . n 
A 1 76  SER 76  76  76  SER SER A . n 
A 1 77  CYS 77  77  77  CYS CYS A . n 
A 1 78  SER 78  78  78  SER SER A . n 
A 1 79  ASN 79  79  79  ASN ASN A . n 
A 1 80  THR 80  80  80  THR THR A . n 
A 1 81  GLU 81  81  81  GLU GLU A . n 
A 1 82  ILE 82  82  82  ILE ILE A . n 
A 1 83  THR 83  83  83  THR THR A . n 
A 1 84  CYS 84  84  84  CYS CYS A . n 
A 1 85  ASN 85  85  85  ASN ASN A . n 
A 1 86  SER 86  86  86  SER SER A . n 
A 1 87  LYS 87  87  87  LYS LYS A . n 
A 1 88  ASN 88  88  88  ASN ASN A . n 
A 1 89  ASN 89  89  89  ASN ASN A . n 
A 1 90  ALA 90  90  90  ALA ALA A . n 
A 1 91  CYS 91  91  91  CYS CYS A . n 
A 1 92  GLU 92  92  92  GLU GLU A . n 
A 1 93  ALA 93  93  93  ALA ALA A . n 
A 1 94  PHE 94  94  94  PHE PHE A . n 
A 1 95  ILE 95  95  95  ILE ILE A . n 
A 1 96  CYS 96  96  96  CYS CYS A . n 
A 1 97  ASN 97  97  97  ASN ASN A . n 
A 1 98  CYS 98  98  98  CYS CYS A . n 
A 1 99  ASP 99  99  99  ASP ASP A . n 
A 1 100 ARG 100 100 100 ARG ARG A . n 
A 1 101 ASN 101 101 101 ASN ASN A . n 
A 1 102 ALA 102 102 102 ALA ALA A . n 
A 1 103 ALA 103 103 103 ALA ALA A . n 
A 1 104 ILE 104 104 104 ILE ILE A . n 
A 1 105 CYS 105 105 105 CYS CYS A . n 
A 1 106 PHE 106 106 106 PHE PHE A . n 
A 1 107 SER 107 107 107 SER SER A . n 
A 1 108 LYS 108 108 108 LYS LYS A . n 
A 1 109 ALA 109 109 109 ALA ALA A . n 
A 1 110 PRO 110 110 110 PRO PRO A . n 
A 1 111 TYR 111 111 111 TYR TYR A . n 
A 1 112 ASN 112 112 112 ASN ASN A . n 
A 1 113 LYS 113 113 113 LYS LYS A . n 
A 1 114 GLU 114 114 114 GLU GLU A . n 
A 1 115 HIS 115 115 115 HIS HIS A . n 
A 1 116 LYS 116 116 116 LYS LYS A . n 
A 1 117 ASN 117 117 117 ASN ASN A . n 
A 1 118 LEU 118 118 118 LEU LEU A . n 
A 1 119 ASP 119 119 119 ASP ASP A . n 
A 1 120 THR 120 120 120 THR THR A . n 
A 1 121 LYS 121 121 121 LYS LYS A . n 
A 1 122 LYS 122 122 122 LYS LYS A . n 
A 1 123 TYR 123 123 123 TYR TYR A . n 
A 1 124 CYS 124 124 124 CYS CYS A . n 
# 
loop_
_pdbx_nonpoly_scheme.asym_id 
_pdbx_nonpoly_scheme.entity_id 
_pdbx_nonpoly_scheme.mon_id 
_pdbx_nonpoly_scheme.ndb_seq_num 
_pdbx_nonpoly_scheme.pdb_seq_num 
_pdbx_nonpoly_scheme.auth_seq_num 
_pdbx_nonpoly_scheme.pdb_mon_id 
_pdbx_nonpoly_scheme.auth_mon_id 
_pdbx_nonpoly_scheme.pdb_strand_id 
_pdbx_nonpoly_scheme.pdb_ins_code 
B 2 CA  1   252 252 CA  CA  A . 
C 2 CA  1   253 253 CA  CA  A . 
D 3 GCH 1   254 254 GCH GCH A . 
E 4 HOH 1   255 1   HOH HOH A . 
E 4 HOH 2   256 2   HOH HOH A . 
E 4 HOH 3   257 3   HOH HOH A . 
E 4 HOH 4   258 4   HOH HOH A . 
E 4 HOH 5   259 5   HOH HOH A . 
E 4 HOH 6   260 6   HOH HOH A . 
E 4 HOH 7   261 7   HOH HOH A . 
E 4 HOH 8   262 8   HOH HOH A . 
E 4 HOH 9   263 9   HOH HOH A . 
E 4 HOH 10  264 10  HOH HOH A . 
E 4 HOH 11  265 11  HOH HOH A . 
E 4 HOH 12  266 12  HOH HOH A . 
E 4 HOH 13  267 13  HOH HOH A . 
E 4 HOH 14  268 14  HOH HOH A . 
E 4 HOH 15  269 15  HOH HOH A . 
E 4 HOH 16  270 16  HOH HOH A . 
E 4 HOH 17  271 17  HOH HOH A . 
E 4 HOH 18  272 18  HOH HOH A . 
E 4 HOH 19  273 19  HOH HOH A . 
E 4 HOH 20  274 20  HOH HOH A . 
E 4 HOH 21  275 21  HOH HOH A . 
E 4 HOH 22  276 22  HOH HOH A . 
E 4 HOH 23  277 23  HOH HOH A . 
E 4 HOH 24  278 24  HOH HOH A . 
E 4 HOH 25  279 25  HOH HOH A . 
E 4 HOH 26  280 26  HOH HOH A . 
E 4 HOH 27  281 27  HOH HOH A . 
E 4 HOH 28  282 28  HOH HOH A . 
E 4 HOH 29  283 29  HOH HOH A . 
E 4 HOH 30  284 30  HOH HOH A . 
E 4 HOH 31  285 31  HOH HOH A . 
E 4 HOH 32  286 32  HOH HOH A . 
E 4 HOH 33  287 33  HOH HOH A . 
E 4 HOH 34  288 34  HOH HOH A . 
E 4 HOH 35  289 35  HOH HOH A . 
E 4 HOH 36  290 36  HOH HOH A . 
E 4 HOH 37  291 37  HOH HOH A . 
E 4 HOH 38  292 38  HOH HOH A . 
E 4 HOH 39  293 39  HOH HOH A . 
E 4 HOH 40  294 40  HOH HOH A . 
E 4 HOH 41  295 41  HOH HOH A . 
E 4 HOH 42  296 42  HOH HOH A . 
E 4 HOH 43  297 43  HOH HOH A . 
E 4 HOH 44  298 44  HOH HOH A . 
E 4 HOH 45  299 45  HOH HOH A . 
E 4 HOH 46  300 46  HOH HOH A . 
E 4 HOH 47  301 47  HOH HOH A . 
E 4 HOH 48  302 48  HOH HOH A . 
E 4 HOH 49  303 49  HOH HOH A . 
E 4 HOH 50  304 50  HOH HOH A . 
E 4 HOH 51  305 51  HOH HOH A . 
E 4 HOH 52  306 52  HOH HOH A . 
E 4 HOH 53  307 53  HOH HOH A . 
E 4 HOH 54  308 54  HOH HOH A . 
E 4 HOH 55  309 55  HOH HOH A . 
E 4 HOH 56  310 56  HOH HOH A . 
E 4 HOH 57  311 57  HOH HOH A . 
E 4 HOH 58  312 58  HOH HOH A . 
E 4 HOH 59  313 59  HOH HOH A . 
E 4 HOH 60  314 60  HOH HOH A . 
E 4 HOH 61  315 61  HOH HOH A . 
E 4 HOH 62  316 62  HOH HOH A . 
E 4 HOH 63  317 63  HOH HOH A . 
E 4 HOH 64  318 64  HOH HOH A . 
E 4 HOH 65  319 65  HOH HOH A . 
E 4 HOH 66  320 66  HOH HOH A . 
E 4 HOH 67  321 67  HOH HOH A . 
E 4 HOH 68  322 68  HOH HOH A . 
E 4 HOH 69  323 69  HOH HOH A . 
E 4 HOH 70  324 70  HOH HOH A . 
E 4 HOH 71  325 71  HOH HOH A . 
E 4 HOH 72  326 72  HOH HOH A . 
E 4 HOH 73  327 73  HOH HOH A . 
E 4 HOH 74  328 74  HOH HOH A . 
E 4 HOH 75  329 75  HOH HOH A . 
E 4 HOH 76  330 76  HOH HOH A . 
E 4 HOH 77  331 77  HOH HOH A . 
E 4 HOH 78  332 78  HOH HOH A . 
E 4 HOH 79  333 79  HOH HOH A . 
E 4 HOH 80  334 80  HOH HOH A . 
E 4 HOH 81  335 81  HOH HOH A . 
E 4 HOH 82  336 82  HOH HOH A . 
E 4 HOH 83  337 83  HOH HOH A . 
E 4 HOH 84  338 84  HOH HOH A . 
E 4 HOH 85  339 85  HOH HOH A . 
E 4 HOH 86  340 86  HOH HOH A . 
E 4 HOH 87  341 87  HOH HOH A . 
E 4 HOH 88  342 88  HOH HOH A . 
E 4 HOH 89  343 89  HOH HOH A . 
E 4 HOH 90  344 90  HOH HOH A . 
E 4 HOH 91  345 91  HOH HOH A . 
E 4 HOH 92  346 92  HOH HOH A . 
E 4 HOH 93  347 93  HOH HOH A . 
E 4 HOH 94  348 94  HOH HOH A . 
E 4 HOH 95  349 95  HOH HOH A . 
E 4 HOH 96  350 96  HOH HOH A . 
E 4 HOH 97  351 97  HOH HOH A . 
E 4 HOH 98  352 98  HOH HOH A . 
E 4 HOH 99  353 99  HOH HOH A . 
E 4 HOH 100 354 100 HOH HOH A . 
E 4 HOH 101 355 101 HOH HOH A . 
E 4 HOH 102 356 102 HOH HOH A . 
E 4 HOH 103 357 103 HOH HOH A . 
E 4 HOH 104 358 104 HOH HOH A . 
E 4 HOH 105 359 105 HOH HOH A . 
E 4 HOH 106 360 106 HOH HOH A . 
E 4 HOH 107 361 107 HOH HOH A . 
E 4 HOH 108 362 108 HOH HOH A . 
E 4 HOH 109 363 109 HOH HOH A . 
E 4 HOH 110 364 110 HOH HOH A . 
E 4 HOH 111 365 111 HOH HOH A . 
E 4 HOH 112 366 112 HOH HOH A . 
E 4 HOH 113 367 113 HOH HOH A . 
E 4 HOH 114 368 114 HOH HOH A . 
E 4 HOH 115 369 115 HOH HOH A . 
E 4 HOH 116 370 116 HOH HOH A . 
E 4 HOH 117 371 117 HOH HOH A . 
E 4 HOH 118 372 118 HOH HOH A . 
E 4 HOH 119 373 119 HOH HOH A . 
E 4 HOH 120 374 120 HOH HOH A . 
E 4 HOH 121 375 121 HOH HOH A . 
E 4 HOH 122 376 122 HOH HOH A . 
E 4 HOH 123 377 123 HOH HOH A . 
E 4 HOH 124 378 124 HOH HOH A . 
E 4 HOH 125 379 125 HOH HOH A . 
E 4 HOH 126 380 126 HOH HOH A . 
E 4 HOH 127 381 127 HOH HOH A . 
E 4 HOH 128 382 128 HOH HOH A . 
E 4 HOH 129 383 129 HOH HOH A . 
E 4 HOH 130 384 130 HOH HOH A . 
E 4 HOH 131 385 131 HOH HOH A . 
E 4 HOH 132 386 132 HOH HOH A . 
E 4 HOH 133 387 133 HOH HOH A . 
E 4 HOH 134 388 134 HOH HOH A . 
E 4 HOH 135 389 135 HOH HOH A . 
E 4 HOH 136 390 136 HOH HOH A . 
E 4 HOH 137 391 137 HOH HOH A . 
E 4 HOH 138 392 138 HOH HOH A . 
E 4 HOH 139 393 139 HOH HOH A . 
E 4 HOH 140 394 140 HOH HOH A . 
E 4 HOH 141 395 141 HOH HOH A . 
E 4 HOH 142 396 142 HOH HOH A . 
E 4 HOH 143 397 143 HOH HOH A . 
E 4 HOH 144 398 144 HOH HOH A . 
E 4 HOH 145 399 145 HOH HOH A . 
E 4 HOH 146 400 146 HOH HOH A . 
E 4 HOH 147 401 147 HOH HOH A . 
E 4 HOH 148 402 148 HOH HOH A . 
E 4 HOH 149 403 149 HOH HOH A . 
E 4 HOH 150 404 150 HOH HOH A . 
E 4 HOH 151 405 151 HOH HOH A . 
E 4 HOH 152 406 152 HOH HOH A . 
E 4 HOH 153 407 153 HOH HOH A . 
# 
loop_
_software.name 
_software.classification 
_software.version 
_software.citation_id 
_software.pdbx_ordinal 
CNS       refinement       1.1 ? 1 
DENZO     'data reduction' .   ? 2 
SCALEPACK 'data scaling'   .   ? 3 
AMoRE     phasing          .   ? 4 
# 
_cell.entry_id           2B00 
_cell.length_a           69.577 
_cell.length_b           69.577 
_cell.length_c           64.184 
_cell.angle_alpha        90.00 
_cell.angle_beta         90.00 
_cell.angle_gamma        120.00 
_cell.Z_PDB              6 
_cell.pdbx_unique_axis   ? 
# 
_symmetry.entry_id                         2B00 
_symmetry.space_group_name_H-M             'P 31 2 1' 
_symmetry.pdbx_full_space_group_name_H-M   ? 
_symmetry.cell_setting                     ? 
_symmetry.Int_Tables_number                152 
_symmetry.space_group_name_Hall            ? 
# 
_exptl.entry_id          2B00 
_exptl.method            'X-RAY DIFFRACTION' 
_exptl.crystals_number   1 
# 
_exptl_crystal.id                    1 
_exptl_crystal.density_meas          ? 
_exptl_crystal.density_Matthews      3.20 
_exptl_crystal.density_percent_sol   61.56 
_exptl_crystal.description           ? 
_exptl_crystal.F_000                 ? 
_exptl_crystal.preparation           ? 
# 
_exptl_crystal_grow.crystal_id      1 
_exptl_crystal_grow.method          'VAPOR DIFFUSION, HANGING DROP' 
_exptl_crystal_grow.temp            298 
_exptl_crystal_grow.temp_details    ? 
_exptl_crystal_grow.pH              6.5 
_exptl_crystal_grow.pdbx_details    '1.4 M Sodium Acetate, pH 6.5, VAPOR DIFFUSION, HANGING DROP, temperature 298K' 
_exptl_crystal_grow.pdbx_pH_range   . 
# 
_diffrn.id                     1 
_diffrn.ambient_temp           93 
_diffrn.ambient_temp_details   ? 
_diffrn.crystal_id             1 
# 
_diffrn_detector.diffrn_id              1 
_diffrn_detector.detector               'IMAGE PLATE' 
_diffrn_detector.type                   'RIGAKU RAXIS IV' 
_diffrn_detector.pdbx_collection_date   2004-12-14 
_diffrn_detector.details                MIRRORS 
# 
_diffrn_radiation.diffrn_id                        1 
_diffrn_radiation.wavelength_id                    1 
_diffrn_radiation.pdbx_monochromatic_or_laue_m_l   M 
_diffrn_radiation.monochromator                    'YALE MIRRORS' 
_diffrn_radiation.pdbx_diffrn_protocol             'SINGLE WAVELENGTH' 
_diffrn_radiation.pdbx_scattering_type             x-ray 
# 
_diffrn_radiation_wavelength.id           1 
_diffrn_radiation_wavelength.wavelength   1.5418 
_diffrn_radiation_wavelength.wt           1.0 
# 
_diffrn_source.diffrn_id                   1 
_diffrn_source.source                      'ROTATING ANODE' 
_diffrn_source.type                        'RIGAKU RU300' 
_diffrn_source.pdbx_synchrotron_site       ? 
_diffrn_source.pdbx_synchrotron_beamline   ? 
_diffrn_source.pdbx_wavelength             ? 
_diffrn_source.pdbx_wavelength_list        1.5418 
# 
_reflns.entry_id                     2B00 
_reflns.observed_criterion_sigma_I   -3.0 
_reflns.observed_criterion_sigma_F   0.0 
_reflns.d_resolution_low             100 
_reflns.d_resolution_high            1.85 
_reflns.number_obs                   15741 
_reflns.number_all                   ? 
_reflns.percent_possible_obs         99.7 
_reflns.pdbx_Rmerge_I_obs            0.073 
_reflns.pdbx_Rsym_value              0.058 
_reflns.pdbx_netI_over_sigmaI        20 
_reflns.B_iso_Wilson_estimate        19.2 
_reflns.pdbx_redundancy              4.5 
_reflns.R_free_details               ? 
_reflns.limit_h_max                  ? 
_reflns.limit_h_min                  ? 
_reflns.limit_k_max                  ? 
_reflns.limit_k_min                  ? 
_reflns.limit_l_max                  ? 
_reflns.limit_l_min                  ? 
_reflns.observed_criterion_F_max     ? 
_reflns.observed_criterion_F_min     ? 
_reflns.pdbx_chi_squared             ? 
_reflns.pdbx_scaling_rejects         ? 
_reflns.pdbx_ordinal                 1 
_reflns.pdbx_diffrn_id               1 
# 
_reflns_shell.d_res_high             1.85 
_reflns_shell.d_res_low              1.92 
_reflns_shell.percent_possible_all   99.4 
_reflns_shell.Rmerge_I_obs           0.548 
_reflns_shell.pdbx_Rsym_value        0.493 
_reflns_shell.meanI_over_sigI_obs    2.6 
_reflns_shell.pdbx_redundancy        4.5 
_reflns_shell.percent_possible_obs   ? 
_reflns_shell.number_unique_all      ? 
_reflns_shell.number_measured_all    ? 
_reflns_shell.number_measured_obs    ? 
_reflns_shell.number_unique_obs      ? 
_reflns_shell.pdbx_chi_squared       ? 
_reflns_shell.pdbx_ordinal           1 
_reflns_shell.pdbx_diffrn_id         1 
# 
_refine.entry_id                                 2B00 
_refine.ls_number_reflns_obs                     14977 
_refine.ls_number_reflns_all                     15722 
_refine.pdbx_ls_sigma_I                          ? 
_refine.pdbx_ls_sigma_F                          0.0 
_refine.pdbx_data_cutoff_high_absF               234372.47 
_refine.pdbx_data_cutoff_low_absF                0.000000 
_refine.pdbx_data_cutoff_high_rms_absF           ? 
_refine.ls_d_res_low                             27.27 
_refine.ls_d_res_high                            1.85 
_refine.ls_percent_reflns_obs                    95.2 
_refine.ls_R_factor_obs                          ? 
_refine.ls_R_factor_all                          0.187 
_refine.ls_R_factor_R_work                       0.186 
_refine.ls_R_factor_R_free                       0.21 
_refine.ls_R_factor_R_free_error                 0.008 
_refine.ls_R_factor_R_free_error_details         ? 
_refine.ls_percent_reflns_R_free                 5.0 
_refine.ls_number_reflns_R_free                  745 
_refine.ls_number_parameters                     ? 
_refine.ls_number_restraints                     ? 
_refine.occupancy_min                            ? 
_refine.occupancy_max                            ? 
_refine.correlation_coeff_Fo_to_Fc               ? 
_refine.correlation_coeff_Fo_to_Fc_free          ? 
_refine.B_iso_mean                               ? 
_refine.aniso_B[1][1]                            ? 
_refine.aniso_B[2][2]                            ? 
_refine.aniso_B[3][3]                            ? 
_refine.aniso_B[1][2]                            ? 
_refine.aniso_B[1][3]                            ? 
_refine.aniso_B[2][3]                            ? 
_refine.solvent_model_details                    'FLAT MODEL' 
_refine.solvent_model_param_ksol                 0.367378 
_refine.solvent_model_param_bsol                 37.0132 
_refine.pdbx_solvent_vdw_probe_radii             ? 
_refine.pdbx_solvent_ion_probe_radii             ? 
_refine.pdbx_solvent_shrinkage_radii             ? 
_refine.pdbx_ls_cross_valid_method               THROUGHOUT 
_refine.details                                  ? 
_refine.pdbx_starting_model                      ? 
_refine.pdbx_method_to_determine_struct          'MOLECULAR REPLACEMENT' 
_refine.pdbx_isotropic_thermal_model             RESTRAINED 
_refine.pdbx_stereochemistry_target_values       'Engh & Huber' 
_refine.pdbx_stereochem_target_val_spec_case     ? 
_refine.pdbx_R_Free_selection_details            RANDOM 
_refine.pdbx_overall_ESU_R                       ? 
_refine.pdbx_overall_ESU_R_Free                  ? 
_refine.overall_SU_ML                            ? 
_refine.overall_SU_B                             ? 
_refine.ls_redundancy_reflns_obs                 ? 
_refine.B_iso_min                                ? 
_refine.B_iso_max                                ? 
_refine.overall_SU_R_Cruickshank_DPI             ? 
_refine.overall_SU_R_free                        ? 
_refine.ls_wR_factor_R_free                      ? 
_refine.ls_wR_factor_R_work                      ? 
_refine.overall_FOM_free_R_set                   ? 
_refine.overall_FOM_work_R_set                   ? 
_refine.pdbx_refine_id                           'X-RAY DIFFRACTION' 
_refine.pdbx_diffrn_id                           1 
_refine.pdbx_TLS_residual_ADP_flag               ? 
_refine.pdbx_overall_phase_error                 ? 
_refine.pdbx_overall_SU_R_free_Cruickshank_DPI   ? 
_refine.pdbx_overall_SU_R_Blow_DPI               ? 
_refine.pdbx_overall_SU_R_free_Blow_DPI          ? 
# 
_refine_analyze.entry_id                        2B00 
_refine_analyze.Luzzati_coordinate_error_obs    0.19 
_refine_analyze.Luzzati_sigma_a_obs             0.16 
_refine_analyze.Luzzati_d_res_low_obs           5.00 
_refine_analyze.Luzzati_coordinate_error_free   0.22 
_refine_analyze.Luzzati_sigma_a_free            0.18 
_refine_analyze.Luzzati_d_res_low_free          ? 
_refine_analyze.number_disordered_residues      ? 
_refine_analyze.occupancy_sum_hydrogen          ? 
_refine_analyze.occupancy_sum_non_hydrogen      ? 
_refine_analyze.pdbx_Luzzati_d_res_high_obs     ? 
_refine_analyze.pdbx_refine_id                  'X-RAY DIFFRACTION' 
# 
_refine_hist.pdbx_refine_id                   'X-RAY DIFFRACTION' 
_refine_hist.cycle_id                         LAST 
_refine_hist.pdbx_number_atoms_protein        971 
_refine_hist.pdbx_number_atoms_nucleic_acid   0 
_refine_hist.pdbx_number_atoms_ligand         35 
_refine_hist.number_atoms_solvent             153 
_refine_hist.number_atoms_total               1159 
_refine_hist.d_res_high                       1.85 
_refine_hist.d_res_low                        27.27 
# 
loop_
_refine_ls_restr.type 
_refine_ls_restr.dev_ideal 
_refine_ls_restr.dev_ideal_target 
_refine_ls_restr.weight 
_refine_ls_restr.number 
_refine_ls_restr.pdbx_refine_id 
_refine_ls_restr.pdbx_restraint_function 
c_bond_d           0.005 ? ? ? 'X-RAY DIFFRACTION' ? 
c_angle_deg        1.1   ? ? ? 'X-RAY DIFFRACTION' ? 
c_dihedral_angle_d 21.4  ? ? ? 'X-RAY DIFFRACTION' ? 
c_improper_angle_d 0.79  ? ? ? 'X-RAY DIFFRACTION' ? 
# 
_refine_ls_shell.pdbx_total_number_of_bins_used   6 
_refine_ls_shell.d_res_high                       1.85 
_refine_ls_shell.d_res_low                        1.97 
_refine_ls_shell.number_reflns_R_work             2166 
_refine_ls_shell.R_factor_R_work                  0.246 
_refine_ls_shell.percent_reflns_obs               88.4 
_refine_ls_shell.R_factor_R_free                  0.249 
_refine_ls_shell.R_factor_R_free_error            0.025 
_refine_ls_shell.percent_reflns_R_free            4.3 
_refine_ls_shell.number_reflns_R_free             97 
_refine_ls_shell.number_reflns_obs                ? 
_refine_ls_shell.redundancy_reflns_obs            ? 
_refine_ls_shell.number_reflns_all                ? 
_refine_ls_shell.R_factor_all                     ? 
_refine_ls_shell.pdbx_refine_id                   'X-RAY DIFFRACTION' 
# 
loop_
_pdbx_xplor_file.serial_no 
_pdbx_xplor_file.param_file 
_pdbx_xplor_file.topol_file 
_pdbx_xplor_file.pdbx_refine_id 
1 protein_rep.param protein_rep.top   'X-RAY DIFFRACTION' 
2 ion.param         ion.top           'X-RAY DIFFRACTION' 
3 water_rep.param   water_rep.top     'X-RAY DIFFRACTION' 
4 MY_TOPPAR:gch.par MY_TOPPAR:gch.top 'X-RAY DIFFRACTION' 
# 
_struct.entry_id                  2B00 
_struct.title                     'Crystal Structure of Porcine Pancreatic Phospholipase A2 in Complex with Glycocholate' 
_struct.pdbx_model_details        ? 
_struct.pdbx_CASP_flag            ? 
_struct.pdbx_model_type_details   ? 
# 
_struct_keywords.entry_id        2B00 
_struct_keywords.pdbx_keywords   HYDROLASE 
_struct_keywords.text            'Bile Salt, Glycocholate, Carboxylic ester hydrolase, PLA2, Pancreatic enzyme, HYDROLASE' 
# 
loop_
_struct_asym.id 
_struct_asym.pdbx_blank_PDB_chainid_flag 
_struct_asym.pdbx_modified 
_struct_asym.entity_id 
_struct_asym.details 
A N N 1 ? 
B N N 2 ? 
C N N 2 ? 
D N N 3 ? 
E N N 4 ? 
# 
_struct_ref.id                         1 
_struct_ref.db_name                    UNP 
_struct_ref.db_code                    PA21B_PIG 
_struct_ref.pdbx_db_accession          P00592 
_struct_ref.entity_id                  1 
_struct_ref.pdbx_align_begin           23 
_struct_ref.pdbx_db_isoform            ? 
_struct_ref.pdbx_seq_one_letter_code   ? 
# 
_struct_ref_seq.align_id                      1 
_struct_ref_seq.ref_id                        1 
_struct_ref_seq.pdbx_PDB_id_code              2B00 
_struct_ref_seq.pdbx_strand_id                A 
_struct_ref_seq.seq_align_beg                 1 
_struct_ref_seq.pdbx_seq_align_beg_ins_code   ? 
_struct_ref_seq.seq_align_end                 124 
_struct_ref_seq.pdbx_seq_align_end_ins_code   ? 
_struct_ref_seq.pdbx_db_accession             P00592 
_struct_ref_seq.db_align_beg                  23 
_struct_ref_seq.pdbx_db_align_beg_ins_code    ? 
_struct_ref_seq.db_align_end                  146 
_struct_ref_seq.pdbx_db_align_end_ins_code    ? 
_struct_ref_seq.pdbx_auth_seq_align_beg       1 
_struct_ref_seq.pdbx_auth_seq_align_end       124 
# 
loop_
_pdbx_struct_assembly.id 
_pdbx_struct_assembly.details 
_pdbx_struct_assembly.method_details 
_pdbx_struct_assembly.oligomeric_details 
_pdbx_struct_assembly.oligomeric_count 
1 author_and_software_defined_assembly PQS  monomeric 1 
2 software_defined_assembly            PISA dimeric   2 
# 
loop_
_pdbx_struct_assembly_prop.biol_id 
_pdbx_struct_assembly_prop.type 
_pdbx_struct_assembly_prop.value 
_pdbx_struct_assembly_prop.details 
2 'ABSA (A^2)' 1700  ? 
2 MORE         -50   ? 
2 'SSA (A^2)'  15520 ? 
# 
loop_
_pdbx_struct_assembly_gen.assembly_id 
_pdbx_struct_assembly_gen.oper_expression 
_pdbx_struct_assembly_gen.asym_id_list 
1 1   A,B,C,D,E 
2 1,2 A,B,C,D,E 
# 
loop_
_pdbx_struct_oper_list.id 
_pdbx_struct_oper_list.type 
_pdbx_struct_oper_list.name 
_pdbx_struct_oper_list.symmetry_operation 
_pdbx_struct_oper_list.matrix[1][1] 
_pdbx_struct_oper_list.matrix[1][2] 
_pdbx_struct_oper_list.matrix[1][3] 
_pdbx_struct_oper_list.vector[1] 
_pdbx_struct_oper_list.matrix[2][1] 
_pdbx_struct_oper_list.matrix[2][2] 
_pdbx_struct_oper_list.matrix[2][3] 
_pdbx_struct_oper_list.vector[2] 
_pdbx_struct_oper_list.matrix[3][1] 
_pdbx_struct_oper_list.matrix[3][2] 
_pdbx_struct_oper_list.matrix[3][3] 
_pdbx_struct_oper_list.vector[3] 
1 'identity operation'         1_555 x,y,z              1.0000000000 0.0000000000  0.0000000000  0.0000000000 0.0000000000  1.0000000000  0.0000000000 0.0000000000   0.0000000000  0.0000000000 1.0000000000  0.0000000000  
2 'crystal symmetry operation' 6_765 -x+2,-x+y+1,-z+1/3 0.1465783053 -0.7741056012 -0.6158533256 8.1860252357 -0.7741056012 -0.4773671549 0.4157897517 -11.5713189132 -0.6158533256 0.4157897517 -0.6692111504 29.7852442526 
# 
_struct_biol.id                    1 
_struct_biol.pdbx_parent_biol_id   ? 
_struct_biol.details               ? 
# 
loop_
_struct_conf.conf_type_id 
_struct_conf.id 
_struct_conf.pdbx_PDB_helix_id 
_struct_conf.beg_label_comp_id 
_struct_conf.beg_label_asym_id 
_struct_conf.beg_label_seq_id 
_struct_conf.pdbx_beg_PDB_ins_code 
_struct_conf.end_label_comp_id 
_struct_conf.end_label_asym_id 
_struct_conf.end_label_seq_id 
_struct_conf.pdbx_end_PDB_ins_code 
_struct_conf.beg_auth_comp_id 
_struct_conf.beg_auth_asym_id 
_struct_conf.beg_auth_seq_id 
_struct_conf.end_auth_comp_id 
_struct_conf.end_auth_asym_id 
_struct_conf.end_auth_seq_id 
_struct_conf.pdbx_PDB_helix_class 
_struct_conf.details 
_struct_conf.pdbx_PDB_helix_length 
HELX_P HELX_P1 1 ALA A 1   ? ILE A 13  ? ALA A 1   ILE A 13  1 ? 13 
HELX_P HELX_P2 2 HIS A 17  ? ASN A 23  ? HIS A 17  ASN A 23  5 ? 7  
HELX_P HELX_P3 3 ASP A 39  ? ASN A 57  ? ASP A 39  ASN A 57  1 ? 19 
HELX_P HELX_P4 4 PHE A 63  ? GLU A 71  ? PHE A 63  GLU A 71  5 ? 9  
HELX_P HELX_P5 5 ASN A 89  ? ALA A 109 ? ASN A 89  ALA A 109 1 ? 21 
HELX_P HELX_P6 6 ASN A 112 ? LYS A 116 ? ASN A 112 LYS A 116 5 ? 5  
HELX_P HELX_P7 7 ASP A 119 ? CYS A 124 ? ASP A 119 CYS A 124 1 ? 6  
# 
_struct_conf_type.id          HELX_P 
_struct_conf_type.criteria    ? 
_struct_conf_type.reference   ? 
# 
loop_
_struct_conn.id 
_struct_conn.conn_type_id 
_struct_conn.pdbx_leaving_atom_flag 
_struct_conn.pdbx_PDB_id 
_struct_conn.ptnr1_label_asym_id 
_struct_conn.ptnr1_label_comp_id 
_struct_conn.ptnr1_label_seq_id 
_struct_conn.ptnr1_label_atom_id 
_struct_conn.pdbx_ptnr1_label_alt_id 
_struct_conn.pdbx_ptnr1_PDB_ins_code 
_struct_conn.pdbx_ptnr1_standard_comp_id 
_struct_conn.ptnr1_symmetry 
_struct_conn.ptnr2_label_asym_id 
_struct_conn.ptnr2_label_comp_id 
_struct_conn.ptnr2_label_seq_id 
_struct_conn.ptnr2_label_atom_id 
_struct_conn.pdbx_ptnr2_label_alt_id 
_struct_conn.pdbx_ptnr2_PDB_ins_code 
_struct_conn.ptnr1_auth_asym_id 
_struct_conn.ptnr1_auth_comp_id 
_struct_conn.ptnr1_auth_seq_id 
_struct_conn.ptnr2_auth_asym_id 
_struct_conn.ptnr2_auth_comp_id 
_struct_conn.ptnr2_auth_seq_id 
_struct_conn.ptnr2_symmetry 
_struct_conn.pdbx_ptnr3_label_atom_id 
_struct_conn.pdbx_ptnr3_label_seq_id 
_struct_conn.pdbx_ptnr3_label_comp_id 
_struct_conn.pdbx_ptnr3_label_asym_id 
_struct_conn.pdbx_ptnr3_label_alt_id 
_struct_conn.pdbx_ptnr3_PDB_ins_code 
_struct_conn.details 
_struct_conn.pdbx_dist_value 
_struct_conn.pdbx_value_order 
_struct_conn.pdbx_role 
disulf1  disulf ? ? A CYS 11 SG  ? ? ? 1_555 A CYS 77  SG ? ? A CYS 11  A CYS 77  1_555 ? ? ? ? ? ? ? 2.030 ? ? 
disulf2  disulf ? ? A CYS 27 SG  ? ? ? 1_555 A CYS 124 SG ? ? A CYS 27  A CYS 124 1_555 ? ? ? ? ? ? ? 2.025 ? ? 
disulf3  disulf ? ? A CYS 29 SG  ? ? ? 1_555 A CYS 45  SG ? ? A CYS 29  A CYS 45  1_555 ? ? ? ? ? ? ? 2.035 ? ? 
disulf4  disulf ? ? A CYS 44 SG  ? ? ? 1_555 A CYS 105 SG ? ? A CYS 44  A CYS 105 1_555 ? ? ? ? ? ? ? 2.027 ? ? 
disulf5  disulf ? ? A CYS 51 SG  ? ? ? 1_555 A CYS 98  SG ? ? A CYS 51  A CYS 98  1_555 ? ? ? ? ? ? ? 2.029 ? ? 
disulf6  disulf ? ? A CYS 61 SG  ? ? ? 1_555 A CYS 91  SG ? ? A CYS 61  A CYS 91  1_555 ? ? ? ? ? ? ? 2.031 ? ? 
disulf7  disulf ? ? A CYS 84 SG  ? ? ? 1_555 A CYS 96  SG ? ? A CYS 84  A CYS 96  1_555 ? ? ? ? ? ? ? 2.035 ? ? 
metalc1  metalc ? ? A TYR 28 O   ? ? ? 1_555 B CA  .   CA ? ? A TYR 28  A CA  252 1_555 ? ? ? ? ? ? ? 2.191 ? ? 
metalc2  metalc ? ? A GLY 30 O   ? ? ? 1_555 B CA  .   CA ? ? A GLY 30  A CA  252 1_555 ? ? ? ? ? ? ? 2.443 ? ? 
metalc3  metalc ? ? A GLY 32 O   ? ? ? 1_555 B CA  .   CA ? ? A GLY 32  A CA  252 1_555 ? ? ? ? ? ? ? 2.482 ? ? 
metalc4  metalc ? ? A ASP 49 OD1 ? ? ? 1_555 B CA  .   CA ? ? A ASP 49  A CA  252 1_555 ? ? ? ? ? ? ? 3.008 ? ? 
metalc5  metalc ? ? A ASP 49 OD2 ? ? ? 1_555 B CA  .   CA ? ? A ASP 49  A CA  252 1_555 ? ? ? ? ? ? ? 2.363 ? ? 
metalc6  metalc ? ? A GLU 71 OE2 ? ? ? 1_555 C CA  .   CA ? ? A GLU 71  A CA  253 1_555 ? ? ? ? ? ? ? 2.342 ? ? 
metalc7  metalc ? ? A GLU 71 OE2 ? ? ? 6_765 C CA  .   CA ? ? A GLU 71  A CA  253 1_555 ? ? ? ? ? ? ? 2.346 ? ? 
metalc8  metalc ? ? A SER 72 O   ? ? ? 1_555 C CA  .   CA ? ? A SER 72  A CA  253 1_555 ? ? ? ? ? ? ? 2.315 ? ? 
metalc9  metalc ? ? A SER 72 O   ? ? ? 6_765 C CA  .   CA ? ? A SER 72  A CA  253 1_555 ? ? ? ? ? ? ? 2.319 ? ? 
metalc10 metalc ? ? A GLU 92 OE1 ? ? ? 1_555 C CA  .   CA ? ? A GLU 92  A CA  253 1_555 ? ? ? ? ? ? ? 2.374 ? ? 
metalc11 metalc ? ? A GLU 92 OE1 ? ? ? 6_765 C CA  .   CA ? ? A GLU 92  A CA  253 1_555 ? ? ? ? ? ? ? 2.376 ? ? 
metalc12 metalc ? ? B CA  .  CA  ? ? ? 1_555 E HOH .   O  ? ? A CA  252 A HOH 274 1_555 ? ? ? ? ? ? ? 2.880 ? ? 
metalc13 metalc ? ? B CA  .  CA  ? ? ? 1_555 E HOH .   O  ? ? A CA  252 A HOH 305 1_555 ? ? ? ? ? ? ? 3.127 ? ? 
# 
loop_
_struct_conn_type.id 
_struct_conn_type.criteria 
_struct_conn_type.reference 
disulf ? ? 
metalc ? ? 
# 
loop_
_pdbx_struct_conn_angle.id 
_pdbx_struct_conn_angle.ptnr1_label_atom_id 
_pdbx_struct_conn_angle.ptnr1_label_alt_id 
_pdbx_struct_conn_angle.ptnr1_label_asym_id 
_pdbx_struct_conn_angle.ptnr1_label_comp_id 
_pdbx_struct_conn_angle.ptnr1_label_seq_id 
_pdbx_struct_conn_angle.ptnr1_auth_atom_id 
_pdbx_struct_conn_angle.ptnr1_auth_asym_id 
_pdbx_struct_conn_angle.ptnr1_auth_comp_id 
_pdbx_struct_conn_angle.ptnr1_auth_seq_id 
_pdbx_struct_conn_angle.ptnr1_PDB_ins_code 
_pdbx_struct_conn_angle.ptnr1_symmetry 
_pdbx_struct_conn_angle.ptnr2_label_atom_id 
_pdbx_struct_conn_angle.ptnr2_label_alt_id 
_pdbx_struct_conn_angle.ptnr2_label_asym_id 
_pdbx_struct_conn_angle.ptnr2_label_comp_id 
_pdbx_struct_conn_angle.ptnr2_label_seq_id 
_pdbx_struct_conn_angle.ptnr2_auth_atom_id 
_pdbx_struct_conn_angle.ptnr2_auth_asym_id 
_pdbx_struct_conn_angle.ptnr2_auth_comp_id 
_pdbx_struct_conn_angle.ptnr2_auth_seq_id 
_pdbx_struct_conn_angle.ptnr2_PDB_ins_code 
_pdbx_struct_conn_angle.ptnr2_symmetry 
_pdbx_struct_conn_angle.ptnr3_label_atom_id 
_pdbx_struct_conn_angle.ptnr3_label_alt_id 
_pdbx_struct_conn_angle.ptnr3_label_asym_id 
_pdbx_struct_conn_angle.ptnr3_label_comp_id 
_pdbx_struct_conn_angle.ptnr3_label_seq_id 
_pdbx_struct_conn_angle.ptnr3_auth_atom_id 
_pdbx_struct_conn_angle.ptnr3_auth_asym_id 
_pdbx_struct_conn_angle.ptnr3_auth_comp_id 
_pdbx_struct_conn_angle.ptnr3_auth_seq_id 
_pdbx_struct_conn_angle.ptnr3_PDB_ins_code 
_pdbx_struct_conn_angle.ptnr3_symmetry 
_pdbx_struct_conn_angle.value 
_pdbx_struct_conn_angle.value_esd 
1  O   ? A TYR 28 ? A TYR 28  ? 1_555 CA ? B CA . ? A CA 252 ? 1_555 O   ? A GLY 30 ? A GLY 30  ? 1_555 81.1  ? 
2  O   ? A TYR 28 ? A TYR 28  ? 1_555 CA ? B CA . ? A CA 252 ? 1_555 O   ? A GLY 32 ? A GLY 32  ? 1_555 103.9 ? 
3  O   ? A GLY 30 ? A GLY 30  ? 1_555 CA ? B CA . ? A CA 252 ? 1_555 O   ? A GLY 32 ? A GLY 32  ? 1_555 94.6  ? 
4  O   ? A TYR 28 ? A TYR 28  ? 1_555 CA ? B CA . ? A CA 252 ? 1_555 OD1 ? A ASP 49 ? A ASP 49  ? 1_555 116.2 ? 
5  O   ? A GLY 30 ? A GLY 30  ? 1_555 CA ? B CA . ? A CA 252 ? 1_555 OD1 ? A ASP 49 ? A ASP 49  ? 1_555 123.4 ? 
6  O   ? A GLY 32 ? A GLY 32  ? 1_555 CA ? B CA . ? A CA 252 ? 1_555 OD1 ? A ASP 49 ? A ASP 49  ? 1_555 127.0 ? 
7  O   ? A TYR 28 ? A TYR 28  ? 1_555 CA ? B CA . ? A CA 252 ? 1_555 OD2 ? A ASP 49 ? A ASP 49  ? 1_555 118.1 ? 
8  O   ? A GLY 30 ? A GLY 30  ? 1_555 CA ? B CA . ? A CA 252 ? 1_555 OD2 ? A ASP 49 ? A ASP 49  ? 1_555 160.3 ? 
9  O   ? A GLY 32 ? A GLY 32  ? 1_555 CA ? B CA . ? A CA 252 ? 1_555 OD2 ? A ASP 49 ? A ASP 49  ? 1_555 85.1  ? 
10 OD1 ? A ASP 49 ? A ASP 49  ? 1_555 CA ? B CA . ? A CA 252 ? 1_555 OD2 ? A ASP 49 ? A ASP 49  ? 1_555 46.4  ? 
11 O   ? A TYR 28 ? A TYR 28  ? 1_555 CA ? B CA . ? A CA 252 ? 1_555 O   ? E HOH .  ? A HOH 274 ? 1_555 143.1 ? 
12 O   ? A GLY 30 ? A GLY 30  ? 1_555 CA ? B CA . ? A CA 252 ? 1_555 O   ? E HOH .  ? A HOH 274 ? 1_555 69.8  ? 
13 O   ? A GLY 32 ? A GLY 32  ? 1_555 CA ? B CA . ? A CA 252 ? 1_555 O   ? E HOH .  ? A HOH 274 ? 1_555 100.6 ? 
14 OD1 ? A ASP 49 ? A ASP 49  ? 1_555 CA ? B CA . ? A CA 252 ? 1_555 O   ? E HOH .  ? A HOH 274 ? 1_555 66.5  ? 
15 OD2 ? A ASP 49 ? A ASP 49  ? 1_555 CA ? B CA . ? A CA 252 ? 1_555 O   ? E HOH .  ? A HOH 274 ? 1_555 90.9  ? 
16 O   ? A TYR 28 ? A TYR 28  ? 1_555 CA ? B CA . ? A CA 252 ? 1_555 O   ? E HOH .  ? A HOH 305 ? 1_555 70.7  ? 
17 O   ? A GLY 30 ? A GLY 30  ? 1_555 CA ? B CA . ? A CA 252 ? 1_555 O   ? E HOH .  ? A HOH 305 ? 1_555 58.6  ? 
18 O   ? A GLY 32 ? A GLY 32  ? 1_555 CA ? B CA . ? A CA 252 ? 1_555 O   ? E HOH .  ? A HOH 305 ? 1_555 153.0 ? 
19 OD1 ? A ASP 49 ? A ASP 49  ? 1_555 CA ? B CA . ? A CA 252 ? 1_555 O   ? E HOH .  ? A HOH 305 ? 1_555 76.4  ? 
20 OD2 ? A ASP 49 ? A ASP 49  ? 1_555 CA ? B CA . ? A CA 252 ? 1_555 O   ? E HOH .  ? A HOH 305 ? 1_555 121.2 ? 
21 O   ? E HOH .  ? A HOH 274 ? 1_555 CA ? B CA . ? A CA 252 ? 1_555 O   ? E HOH .  ? A HOH 305 ? 1_555 74.9  ? 
22 OE2 ? A GLU 71 ? A GLU 71  ? 1_555 CA ? C CA . ? A CA 253 ? 1_555 OE2 ? A GLU 71 ? A GLU 71  ? 6_765 89.8  ? 
23 OE2 ? A GLU 71 ? A GLU 71  ? 1_555 CA ? C CA . ? A CA 253 ? 1_555 O   ? A SER 72 ? A SER 72  ? 1_555 90.9  ? 
24 OE2 ? A GLU 71 ? A GLU 71  ? 6_765 CA ? C CA . ? A CA 253 ? 1_555 O   ? A SER 72 ? A SER 72  ? 1_555 170.6 ? 
25 OE2 ? A GLU 71 ? A GLU 71  ? 1_555 CA ? C CA . ? A CA 253 ? 1_555 O   ? A SER 72 ? A SER 72  ? 6_765 170.5 ? 
26 OE2 ? A GLU 71 ? A GLU 71  ? 6_765 CA ? C CA . ? A CA 253 ? 1_555 O   ? A SER 72 ? A SER 72  ? 6_765 90.7  ? 
27 O   ? A SER 72 ? A SER 72  ? 1_555 CA ? C CA . ? A CA 253 ? 1_555 O   ? A SER 72 ? A SER 72  ? 6_765 90.2  ? 
28 OE2 ? A GLU 71 ? A GLU 71  ? 1_555 CA ? C CA . ? A CA 253 ? 1_555 OE1 ? A GLU 92 ? A GLU 92  ? 1_555 93.5  ? 
29 OE2 ? A GLU 71 ? A GLU 71  ? 6_765 CA ? C CA . ? A CA 253 ? 1_555 OE1 ? A GLU 92 ? A GLU 92  ? 1_555 81.0  ? 
30 O   ? A SER 72 ? A SER 72  ? 1_555 CA ? C CA . ? A CA 253 ? 1_555 OE1 ? A GLU 92 ? A GLU 92  ? 1_555 89.5  ? 
31 O   ? A SER 72 ? A SER 72  ? 6_765 CA ? C CA . ? A CA 253 ? 1_555 OE1 ? A GLU 92 ? A GLU 92  ? 1_555 95.9  ? 
32 OE2 ? A GLU 71 ? A GLU 71  ? 1_555 CA ? C CA . ? A CA 253 ? 1_555 OE1 ? A GLU 92 ? A GLU 92  ? 6_765 81.1  ? 
33 OE2 ? A GLU 71 ? A GLU 71  ? 6_765 CA ? C CA . ? A CA 253 ? 1_555 OE1 ? A GLU 92 ? A GLU 92  ? 6_765 93.4  ? 
34 O   ? A SER 72 ? A SER 72  ? 1_555 CA ? C CA . ? A CA 253 ? 1_555 OE1 ? A GLU 92 ? A GLU 92  ? 6_765 96.0  ? 
35 O   ? A SER 72 ? A SER 72  ? 6_765 CA ? C CA . ? A CA 253 ? 1_555 OE1 ? A GLU 92 ? A GLU 92  ? 6_765 89.4  ? 
36 OE1 ? A GLU 92 ? A GLU 92  ? 1_555 CA ? C CA . ? A CA 253 ? 1_555 OE1 ? A GLU 92 ? A GLU 92  ? 6_765 172.3 ? 
# 
loop_
_pdbx_modification_feature.ordinal 
_pdbx_modification_feature.label_comp_id 
_pdbx_modification_feature.label_asym_id 
_pdbx_modification_feature.label_seq_id 
_pdbx_modification_feature.label_alt_id 
_pdbx_modification_feature.modified_residue_label_comp_id 
_pdbx_modification_feature.modified_residue_label_asym_id 
_pdbx_modification_feature.modified_residue_label_seq_id 
_pdbx_modification_feature.modified_residue_label_alt_id 
_pdbx_modification_feature.auth_comp_id 
_pdbx_modification_feature.auth_asym_id 
_pdbx_modification_feature.auth_seq_id 
_pdbx_modification_feature.PDB_ins_code 
_pdbx_modification_feature.symmetry 
_pdbx_modification_feature.modified_residue_auth_comp_id 
_pdbx_modification_feature.modified_residue_auth_asym_id 
_pdbx_modification_feature.modified_residue_auth_seq_id 
_pdbx_modification_feature.modified_residue_PDB_ins_code 
_pdbx_modification_feature.modified_residue_symmetry 
_pdbx_modification_feature.comp_id_linking_atom 
_pdbx_modification_feature.modified_residue_id_linking_atom 
_pdbx_modification_feature.modified_residue_id 
_pdbx_modification_feature.ref_pcm_id 
_pdbx_modification_feature.ref_comp_id 
_pdbx_modification_feature.type 
_pdbx_modification_feature.category 
1 CYS A 11 ? CYS A 77  ? CYS A 11 ? 1_555 CYS A 77  ? 1_555 SG SG . . . None 'Disulfide bridge' 
2 CYS A 27 ? CYS A 124 ? CYS A 27 ? 1_555 CYS A 124 ? 1_555 SG SG . . . None 'Disulfide bridge' 
3 CYS A 29 ? CYS A 45  ? CYS A 29 ? 1_555 CYS A 45  ? 1_555 SG SG . . . None 'Disulfide bridge' 
4 CYS A 44 ? CYS A 105 ? CYS A 44 ? 1_555 CYS A 105 ? 1_555 SG SG . . . None 'Disulfide bridge' 
5 CYS A 51 ? CYS A 98  ? CYS A 51 ? 1_555 CYS A 98  ? 1_555 SG SG . . . None 'Disulfide bridge' 
6 CYS A 61 ? CYS A 91  ? CYS A 61 ? 1_555 CYS A 91  ? 1_555 SG SG . . . None 'Disulfide bridge' 
7 CYS A 84 ? CYS A 96  ? CYS A 84 ? 1_555 CYS A 96  ? 1_555 SG SG . . . None 'Disulfide bridge' 
# 
_struct_sheet.id               A 
_struct_sheet.type             ? 
_struct_sheet.number_strands   2 
_struct_sheet.details          ? 
# 
_struct_sheet_order.sheet_id     A 
_struct_sheet_order.range_id_1   1 
_struct_sheet_order.range_id_2   2 
_struct_sheet_order.offset       ? 
_struct_sheet_order.sense        anti-parallel 
# 
loop_
_struct_sheet_range.sheet_id 
_struct_sheet_range.id 
_struct_sheet_range.beg_label_comp_id 
_struct_sheet_range.beg_label_asym_id 
_struct_sheet_range.beg_label_seq_id 
_struct_sheet_range.pdbx_beg_PDB_ins_code 
_struct_sheet_range.end_label_comp_id 
_struct_sheet_range.end_label_asym_id 
_struct_sheet_range.end_label_seq_id 
_struct_sheet_range.pdbx_end_PDB_ins_code 
_struct_sheet_range.beg_auth_comp_id 
_struct_sheet_range.beg_auth_asym_id 
_struct_sheet_range.beg_auth_seq_id 
_struct_sheet_range.end_auth_comp_id 
_struct_sheet_range.end_auth_asym_id 
_struct_sheet_range.end_auth_seq_id 
A 1 TYR A 75 ? SER A 78 ? TYR A 75 SER A 78 
A 2 GLU A 81 ? CYS A 84 ? GLU A 81 CYS A 84 
# 
_pdbx_struct_sheet_hbond.sheet_id                A 
_pdbx_struct_sheet_hbond.range_id_1              1 
_pdbx_struct_sheet_hbond.range_id_2              2 
_pdbx_struct_sheet_hbond.range_1_label_atom_id   N 
_pdbx_struct_sheet_hbond.range_1_label_comp_id   SER 
_pdbx_struct_sheet_hbond.range_1_label_asym_id   A 
_pdbx_struct_sheet_hbond.range_1_label_seq_id    76 
_pdbx_struct_sheet_hbond.range_1_PDB_ins_code    ? 
_pdbx_struct_sheet_hbond.range_1_auth_atom_id    N 
_pdbx_struct_sheet_hbond.range_1_auth_comp_id    SER 
_pdbx_struct_sheet_hbond.range_1_auth_asym_id    A 
_pdbx_struct_sheet_hbond.range_1_auth_seq_id     76 
_pdbx_struct_sheet_hbond.range_2_label_atom_id   O 
_pdbx_struct_sheet_hbond.range_2_label_comp_id   THR 
_pdbx_struct_sheet_hbond.range_2_label_asym_id   A 
_pdbx_struct_sheet_hbond.range_2_label_seq_id    83 
_pdbx_struct_sheet_hbond.range_2_PDB_ins_code    ? 
_pdbx_struct_sheet_hbond.range_2_auth_atom_id    O 
_pdbx_struct_sheet_hbond.range_2_auth_comp_id    THR 
_pdbx_struct_sheet_hbond.range_2_auth_asym_id    A 
_pdbx_struct_sheet_hbond.range_2_auth_seq_id     83 
# 
loop_
_struct_site.id 
_struct_site.pdbx_evidence_code 
_struct_site.pdbx_auth_asym_id 
_struct_site.pdbx_auth_comp_id 
_struct_site.pdbx_auth_seq_id 
_struct_site.pdbx_auth_ins_code 
_struct_site.pdbx_num_residues 
_struct_site.details 
AC1 Software A CA  252 ? 5  'BINDING SITE FOR RESIDUE CA A 252'  
AC2 Software A CA  253 ? 6  'BINDING SITE FOR RESIDUE CA A 253'  
AC3 Software A GCH 254 ? 17 'BINDING SITE FOR RESIDUE GCH A 254' 
# 
loop_
_struct_site_gen.id 
_struct_site_gen.site_id 
_struct_site_gen.pdbx_num_res 
_struct_site_gen.label_comp_id 
_struct_site_gen.label_asym_id 
_struct_site_gen.label_seq_id 
_struct_site_gen.pdbx_auth_ins_code 
_struct_site_gen.auth_comp_id 
_struct_site_gen.auth_asym_id 
_struct_site_gen.auth_seq_id 
_struct_site_gen.label_atom_id 
_struct_site_gen.label_alt_id 
_struct_site_gen.symmetry 
_struct_site_gen.details 
1  AC1 5  TYR A 28  ? TYR A 28  . ? 1_555 ? 
2  AC1 5  GLY A 30  ? GLY A 30  . ? 1_555 ? 
3  AC1 5  GLY A 32  ? GLY A 32  . ? 1_555 ? 
4  AC1 5  ASP A 49  ? ASP A 49  . ? 1_555 ? 
5  AC1 5  HOH E .   ? HOH A 274 . ? 1_555 ? 
6  AC2 6  GLU A 71  ? GLU A 71  . ? 1_555 ? 
7  AC2 6  GLU A 71  ? GLU A 71  . ? 6_765 ? 
8  AC2 6  SER A 72  ? SER A 72  . ? 1_555 ? 
9  AC2 6  SER A 72  ? SER A 72  . ? 6_765 ? 
10 AC2 6  GLU A 92  ? GLU A 92  . ? 1_555 ? 
11 AC2 6  GLU A 92  ? GLU A 92  . ? 6_765 ? 
12 AC3 17 ARG A 6   ? ARG A 6   . ? 1_555 ? 
13 AC3 17 ILE A 9   ? ILE A 9   . ? 1_555 ? 
14 AC3 17 ILE A 13  ? ILE A 13  . ? 1_555 ? 
15 AC3 17 MET A 20  ? MET A 20  . ? 1_555 ? 
16 AC3 17 ASP A 21  ? ASP A 21  . ? 1_555 ? 
17 AC3 17 ASN A 23  ? ASN A 23  . ? 1_555 ? 
18 AC3 17 TYR A 25  ? TYR A 25  . ? 1_555 ? 
19 AC3 17 CYS A 29  ? CYS A 29  . ? 1_555 ? 
20 AC3 17 GLY A 30  ? GLY A 30  . ? 1_555 ? 
21 AC3 17 PHE A 106 ? PHE A 106 . ? 1_555 ? 
22 AC3 17 TYR A 111 ? TYR A 111 . ? 1_555 ? 
23 AC3 17 HOH E .   ? HOH A 260 . ? 1_555 ? 
24 AC3 17 HOH E .   ? HOH A 263 . ? 1_555 ? 
25 AC3 17 HOH E .   ? HOH A 264 . ? 1_555 ? 
26 AC3 17 HOH E .   ? HOH A 327 . ? 1_555 ? 
27 AC3 17 HOH E .   ? HOH A 374 . ? 1_555 ? 
28 AC3 17 HOH E .   ? HOH A 407 . ? 1_555 ? 
# 
_pdbx_entry_details.entry_id                   2B00 
_pdbx_entry_details.compound_details           ? 
_pdbx_entry_details.source_details             ? 
_pdbx_entry_details.nonpolymer_details         ? 
_pdbx_entry_details.sequence_details           ? 
_pdbx_entry_details.has_ligand_of_interest     ? 
_pdbx_entry_details.has_protein_modification   Y 
# 
loop_
_pdbx_struct_special_symmetry.id 
_pdbx_struct_special_symmetry.PDB_model_num 
_pdbx_struct_special_symmetry.auth_asym_id 
_pdbx_struct_special_symmetry.auth_comp_id 
_pdbx_struct_special_symmetry.auth_seq_id 
_pdbx_struct_special_symmetry.PDB_ins_code 
_pdbx_struct_special_symmetry.label_asym_id 
_pdbx_struct_special_symmetry.label_comp_id 
_pdbx_struct_special_symmetry.label_seq_id 
1 1 A CA  253 ? C CA  . 
2 1 A HOH 335 ? E HOH . 
3 1 A HOH 354 ? E HOH . 
4 1 A HOH 362 ? E HOH . 
# 
loop_
_chem_comp_atom.comp_id 
_chem_comp_atom.atom_id 
_chem_comp_atom.type_symbol 
_chem_comp_atom.pdbx_aromatic_flag 
_chem_comp_atom.pdbx_stereo_config 
_chem_comp_atom.pdbx_ordinal 
ALA N    N  N N 1   
ALA CA   C  N S 2   
ALA C    C  N N 3   
ALA O    O  N N 4   
ALA CB   C  N N 5   
ALA OXT  O  N N 6   
ALA H    H  N N 7   
ALA H2   H  N N 8   
ALA HA   H  N N 9   
ALA HB1  H  N N 10  
ALA HB2  H  N N 11  
ALA HB3  H  N N 12  
ALA HXT  H  N N 13  
ARG N    N  N N 14  
ARG CA   C  N S 15  
ARG C    C  N N 16  
ARG O    O  N N 17  
ARG CB   C  N N 18  
ARG CG   C  N N 19  
ARG CD   C  N N 20  
ARG NE   N  N N 21  
ARG CZ   C  N N 22  
ARG NH1  N  N N 23  
ARG NH2  N  N N 24  
ARG OXT  O  N N 25  
ARG H    H  N N 26  
ARG H2   H  N N 27  
ARG HA   H  N N 28  
ARG HB2  H  N N 29  
ARG HB3  H  N N 30  
ARG HG2  H  N N 31  
ARG HG3  H  N N 32  
ARG HD2  H  N N 33  
ARG HD3  H  N N 34  
ARG HE   H  N N 35  
ARG HH11 H  N N 36  
ARG HH12 H  N N 37  
ARG HH21 H  N N 38  
ARG HH22 H  N N 39  
ARG HXT  H  N N 40  
ASN N    N  N N 41  
ASN CA   C  N S 42  
ASN C    C  N N 43  
ASN O    O  N N 44  
ASN CB   C  N N 45  
ASN CG   C  N N 46  
ASN OD1  O  N N 47  
ASN ND2  N  N N 48  
ASN OXT  O  N N 49  
ASN H    H  N N 50  
ASN H2   H  N N 51  
ASN HA   H  N N 52  
ASN HB2  H  N N 53  
ASN HB3  H  N N 54  
ASN HD21 H  N N 55  
ASN HD22 H  N N 56  
ASN HXT  H  N N 57  
ASP N    N  N N 58  
ASP CA   C  N S 59  
ASP C    C  N N 60  
ASP O    O  N N 61  
ASP CB   C  N N 62  
ASP CG   C  N N 63  
ASP OD1  O  N N 64  
ASP OD2  O  N N 65  
ASP OXT  O  N N 66  
ASP H    H  N N 67  
ASP H2   H  N N 68  
ASP HA   H  N N 69  
ASP HB2  H  N N 70  
ASP HB3  H  N N 71  
ASP HD2  H  N N 72  
ASP HXT  H  N N 73  
CA  CA   CA N N 74  
CYS N    N  N N 75  
CYS CA   C  N R 76  
CYS C    C  N N 77  
CYS O    O  N N 78  
CYS CB   C  N N 79  
CYS SG   S  N N 80  
CYS OXT  O  N N 81  
CYS H    H  N N 82  
CYS H2   H  N N 83  
CYS HA   H  N N 84  
CYS HB2  H  N N 85  
CYS HB3  H  N N 86  
CYS HG   H  N N 87  
CYS HXT  H  N N 88  
GCH C    C  N R 89  
GCH O    O  N N 90  
GCH C1   C  N N 91  
GCH C2   C  N S 92  
GCH C3   C  N S 93  
GCH C4   C  N N 94  
GCH C5   C  N N 95  
GCH C6   C  N N 96  
GCH C7   C  N N 97  
GCH C8   C  N R 98  
GCH O1   O  N N 99  
GCH C9   C  N R 100 
GCH C10  C  N S 101 
GCH C11  C  N N 102 
GCH C12  C  N S 103 
GCH C13  C  N R 104 
GCH C14  C  N S 105 
GCH C15  C  N N 106 
GCH C16  C  N N 107 
GCH C17  C  N R 108 
GCH C18  C  N R 109 
GCH C19  C  N N 110 
GCH C20  C  N N 111 
GCH C21  C  N N 112 
GCH C22  C  N N 113 
GCH N    N  N N 114 
GCH CA   C  N N 115 
GCH O2   O  N N 116 
GCH C23  C  N N 117 
GCH O3   O  N N 118 
GCH C24  C  N N 119 
GCH O4   O  N N 120 
GCH O5   O  N N 121 
GCH H12  H  N N 122 
GCH H1   H  N N 123 
GCH H10  H  N N 124 
GCH H11  H  N N 125 
GCH H9   H  N N 126 
GCH H4   H  N N 127 
GCH H5   H  N N 128 
GCH H2   H  N N 129 
GCH H3   H  N N 130 
GCH H6   H  N N 131 
GCH H7   H  N N 132 
GCH H8   H  N N 133 
GCH H17  H  N N 134 
GCH H18  H  N N 135 
GCH H16  H  N N 136 
GCH H13  H  N N 137 
GCH H15  H  N N 138 
GCH H14  H  N N 139 
GCH H41  H  N N 140 
GCH H42  H  N N 141 
GCH H40  H  N N 142 
GCH H35  H  N N 143 
GCH H33  H  N N 144 
GCH H34  H  N N 145 
GCH H31  H  N N 146 
GCH H32  H  N N 147 
GCH H30  H  N N 148 
GCH H29  H  N N 149 
GCH H19  H  N N 150 
GCH H20  H  N N 151 
GCH H21  H  N N 152 
GCH H27  H  N N 153 
GCH H28  H  N N 154 
GCH H25  H  N N 155 
GCH H26  H  N N 156 
GCH H24  H  N N 157 
GCH H22  H  N N 158 
GCH H23  H  N N 159 
GCH H36  H  N N 160 
GCH H37  H  N N 161 
GCH H38  H  N N 162 
GCH H39  H  N N 163 
GCH H43  H  N N 164 
GLN N    N  N N 165 
GLN CA   C  N S 166 
GLN C    C  N N 167 
GLN O    O  N N 168 
GLN CB   C  N N 169 
GLN CG   C  N N 170 
GLN CD   C  N N 171 
GLN OE1  O  N N 172 
GLN NE2  N  N N 173 
GLN OXT  O  N N 174 
GLN H    H  N N 175 
GLN H2   H  N N 176 
GLN HA   H  N N 177 
GLN HB2  H  N N 178 
GLN HB3  H  N N 179 
GLN HG2  H  N N 180 
GLN HG3  H  N N 181 
GLN HE21 H  N N 182 
GLN HE22 H  N N 183 
GLN HXT  H  N N 184 
GLU N    N  N N 185 
GLU CA   C  N S 186 
GLU C    C  N N 187 
GLU O    O  N N 188 
GLU CB   C  N N 189 
GLU CG   C  N N 190 
GLU CD   C  N N 191 
GLU OE1  O  N N 192 
GLU OE2  O  N N 193 
GLU OXT  O  N N 194 
GLU H    H  N N 195 
GLU H2   H  N N 196 
GLU HA   H  N N 197 
GLU HB2  H  N N 198 
GLU HB3  H  N N 199 
GLU HG2  H  N N 200 
GLU HG3  H  N N 201 
GLU HE2  H  N N 202 
GLU HXT  H  N N 203 
GLY N    N  N N 204 
GLY CA   C  N N 205 
GLY C    C  N N 206 
GLY O    O  N N 207 
GLY OXT  O  N N 208 
GLY H    H  N N 209 
GLY H2   H  N N 210 
GLY HA2  H  N N 211 
GLY HA3  H  N N 212 
GLY HXT  H  N N 213 
HIS N    N  N N 214 
HIS CA   C  N S 215 
HIS C    C  N N 216 
HIS O    O  N N 217 
HIS CB   C  N N 218 
HIS CG   C  Y N 219 
HIS ND1  N  Y N 220 
HIS CD2  C  Y N 221 
HIS CE1  C  Y N 222 
HIS NE2  N  Y N 223 
HIS OXT  O  N N 224 
HIS H    H  N N 225 
HIS H2   H  N N 226 
HIS HA   H  N N 227 
HIS HB2  H  N N 228 
HIS HB3  H  N N 229 
HIS HD1  H  N N 230 
HIS HD2  H  N N 231 
HIS HE1  H  N N 232 
HIS HE2  H  N N 233 
HIS HXT  H  N N 234 
HOH O    O  N N 235 
HOH H1   H  N N 236 
HOH H2   H  N N 237 
ILE N    N  N N 238 
ILE CA   C  N S 239 
ILE C    C  N N 240 
ILE O    O  N N 241 
ILE CB   C  N S 242 
ILE CG1  C  N N 243 
ILE CG2  C  N N 244 
ILE CD1  C  N N 245 
ILE OXT  O  N N 246 
ILE H    H  N N 247 
ILE H2   H  N N 248 
ILE HA   H  N N 249 
ILE HB   H  N N 250 
ILE HG12 H  N N 251 
ILE HG13 H  N N 252 
ILE HG21 H  N N 253 
ILE HG22 H  N N 254 
ILE HG23 H  N N 255 
ILE HD11 H  N N 256 
ILE HD12 H  N N 257 
ILE HD13 H  N N 258 
ILE HXT  H  N N 259 
LEU N    N  N N 260 
LEU CA   C  N S 261 
LEU C    C  N N 262 
LEU O    O  N N 263 
LEU CB   C  N N 264 
LEU CG   C  N N 265 
LEU CD1  C  N N 266 
LEU CD2  C  N N 267 
LEU OXT  O  N N 268 
LEU H    H  N N 269 
LEU H2   H  N N 270 
LEU HA   H  N N 271 
LEU HB2  H  N N 272 
LEU HB3  H  N N 273 
LEU HG   H  N N 274 
LEU HD11 H  N N 275 
LEU HD12 H  N N 276 
LEU HD13 H  N N 277 
LEU HD21 H  N N 278 
LEU HD22 H  N N 279 
LEU HD23 H  N N 280 
LEU HXT  H  N N 281 
LYS N    N  N N 282 
LYS CA   C  N S 283 
LYS C    C  N N 284 
LYS O    O  N N 285 
LYS CB   C  N N 286 
LYS CG   C  N N 287 
LYS CD   C  N N 288 
LYS CE   C  N N 289 
LYS NZ   N  N N 290 
LYS OXT  O  N N 291 
LYS H    H  N N 292 
LYS H2   H  N N 293 
LYS HA   H  N N 294 
LYS HB2  H  N N 295 
LYS HB3  H  N N 296 
LYS HG2  H  N N 297 
LYS HG3  H  N N 298 
LYS HD2  H  N N 299 
LYS HD3  H  N N 300 
LYS HE2  H  N N 301 
LYS HE3  H  N N 302 
LYS HZ1  H  N N 303 
LYS HZ2  H  N N 304 
LYS HZ3  H  N N 305 
LYS HXT  H  N N 306 
MET N    N  N N 307 
MET CA   C  N S 308 
MET C    C  N N 309 
MET O    O  N N 310 
MET CB   C  N N 311 
MET CG   C  N N 312 
MET SD   S  N N 313 
MET CE   C  N N 314 
MET OXT  O  N N 315 
MET H    H  N N 316 
MET H2   H  N N 317 
MET HA   H  N N 318 
MET HB2  H  N N 319 
MET HB3  H  N N 320 
MET HG2  H  N N 321 
MET HG3  H  N N 322 
MET HE1  H  N N 323 
MET HE2  H  N N 324 
MET HE3  H  N N 325 
MET HXT  H  N N 326 
PHE N    N  N N 327 
PHE CA   C  N S 328 
PHE C    C  N N 329 
PHE O    O  N N 330 
PHE CB   C  N N 331 
PHE CG   C  Y N 332 
PHE CD1  C  Y N 333 
PHE CD2  C  Y N 334 
PHE CE1  C  Y N 335 
PHE CE2  C  Y N 336 
PHE CZ   C  Y N 337 
PHE OXT  O  N N 338 
PHE H    H  N N 339 
PHE H2   H  N N 340 
PHE HA   H  N N 341 
PHE HB2  H  N N 342 
PHE HB3  H  N N 343 
PHE HD1  H  N N 344 
PHE HD2  H  N N 345 
PHE HE1  H  N N 346 
PHE HE2  H  N N 347 
PHE HZ   H  N N 348 
PHE HXT  H  N N 349 
PRO N    N  N N 350 
PRO CA   C  N S 351 
PRO C    C  N N 352 
PRO O    O  N N 353 
PRO CB   C  N N 354 
PRO CG   C  N N 355 
PRO CD   C  N N 356 
PRO OXT  O  N N 357 
PRO H    H  N N 358 
PRO HA   H  N N 359 
PRO HB2  H  N N 360 
PRO HB3  H  N N 361 
PRO HG2  H  N N 362 
PRO HG3  H  N N 363 
PRO HD2  H  N N 364 
PRO HD3  H  N N 365 
PRO HXT  H  N N 366 
SER N    N  N N 367 
SER CA   C  N S 368 
SER C    C  N N 369 
SER O    O  N N 370 
SER CB   C  N N 371 
SER OG   O  N N 372 
SER OXT  O  N N 373 
SER H    H  N N 374 
SER H2   H  N N 375 
SER HA   H  N N 376 
SER HB2  H  N N 377 
SER HB3  H  N N 378 
SER HG   H  N N 379 
SER HXT  H  N N 380 
THR N    N  N N 381 
THR CA   C  N S 382 
THR C    C  N N 383 
THR O    O  N N 384 
THR CB   C  N R 385 
THR OG1  O  N N 386 
THR CG2  C  N N 387 
THR OXT  O  N N 388 
THR H    H  N N 389 
THR H2   H  N N 390 
THR HA   H  N N 391 
THR HB   H  N N 392 
THR HG1  H  N N 393 
THR HG21 H  N N 394 
THR HG22 H  N N 395 
THR HG23 H  N N 396 
THR HXT  H  N N 397 
TRP N    N  N N 398 
TRP CA   C  N S 399 
TRP C    C  N N 400 
TRP O    O  N N 401 
TRP CB   C  N N 402 
TRP CG   C  Y N 403 
TRP CD1  C  Y N 404 
TRP CD2  C  Y N 405 
TRP NE1  N  Y N 406 
TRP CE2  C  Y N 407 
TRP CE3  C  Y N 408 
TRP CZ2  C  Y N 409 
TRP CZ3  C  Y N 410 
TRP CH2  C  Y N 411 
TRP OXT  O  N N 412 
TRP H    H  N N 413 
TRP H2   H  N N 414 
TRP HA   H  N N 415 
TRP HB2  H  N N 416 
TRP HB3  H  N N 417 
TRP HD1  H  N N 418 
TRP HE1  H  N N 419 
TRP HE3  H  N N 420 
TRP HZ2  H  N N 421 
TRP HZ3  H  N N 422 
TRP HH2  H  N N 423 
TRP HXT  H  N N 424 
TYR N    N  N N 425 
TYR CA   C  N S 426 
TYR C    C  N N 427 
TYR O    O  N N 428 
TYR CB   C  N N 429 
TYR CG   C  Y N 430 
TYR CD1  C  Y N 431 
TYR CD2  C  Y N 432 
TYR CE1  C  Y N 433 
TYR CE2  C  Y N 434 
TYR CZ   C  Y N 435 
TYR OH   O  N N 436 
TYR OXT  O  N N 437 
TYR H    H  N N 438 
TYR H2   H  N N 439 
TYR HA   H  N N 440 
TYR HB2  H  N N 441 
TYR HB3  H  N N 442 
TYR HD1  H  N N 443 
TYR HD2  H  N N 444 
TYR HE1  H  N N 445 
TYR HE2  H  N N 446 
TYR HH   H  N N 447 
TYR HXT  H  N N 448 
VAL N    N  N N 449 
VAL CA   C  N S 450 
VAL C    C  N N 451 
VAL O    O  N N 452 
VAL CB   C  N N 453 
VAL CG1  C  N N 454 
VAL CG2  C  N N 455 
VAL OXT  O  N N 456 
VAL H    H  N N 457 
VAL H2   H  N N 458 
VAL HA   H  N N 459 
VAL HB   H  N N 460 
VAL HG11 H  N N 461 
VAL HG12 H  N N 462 
VAL HG13 H  N N 463 
VAL HG21 H  N N 464 
VAL HG22 H  N N 465 
VAL HG23 H  N N 466 
VAL HXT  H  N N 467 
# 
loop_
_chem_comp_bond.comp_id 
_chem_comp_bond.atom_id_1 
_chem_comp_bond.atom_id_2 
_chem_comp_bond.value_order 
_chem_comp_bond.pdbx_aromatic_flag 
_chem_comp_bond.pdbx_stereo_config 
_chem_comp_bond.pdbx_ordinal 
ALA N   CA   sing N N 1   
ALA N   H    sing N N 2   
ALA N   H2   sing N N 3   
ALA CA  C    sing N N 4   
ALA CA  CB   sing N N 5   
ALA CA  HA   sing N N 6   
ALA C   O    doub N N 7   
ALA C   OXT  sing N N 8   
ALA CB  HB1  sing N N 9   
ALA CB  HB2  sing N N 10  
ALA CB  HB3  sing N N 11  
ALA OXT HXT  sing N N 12  
ARG N   CA   sing N N 13  
ARG N   H    sing N N 14  
ARG N   H2   sing N N 15  
ARG CA  C    sing N N 16  
ARG CA  CB   sing N N 17  
ARG CA  HA   sing N N 18  
ARG C   O    doub N N 19  
ARG C   OXT  sing N N 20  
ARG CB  CG   sing N N 21  
ARG CB  HB2  sing N N 22  
ARG CB  HB3  sing N N 23  
ARG CG  CD   sing N N 24  
ARG CG  HG2  sing N N 25  
ARG CG  HG3  sing N N 26  
ARG CD  NE   sing N N 27  
ARG CD  HD2  sing N N 28  
ARG CD  HD3  sing N N 29  
ARG NE  CZ   sing N N 30  
ARG NE  HE   sing N N 31  
ARG CZ  NH1  sing N N 32  
ARG CZ  NH2  doub N N 33  
ARG NH1 HH11 sing N N 34  
ARG NH1 HH12 sing N N 35  
ARG NH2 HH21 sing N N 36  
ARG NH2 HH22 sing N N 37  
ARG OXT HXT  sing N N 38  
ASN N   CA   sing N N 39  
ASN N   H    sing N N 40  
ASN N   H2   sing N N 41  
ASN CA  C    sing N N 42  
ASN CA  CB   sing N N 43  
ASN CA  HA   sing N N 44  
ASN C   O    doub N N 45  
ASN C   OXT  sing N N 46  
ASN CB  CG   sing N N 47  
ASN CB  HB2  sing N N 48  
ASN CB  HB3  sing N N 49  
ASN CG  OD1  doub N N 50  
ASN CG  ND2  sing N N 51  
ASN ND2 HD21 sing N N 52  
ASN ND2 HD22 sing N N 53  
ASN OXT HXT  sing N N 54  
ASP N   CA   sing N N 55  
ASP N   H    sing N N 56  
ASP N   H2   sing N N 57  
ASP CA  C    sing N N 58  
ASP CA  CB   sing N N 59  
ASP CA  HA   sing N N 60  
ASP C   O    doub N N 61  
ASP C   OXT  sing N N 62  
ASP CB  CG   sing N N 63  
ASP CB  HB2  sing N N 64  
ASP CB  HB3  sing N N 65  
ASP CG  OD1  doub N N 66  
ASP CG  OD2  sing N N 67  
ASP OD2 HD2  sing N N 68  
ASP OXT HXT  sing N N 69  
CYS N   CA   sing N N 70  
CYS N   H    sing N N 71  
CYS N   H2   sing N N 72  
CYS CA  C    sing N N 73  
CYS CA  CB   sing N N 74  
CYS CA  HA   sing N N 75  
CYS C   O    doub N N 76  
CYS C   OXT  sing N N 77  
CYS CB  SG   sing N N 78  
CYS CB  HB2  sing N N 79  
CYS CB  HB3  sing N N 80  
CYS SG  HG   sing N N 81  
CYS OXT HXT  sing N N 82  
GCH C   O    sing N N 83  
GCH C   C1   sing N N 84  
GCH C   C5   sing N N 85  
GCH C   H12  sing N N 86  
GCH O   H1   sing N N 87  
GCH C1  C2   sing N N 88  
GCH C1  H10  sing N N 89  
GCH C1  H11  sing N N 90  
GCH C2  C3   sing N N 91  
GCH C2  C7   sing N N 92  
GCH C2  H9   sing N N 93  
GCH C3  C4   sing N N 94  
GCH C3  C6   sing N N 95  
GCH C3  C10  sing N N 96  
GCH C4  C5   sing N N 97  
GCH C4  H4   sing N N 98  
GCH C4  H5   sing N N 99  
GCH C5  H2   sing N N 100 
GCH C5  H3   sing N N 101 
GCH C6  H6   sing N N 102 
GCH C6  H7   sing N N 103 
GCH C6  H8   sing N N 104 
GCH C7  C8   sing N N 105 
GCH C7  H17  sing N N 106 
GCH C7  H18  sing N N 107 
GCH C8  O1   sing N N 108 
GCH C8  C9   sing N N 109 
GCH C8  H16  sing N N 110 
GCH O1  H13  sing N N 111 
GCH C9  C10  sing N N 112 
GCH C9  C14  sing N N 113 
GCH C9  H15  sing N N 114 
GCH C10 C11  sing N N 115 
GCH C10 H14  sing N N 116 
GCH C11 C12  sing N N 117 
GCH C11 H41  sing N N 118 
GCH C11 H42  sing N N 119 
GCH C12 C13  sing N N 120 
GCH C12 O3   sing N N 121 
GCH C12 H40  sing N N 122 
GCH C13 C14  sing N N 123 
GCH C13 C17  sing N N 124 
GCH C13 C23  sing N N 125 
GCH C14 C15  sing N N 126 
GCH C14 H35  sing N N 127 
GCH C15 C16  sing N N 128 
GCH C15 H33  sing N N 129 
GCH C15 H34  sing N N 130 
GCH C16 C17  sing N N 131 
GCH C16 H31  sing N N 132 
GCH C16 H32  sing N N 133 
GCH C17 C18  sing N N 134 
GCH C17 H30  sing N N 135 
GCH C18 C19  sing N N 136 
GCH C18 C20  sing N N 137 
GCH C18 H29  sing N N 138 
GCH C19 H19  sing N N 139 
GCH C19 H20  sing N N 140 
GCH C19 H21  sing N N 141 
GCH C20 C21  sing N N 142 
GCH C20 H27  sing N N 143 
GCH C20 H28  sing N N 144 
GCH C21 C22  sing N N 145 
GCH C21 H25  sing N N 146 
GCH C21 H26  sing N N 147 
GCH C22 N    sing N N 148 
GCH C22 O2   doub N N 149 
GCH N   CA   sing N N 150 
GCH N   H24  sing N N 151 
GCH CA  C24  sing N N 152 
GCH CA  H22  sing N N 153 
GCH CA  H23  sing N N 154 
GCH C23 H36  sing N N 155 
GCH C23 H37  sing N N 156 
GCH C23 H38  sing N N 157 
GCH O3  H39  sing N N 158 
GCH C24 O4   sing N N 159 
GCH C24 O5   doub N N 160 
GCH O4  H43  sing N N 161 
GLN N   CA   sing N N 162 
GLN N   H    sing N N 163 
GLN N   H2   sing N N 164 
GLN CA  C    sing N N 165 
GLN CA  CB   sing N N 166 
GLN CA  HA   sing N N 167 
GLN C   O    doub N N 168 
GLN C   OXT  sing N N 169 
GLN CB  CG   sing N N 170 
GLN CB  HB2  sing N N 171 
GLN CB  HB3  sing N N 172 
GLN CG  CD   sing N N 173 
GLN CG  HG2  sing N N 174 
GLN CG  HG3  sing N N 175 
GLN CD  OE1  doub N N 176 
GLN CD  NE2  sing N N 177 
GLN NE2 HE21 sing N N 178 
GLN NE2 HE22 sing N N 179 
GLN OXT HXT  sing N N 180 
GLU N   CA   sing N N 181 
GLU N   H    sing N N 182 
GLU N   H2   sing N N 183 
GLU CA  C    sing N N 184 
GLU CA  CB   sing N N 185 
GLU CA  HA   sing N N 186 
GLU C   O    doub N N 187 
GLU C   OXT  sing N N 188 
GLU CB  CG   sing N N 189 
GLU CB  HB2  sing N N 190 
GLU CB  HB3  sing N N 191 
GLU CG  CD   sing N N 192 
GLU CG  HG2  sing N N 193 
GLU CG  HG3  sing N N 194 
GLU CD  OE1  doub N N 195 
GLU CD  OE2  sing N N 196 
GLU OE2 HE2  sing N N 197 
GLU OXT HXT  sing N N 198 
GLY N   CA   sing N N 199 
GLY N   H    sing N N 200 
GLY N   H2   sing N N 201 
GLY CA  C    sing N N 202 
GLY CA  HA2  sing N N 203 
GLY CA  HA3  sing N N 204 
GLY C   O    doub N N 205 
GLY C   OXT  sing N N 206 
GLY OXT HXT  sing N N 207 
HIS N   CA   sing N N 208 
HIS N   H    sing N N 209 
HIS N   H2   sing N N 210 
HIS CA  C    sing N N 211 
HIS CA  CB   sing N N 212 
HIS CA  HA   sing N N 213 
HIS C   O    doub N N 214 
HIS C   OXT  sing N N 215 
HIS CB  CG   sing N N 216 
HIS CB  HB2  sing N N 217 
HIS CB  HB3  sing N N 218 
HIS CG  ND1  sing Y N 219 
HIS CG  CD2  doub Y N 220 
HIS ND1 CE1  doub Y N 221 
HIS ND1 HD1  sing N N 222 
HIS CD2 NE2  sing Y N 223 
HIS CD2 HD2  sing N N 224 
HIS CE1 NE2  sing Y N 225 
HIS CE1 HE1  sing N N 226 
HIS NE2 HE2  sing N N 227 
HIS OXT HXT  sing N N 228 
HOH O   H1   sing N N 229 
HOH O   H2   sing N N 230 
ILE N   CA   sing N N 231 
ILE N   H    sing N N 232 
ILE N   H2   sing N N 233 
ILE CA  C    sing N N 234 
ILE CA  CB   sing N N 235 
ILE CA  HA   sing N N 236 
ILE C   O    doub N N 237 
ILE C   OXT  sing N N 238 
ILE CB  CG1  sing N N 239 
ILE CB  CG2  sing N N 240 
ILE CB  HB   sing N N 241 
ILE CG1 CD1  sing N N 242 
ILE CG1 HG12 sing N N 243 
ILE CG1 HG13 sing N N 244 
ILE CG2 HG21 sing N N 245 
ILE CG2 HG22 sing N N 246 
ILE CG2 HG23 sing N N 247 
ILE CD1 HD11 sing N N 248 
ILE CD1 HD12 sing N N 249 
ILE CD1 HD13 sing N N 250 
ILE OXT HXT  sing N N 251 
LEU N   CA   sing N N 252 
LEU N   H    sing N N 253 
LEU N   H2   sing N N 254 
LEU CA  C    sing N N 255 
LEU CA  CB   sing N N 256 
LEU CA  HA   sing N N 257 
LEU C   O    doub N N 258 
LEU C   OXT  sing N N 259 
LEU CB  CG   sing N N 260 
LEU CB  HB2  sing N N 261 
LEU CB  HB3  sing N N 262 
LEU CG  CD1  sing N N 263 
LEU CG  CD2  sing N N 264 
LEU CG  HG   sing N N 265 
LEU CD1 HD11 sing N N 266 
LEU CD1 HD12 sing N N 267 
LEU CD1 HD13 sing N N 268 
LEU CD2 HD21 sing N N 269 
LEU CD2 HD22 sing N N 270 
LEU CD2 HD23 sing N N 271 
LEU OXT HXT  sing N N 272 
LYS N   CA   sing N N 273 
LYS N   H    sing N N 274 
LYS N   H2   sing N N 275 
LYS CA  C    sing N N 276 
LYS CA  CB   sing N N 277 
LYS CA  HA   sing N N 278 
LYS C   O    doub N N 279 
LYS C   OXT  sing N N 280 
LYS CB  CG   sing N N 281 
LYS CB  HB2  sing N N 282 
LYS CB  HB3  sing N N 283 
LYS CG  CD   sing N N 284 
LYS CG  HG2  sing N N 285 
LYS CG  HG3  sing N N 286 
LYS CD  CE   sing N N 287 
LYS CD  HD2  sing N N 288 
LYS CD  HD3  sing N N 289 
LYS CE  NZ   sing N N 290 
LYS CE  HE2  sing N N 291 
LYS CE  HE3  sing N N 292 
LYS NZ  HZ1  sing N N 293 
LYS NZ  HZ2  sing N N 294 
LYS NZ  HZ3  sing N N 295 
LYS OXT HXT  sing N N 296 
MET N   CA   sing N N 297 
MET N   H    sing N N 298 
MET N   H2   sing N N 299 
MET CA  C    sing N N 300 
MET CA  CB   sing N N 301 
MET CA  HA   sing N N 302 
MET C   O    doub N N 303 
MET C   OXT  sing N N 304 
MET CB  CG   sing N N 305 
MET CB  HB2  sing N N 306 
MET CB  HB3  sing N N 307 
MET CG  SD   sing N N 308 
MET CG  HG2  sing N N 309 
MET CG  HG3  sing N N 310 
MET SD  CE   sing N N 311 
MET CE  HE1  sing N N 312 
MET CE  HE2  sing N N 313 
MET CE  HE3  sing N N 314 
MET OXT HXT  sing N N 315 
PHE N   CA   sing N N 316 
PHE N   H    sing N N 317 
PHE N   H2   sing N N 318 
PHE CA  C    sing N N 319 
PHE CA  CB   sing N N 320 
PHE CA  HA   sing N N 321 
PHE C   O    doub N N 322 
PHE C   OXT  sing N N 323 
PHE CB  CG   sing N N 324 
PHE CB  HB2  sing N N 325 
PHE CB  HB3  sing N N 326 
PHE CG  CD1  doub Y N 327 
PHE CG  CD2  sing Y N 328 
PHE CD1 CE1  sing Y N 329 
PHE CD1 HD1  sing N N 330 
PHE CD2 CE2  doub Y N 331 
PHE CD2 HD2  sing N N 332 
PHE CE1 CZ   doub Y N 333 
PHE CE1 HE1  sing N N 334 
PHE CE2 CZ   sing Y N 335 
PHE CE2 HE2  sing N N 336 
PHE CZ  HZ   sing N N 337 
PHE OXT HXT  sing N N 338 
PRO N   CA   sing N N 339 
PRO N   CD   sing N N 340 
PRO N   H    sing N N 341 
PRO CA  C    sing N N 342 
PRO CA  CB   sing N N 343 
PRO CA  HA   sing N N 344 
PRO C   O    doub N N 345 
PRO C   OXT  sing N N 346 
PRO CB  CG   sing N N 347 
PRO CB  HB2  sing N N 348 
PRO CB  HB3  sing N N 349 
PRO CG  CD   sing N N 350 
PRO CG  HG2  sing N N 351 
PRO CG  HG3  sing N N 352 
PRO CD  HD2  sing N N 353 
PRO CD  HD3  sing N N 354 
PRO OXT HXT  sing N N 355 
SER N   CA   sing N N 356 
SER N   H    sing N N 357 
SER N   H2   sing N N 358 
SER CA  C    sing N N 359 
SER CA  CB   sing N N 360 
SER CA  HA   sing N N 361 
SER C   O    doub N N 362 
SER C   OXT  sing N N 363 
SER CB  OG   sing N N 364 
SER CB  HB2  sing N N 365 
SER CB  HB3  sing N N 366 
SER OG  HG   sing N N 367 
SER OXT HXT  sing N N 368 
THR N   CA   sing N N 369 
THR N   H    sing N N 370 
THR N   H2   sing N N 371 
THR CA  C    sing N N 372 
THR CA  CB   sing N N 373 
THR CA  HA   sing N N 374 
THR C   O    doub N N 375 
THR C   OXT  sing N N 376 
THR CB  OG1  sing N N 377 
THR CB  CG2  sing N N 378 
THR CB  HB   sing N N 379 
THR OG1 HG1  sing N N 380 
THR CG2 HG21 sing N N 381 
THR CG2 HG22 sing N N 382 
THR CG2 HG23 sing N N 383 
THR OXT HXT  sing N N 384 
TRP N   CA   sing N N 385 
TRP N   H    sing N N 386 
TRP N   H2   sing N N 387 
TRP CA  C    sing N N 388 
TRP CA  CB   sing N N 389 
TRP CA  HA   sing N N 390 
TRP C   O    doub N N 391 
TRP C   OXT  sing N N 392 
TRP CB  CG   sing N N 393 
TRP CB  HB2  sing N N 394 
TRP CB  HB3  sing N N 395 
TRP CG  CD1  doub Y N 396 
TRP CG  CD2  sing Y N 397 
TRP CD1 NE1  sing Y N 398 
TRP CD1 HD1  sing N N 399 
TRP CD2 CE2  doub Y N 400 
TRP CD2 CE3  sing Y N 401 
TRP NE1 CE2  sing Y N 402 
TRP NE1 HE1  sing N N 403 
TRP CE2 CZ2  sing Y N 404 
TRP CE3 CZ3  doub Y N 405 
TRP CE3 HE3  sing N N 406 
TRP CZ2 CH2  doub Y N 407 
TRP CZ2 HZ2  sing N N 408 
TRP CZ3 CH2  sing Y N 409 
TRP CZ3 HZ3  sing N N 410 
TRP CH2 HH2  sing N N 411 
TRP OXT HXT  sing N N 412 
TYR N   CA   sing N N 413 
TYR N   H    sing N N 414 
TYR N   H2   sing N N 415 
TYR CA  C    sing N N 416 
TYR CA  CB   sing N N 417 
TYR CA  HA   sing N N 418 
TYR C   O    doub N N 419 
TYR C   OXT  sing N N 420 
TYR CB  CG   sing N N 421 
TYR CB  HB2  sing N N 422 
TYR CB  HB3  sing N N 423 
TYR CG  CD1  doub Y N 424 
TYR CG  CD2  sing Y N 425 
TYR CD1 CE1  sing Y N 426 
TYR CD1 HD1  sing N N 427 
TYR CD2 CE2  doub Y N 428 
TYR CD2 HD2  sing N N 429 
TYR CE1 CZ   doub Y N 430 
TYR CE1 HE1  sing N N 431 
TYR CE2 CZ   sing Y N 432 
TYR CE2 HE2  sing N N 433 
TYR CZ  OH   sing N N 434 
TYR OH  HH   sing N N 435 
TYR OXT HXT  sing N N 436 
VAL N   CA   sing N N 437 
VAL N   H    sing N N 438 
VAL N   H2   sing N N 439 
VAL CA  C    sing N N 440 
VAL CA  CB   sing N N 441 
VAL CA  HA   sing N N 442 
VAL C   O    doub N N 443 
VAL C   OXT  sing N N 444 
VAL CB  CG1  sing N N 445 
VAL CB  CG2  sing N N 446 
VAL CB  HB   sing N N 447 
VAL CG1 HG11 sing N N 448 
VAL CG1 HG12 sing N N 449 
VAL CG1 HG13 sing N N 450 
VAL CG2 HG21 sing N N 451 
VAL CG2 HG22 sing N N 452 
VAL CG2 HG23 sing N N 453 
VAL OXT HXT  sing N N 454 
# 
_atom_sites.entry_id                    2B00 
_atom_sites.fract_transf_matrix[1][1]   0.00858410 
_atom_sites.fract_transf_matrix[1][2]   0.00147583 
_atom_sites.fract_transf_matrix[1][3]   0.01412711 
_atom_sites.fract_transf_matrix[2][1]   0.01517434 
_atom_sites.fract_transf_matrix[2][2]   -0.00660928 
_atom_sites.fract_transf_matrix[2][3]   0.00121821 
_atom_sites.fract_transf_matrix[3][1]   0.00621594 
_atom_sites.fract_transf_matrix[3][2]   0.01331864 
_atom_sites.fract_transf_matrix[3][3]   -0.00516839 
_atom_sites.fract_transf_vector[1]      0.763037 
_atom_sites.fract_transf_vector[2]      0.361473 
_atom_sites.fract_transf_vector[3]      0.295250 
# 
loop_
_atom_type.symbol 
C  
CA 
N  
O  
S  
# 
loop_
_atom_site.group_PDB 
_atom_site.id 
_atom_site.type_symbol 
_atom_site.label_atom_id 
_atom_site.label_alt_id 
_atom_site.label_comp_id 
_atom_site.label_asym_id 
_atom_site.label_entity_id 
_atom_site.label_seq_id 
_atom_site.pdbx_PDB_ins_code 
_atom_site.Cartn_x 
_atom_site.Cartn_y 
_atom_site.Cartn_z 
_atom_site.occupancy 
_atom_site.B_iso_or_equiv 
_atom_site.pdbx_formal_charge 
_atom_site.auth_seq_id 
_atom_site.auth_comp_id 
_atom_site.auth_asym_id 
_atom_site.auth_atom_id 
_atom_site.pdbx_PDB_model_num 
ATOM   1    N  N   . ALA A 1 1   ? 1.697   -4.902  8.646   1.00 16.15 ? 1   ALA A N   1 
ATOM   2    C  CA  . ALA A 1 1   ? 1.091   -6.092  7.981   1.00 16.18 ? 1   ALA A CA  1 
ATOM   3    C  C   . ALA A 1 1   ? -0.073  -5.652  7.092   1.00 15.79 ? 1   ALA A C   1 
ATOM   4    O  O   . ALA A 1 1   ? -0.669  -4.598  7.314   1.00 15.67 ? 1   ALA A O   1 
ATOM   5    C  CB  . ALA A 1 1   ? 0.602   -7.094  9.037   1.00 15.96 ? 1   ALA A CB  1 
ATOM   6    N  N   . LEU A 1 2   ? -0.392  -6.471  6.093   1.00 16.05 ? 2   LEU A N   1 
ATOM   7    C  CA  . LEU A 1 2   ? -1.475  -6.167  5.162   1.00 16.08 ? 2   LEU A CA  1 
ATOM   8    C  C   . LEU A 1 2   ? -2.763  -5.679  5.831   1.00 16.36 ? 2   LEU A C   1 
ATOM   9    O  O   . LEU A 1 2   ? -3.362  -4.699  5.385   1.00 14.88 ? 2   LEU A O   1 
ATOM   10   C  CB  . LEU A 1 2   ? -1.790  -7.394  4.294   1.00 15.85 ? 2   LEU A CB  1 
ATOM   11   C  CG  . LEU A 1 2   ? -3.002  -7.269  3.359   1.00 15.67 ? 2   LEU A CG  1 
ATOM   12   C  CD1 . LEU A 1 2   ? -2.765  -6.155  2.348   1.00 15.15 ? 2   LEU A CD1 1 
ATOM   13   C  CD2 . LEU A 1 2   ? -3.239  -8.587  2.643   1.00 18.19 ? 2   LEU A CD2 1 
ATOM   14   N  N   . TRP A 1 3   ? -3.197  -6.354  6.894   1.00 17.40 ? 3   TRP A N   1 
ATOM   15   C  CA  . TRP A 1 3   ? -4.429  -5.941  7.553   1.00 18.09 ? 3   TRP A CA  1 
ATOM   16   C  C   . TRP A 1 3   ? -4.303  -4.545  8.158   1.00 17.96 ? 3   TRP A C   1 
ATOM   17   O  O   . TRP A 1 3   ? -5.286  -3.805  8.227   1.00 17.81 ? 3   TRP A O   1 
ATOM   18   C  CB  . TRP A 1 3   ? -4.858  -6.964  8.623   1.00 16.81 ? 3   TRP A CB  1 
ATOM   19   C  CG  . TRP A 1 3   ? -4.091  -6.939  9.917   1.00 16.91 ? 3   TRP A CG  1 
ATOM   20   C  CD1 . TRP A 1 3   ? -2.943  -7.617  10.209  1.00 18.15 ? 3   TRP A CD1 1 
ATOM   21   C  CD2 . TRP A 1 3   ? -4.456  -6.232  11.109  1.00 17.71 ? 3   TRP A CD2 1 
ATOM   22   N  NE1 . TRP A 1 3   ? -2.572  -7.382  11.516  1.00 15.24 ? 3   TRP A NE1 1 
ATOM   23   C  CE2 . TRP A 1 3   ? -3.485  -6.536  12.090  1.00 17.86 ? 3   TRP A CE2 1 
ATOM   24   C  CE3 . TRP A 1 3   ? -5.513  -5.374  11.444  1.00 19.59 ? 3   TRP A CE3 1 
ATOM   25   C  CZ2 . TRP A 1 3   ? -3.538  -6.010  13.388  1.00 17.61 ? 3   TRP A CZ2 1 
ATOM   26   C  CZ3 . TRP A 1 3   ? -5.568  -4.849  12.738  1.00 21.50 ? 3   TRP A CZ3 1 
ATOM   27   C  CH2 . TRP A 1 3   ? -4.582  -5.173  13.693  1.00 19.99 ? 3   TRP A CH2 1 
ATOM   28   N  N   . GLN A 1 4   ? -3.092  -4.181  8.575   1.00 17.16 ? 4   GLN A N   1 
ATOM   29   C  CA  . GLN A 1 4   ? -2.849  -2.863  9.160   1.00 18.17 ? 4   GLN A CA  1 
ATOM   30   C  C   . GLN A 1 4   ? -2.824  -1.799  8.070   1.00 16.96 ? 4   GLN A C   1 
ATOM   31   O  O   . GLN A 1 4   ? -3.233  -0.655  8.289   1.00 17.84 ? 4   GLN A O   1 
ATOM   32   C  CB  . GLN A 1 4   ? -1.526  -2.867  9.926   1.00 17.70 ? 4   GLN A CB  1 
ATOM   33   C  CG  . GLN A 1 4   ? -1.487  -3.927  11.020  1.00 19.09 ? 4   GLN A CG  1 
ATOM   34   C  CD  . GLN A 1 4   ? -0.179  -3.934  11.781  1.00 18.48 ? 4   GLN A CD  1 
ATOM   35   O  OE1 . GLN A 1 4   ? 0.881   -4.189  11.211  1.00 18.31 ? 4   GLN A OE1 1 
ATOM   36   N  NE2 . GLN A 1 4   ? -0.247  -3.654  13.078  1.00 19.20 ? 4   GLN A NE2 1 
ATOM   37   N  N   . PHE A 1 5   ? -2.341  -2.183  6.893   1.00 16.66 ? 5   PHE A N   1 
ATOM   38   C  CA  . PHE A 1 5   ? -2.297  -1.276  5.753   1.00 16.03 ? 5   PHE A CA  1 
ATOM   39   C  C   . PHE A 1 5   ? -3.752  -0.915  5.424   1.00 16.52 ? 5   PHE A C   1 
ATOM   40   O  O   . PHE A 1 5   ? -4.071  0.248   5.183   1.00 17.67 ? 5   PHE A O   1 
ATOM   41   C  CB  . PHE A 1 5   ? -1.609  -1.974  4.571   1.00 15.68 ? 5   PHE A CB  1 
ATOM   42   C  CG  . PHE A 1 5   ? -1.489  -1.129  3.329   1.00 16.74 ? 5   PHE A CG  1 
ATOM   43   C  CD1 . PHE A 1 5   ? -1.246  0.243   3.411   1.00 14.66 ? 5   PHE A CD1 1 
ATOM   44   C  CD2 . PHE A 1 5   ? -1.550  -1.726  2.069   1.00 17.04 ? 5   PHE A CD2 1 
ATOM   45   C  CE1 . PHE A 1 5   ? -1.060  1.005   2.258   1.00 16.82 ? 5   PHE A CE1 1 
ATOM   46   C  CE2 . PHE A 1 5   ? -1.363  -0.975  0.911   1.00 18.22 ? 5   PHE A CE2 1 
ATOM   47   C  CZ  . PHE A 1 5   ? -1.116  0.393   1.003   1.00 16.65 ? 5   PHE A CZ  1 
ATOM   48   N  N   . ARG A 1 6   ? -4.633  -1.914  5.438   1.00 16.44 ? 6   ARG A N   1 
ATOM   49   C  CA  . ARG A 1 6   ? -6.053  -1.684  5.166   1.00 17.97 ? 6   ARG A CA  1 
ATOM   50   C  C   . ARG A 1 6   ? -6.624  -0.739  6.219   1.00 18.34 ? 6   ARG A C   1 
ATOM   51   O  O   . ARG A 1 6   ? -7.457  0.115   5.916   1.00 17.63 ? 6   ARG A O   1 
ATOM   52   C  CB  . ARG A 1 6   ? -6.842  -3.002  5.193   1.00 17.99 ? 6   ARG A CB  1 
ATOM   53   C  CG  . ARG A 1 6   ? -6.507  -3.976  4.071   1.00 18.32 ? 6   ARG A CG  1 
ATOM   54   C  CD  . ARG A 1 6   ? -7.561  -5.076  3.963   1.00 20.10 ? 6   ARG A CD  1 
ATOM   55   N  NE  . ARG A 1 6   ? -7.655  -5.909  5.162   1.00 22.48 ? 6   ARG A NE  1 
ATOM   56   C  CZ  . ARG A 1 6   ? -7.139  -7.130  5.277   1.00 21.47 ? 6   ARG A CZ  1 
ATOM   57   N  NH1 . ARG A 1 6   ? -7.275  -7.809  6.408   1.00 21.10 ? 6   ARG A NH1 1 
ATOM   58   N  NH2 . ARG A 1 6   ? -6.493  -7.677  4.260   1.00 22.11 ? 6   ARG A NH2 1 
ATOM   59   N  N   . SER A 1 7   ? -6.168  -0.900  7.457   1.00 18.23 ? 7   SER A N   1 
ATOM   60   C  CA  . SER A 1 7   ? -6.620  -0.056  8.554   1.00 19.42 ? 7   SER A CA  1 
ATOM   61   C  C   . SER A 1 7   ? -6.173  1.389   8.331   1.00 18.33 ? 7   SER A C   1 
ATOM   62   O  O   . SER A 1 7   ? -6.938  2.324   8.553   1.00 18.24 ? 7   SER A O   1 
ATOM   63   C  CB  . SER A 1 7   ? -6.068  -0.582  9.880   1.00 20.81 ? 7   SER A CB  1 
ATOM   64   O  OG  . SER A 1 7   ? -6.394  0.294   10.944  1.00 25.62 ? 7   SER A OG  1 
ATOM   65   N  N   . MET A 1 8   ? -4.931  1.564   7.894   1.00 18.28 ? 8   MET A N   1 
ATOM   66   C  CA  . MET A 1 8   ? -4.392  2.894   7.618   1.00 18.86 ? 8   MET A CA  1 
ATOM   67   C  C   . MET A 1 8   ? -5.205  3.598   6.541   1.00 18.98 ? 8   MET A C   1 
ATOM   68   O  O   . MET A 1 8   ? -5.469  4.799   6.625   1.00 19.68 ? 8   MET A O   1 
ATOM   69   C  CB  . MET A 1 8   ? -2.951  2.808   7.121   1.00 19.06 ? 8   MET A CB  1 
ATOM   70   C  CG  . MET A 1 8   ? -1.898  2.662   8.188   1.00 20.56 ? 8   MET A CG  1 
ATOM   71   S  SD  . MET A 1 8   ? -0.290  3.034   7.458   1.00 18.43 ? 8   MET A SD  1 
ATOM   72   C  CE  . MET A 1 8   ? 0.792   2.572   8.811   1.00 16.99 ? 8   MET A CE  1 
ATOM   73   N  N   . ILE A 1 9   ? -5.574  2.846   5.515   1.00 18.15 ? 9   ILE A N   1 
ATOM   74   C  CA  . ILE A 1 9   ? -6.347  3.395   4.413   1.00 19.55 ? 9   ILE A CA  1 
ATOM   75   C  C   . ILE A 1 9   ? -7.693  3.910   4.912   1.00 20.77 ? 9   ILE A C   1 
ATOM   76   O  O   . ILE A 1 9   ? -8.151  4.972   4.484   1.00 21.39 ? 9   ILE A O   1 
ATOM   77   C  CB  . ILE A 1 9   ? -6.527  2.338   3.311   1.00 19.19 ? 9   ILE A CB  1 
ATOM   78   C  CG1 . ILE A 1 9   ? -5.144  1.963   2.765   1.00 19.19 ? 9   ILE A CG1 1 
ATOM   79   C  CG2 . ILE A 1 9   ? -7.414  2.881   2.183   1.00 21.43 ? 9   ILE A CG2 1 
ATOM   80   C  CD1 . ILE A 1 9   ? -5.148  0.810   1.788   1.00 20.09 ? 9   ILE A CD1 1 
ATOM   81   N  N   . LYS A 1 10  ? -8.317  3.166   5.824   1.00 21.31 ? 10  LYS A N   1 
ATOM   82   C  CA  . LYS A 1 10  ? -9.598  3.573   6.403   1.00 24.11 ? 10  LYS A CA  1 
ATOM   83   C  C   . LYS A 1 10  ? -9.378  4.829   7.241   1.00 23.32 ? 10  LYS A C   1 
ATOM   84   O  O   . LYS A 1 10  ? -10.234 5.710   7.306   1.00 25.23 ? 10  LYS A O   1 
ATOM   85   C  CB  . LYS A 1 10  ? -10.164 2.468   7.296   1.00 25.66 ? 10  LYS A CB  1 
ATOM   86   C  CG  . LYS A 1 10  ? -10.635 1.228   6.563   1.00 30.77 ? 10  LYS A CG  1 
ATOM   87   C  CD  . LYS A 1 10  ? -11.922 1.483   5.799   1.00 35.29 ? 10  LYS A CD  1 
ATOM   88   C  CE  . LYS A 1 10  ? -12.538 0.175   5.320   1.00 38.01 ? 10  LYS A CE  1 
ATOM   89   N  NZ  . LYS A 1 10  ? -13.828 0.391   4.609   1.00 39.54 ? 10  LYS A NZ  1 
ATOM   90   N  N   . CYS A 1 11  ? -8.221  4.900   7.888   1.00 23.90 ? 11  CYS A N   1 
ATOM   91   C  CA  . CYS A 1 11  ? -7.876  6.053   8.710   1.00 24.49 ? 11  CYS A CA  1 
ATOM   92   C  C   . CYS A 1 11  ? -7.816  7.312   7.853   1.00 24.37 ? 11  CYS A C   1 
ATOM   93   O  O   . CYS A 1 11  ? -8.448  8.326   8.164   1.00 23.74 ? 11  CYS A O   1 
ATOM   94   C  CB  . CYS A 1 11  ? -6.520  5.837   9.385   1.00 24.39 ? 11  CYS A CB  1 
ATOM   95   S  SG  . CYS A 1 11  ? -5.963  7.264   10.362  1.00 26.79 ? 11  CYS A SG  1 
ATOM   96   N  N   . ALA A 1 12  ? -7.052  7.238   6.768   1.00 22.59 ? 12  ALA A N   1 
ATOM   97   C  CA  . ALA A 1 12  ? -6.898  8.368   5.863   1.00 23.04 ? 12  ALA A CA  1 
ATOM   98   C  C   . ALA A 1 12  ? -8.132  8.588   4.994   1.00 22.96 ? 12  ALA A C   1 
ATOM   99   O  O   . ALA A 1 12  ? -8.412  9.712   4.584   1.00 23.67 ? 12  ALA A O   1 
ATOM   100  C  CB  . ALA A 1 12  ? -5.674  8.157   4.979   1.00 20.78 ? 12  ALA A CB  1 
ATOM   101  N  N   . ILE A 1 13  ? -8.861  7.513   4.714   1.00 24.12 ? 13  ILE A N   1 
ATOM   102  C  CA  . ILE A 1 13  ? -10.056 7.592   3.874   1.00 25.61 ? 13  ILE A CA  1 
ATOM   103  C  C   . ILE A 1 13  ? -11.211 6.822   4.520   1.00 27.19 ? 13  ILE A C   1 
ATOM   104  O  O   . ILE A 1 13  ? -11.502 5.682   4.144   1.00 26.01 ? 13  ILE A O   1 
ATOM   105  C  CB  . ILE A 1 13  ? -9.782  6.998   2.476   1.00 25.60 ? 13  ILE A CB  1 
ATOM   106  C  CG1 . ILE A 1 13  ? -8.478  7.572   1.916   1.00 24.50 ? 13  ILE A CG1 1 
ATOM   107  C  CG2 . ILE A 1 13  ? -10.940 7.319   1.532   1.00 25.75 ? 13  ILE A CG2 1 
ATOM   108  C  CD1 . ILE A 1 13  ? -8.012  6.893   0.658   1.00 26.31 ? 13  ILE A CD1 1 
ATOM   109  N  N   . PRO A 1 14  ? -11.886 7.442   5.499   1.00 28.95 ? 14  PRO A N   1 
ATOM   110  C  CA  . PRO A 1 14  ? -13.016 6.842   6.221   1.00 31.30 ? 14  PRO A CA  1 
ATOM   111  C  C   . PRO A 1 14  ? -14.141 6.333   5.314   1.00 33.16 ? 14  PRO A C   1 
ATOM   112  O  O   . PRO A 1 14  ? -14.779 5.319   5.609   1.00 33.40 ? 14  PRO A O   1 
ATOM   113  C  CB  . PRO A 1 14  ? -13.487 7.979   7.128   1.00 30.87 ? 14  PRO A CB  1 
ATOM   114  C  CG  . PRO A 1 14  ? -12.239 8.767   7.365   1.00 31.98 ? 14  PRO A CG  1 
ATOM   115  C  CD  . PRO A 1 14  ? -11.613 8.802   5.996   1.00 30.06 ? 14  PRO A CD  1 
ATOM   116  N  N   . GLY A 1 15  ? -14.373 7.040   4.212   1.00 35.08 ? 15  GLY A N   1 
ATOM   117  C  CA  . GLY A 1 15  ? -15.432 6.663   3.291   1.00 38.24 ? 15  GLY A CA  1 
ATOM   118  C  C   . GLY A 1 15  ? -15.145 5.518   2.336   1.00 40.00 ? 15  GLY A C   1 
ATOM   119  O  O   . GLY A 1 15  ? -16.024 5.117   1.572   1.00 40.65 ? 15  GLY A O   1 
ATOM   120  N  N   . SER A 1 16  ? -13.926 4.988   2.364   1.00 41.07 ? 16  SER A N   1 
ATOM   121  C  CA  . SER A 1 16  ? -13.566 3.880   1.485   1.00 42.10 ? 16  SER A CA  1 
ATOM   122  C  C   . SER A 1 16  ? -14.471 2.680   1.761   1.00 43.09 ? 16  SER A C   1 
ATOM   123  O  O   . SER A 1 16  ? -14.937 2.485   2.887   1.00 43.44 ? 16  SER A O   1 
ATOM   124  C  CB  . SER A 1 16  ? -12.096 3.502   1.687   1.00 41.52 ? 16  SER A CB  1 
ATOM   125  O  OG  . SER A 1 16  ? -11.799 3.332   3.060   1.00 41.12 ? 16  SER A OG  1 
ATOM   126  N  N   . HIS A 1 17  ? -14.715 1.876   0.729   1.00 43.41 ? 17  HIS A N   1 
ATOM   127  C  CA  . HIS A 1 17  ? -15.592 0.717   0.850   1.00 43.95 ? 17  HIS A CA  1 
ATOM   128  C  C   . HIS A 1 17  ? -14.859 -0.616  0.960   1.00 43.56 ? 17  HIS A C   1 
ATOM   129  O  O   . HIS A 1 17  ? -14.016 -0.947  0.127   1.00 43.43 ? 17  HIS A O   1 
ATOM   130  C  CB  . HIS A 1 17  ? -16.551 0.693   -0.337  1.00 46.01 ? 17  HIS A CB  1 
ATOM   131  C  CG  . HIS A 1 17  ? -17.258 1.994   -0.553  1.00 48.19 ? 17  HIS A CG  1 
ATOM   132  N  ND1 . HIS A 1 17  ? -18.100 2.546   0.390   1.00 48.77 ? 17  HIS A ND1 1 
ATOM   133  C  CD2 . HIS A 1 17  ? -17.216 2.873   -1.581  1.00 49.39 ? 17  HIS A CD2 1 
ATOM   134  C  CE1 . HIS A 1 17  ? -18.545 3.710   -0.048  1.00 49.89 ? 17  HIS A CE1 1 
ATOM   135  N  NE2 . HIS A 1 17  ? -18.025 3.932   -1.242  1.00 50.43 ? 17  HIS A NE2 1 
ATOM   136  N  N   . PRO A 1 18  ? -15.187 -1.405  1.998   1.00 42.90 ? 18  PRO A N   1 
ATOM   137  C  CA  . PRO A 1 18  ? -14.598 -2.718  2.283   1.00 41.90 ? 18  PRO A CA  1 
ATOM   138  C  C   . PRO A 1 18  ? -14.603 -3.695  1.111   1.00 40.04 ? 18  PRO A C   1 
ATOM   139  O  O   . PRO A 1 18  ? -13.599 -4.363  0.847   1.00 39.83 ? 18  PRO A O   1 
ATOM   140  C  CB  . PRO A 1 18  ? -15.443 -3.223  3.452   1.00 42.78 ? 18  PRO A CB  1 
ATOM   141  C  CG  . PRO A 1 18  ? -15.777 -1.958  4.181   1.00 43.41 ? 18  PRO A CG  1 
ATOM   142  C  CD  . PRO A 1 18  ? -16.160 -1.035  3.045   1.00 43.37 ? 18  PRO A CD  1 
ATOM   143  N  N   . LEU A 1 19  ? -15.732 -3.782  0.414   1.00 37.92 ? 19  LEU A N   1 
ATOM   144  C  CA  . LEU A 1 19  ? -15.860 -4.695  -0.716  1.00 35.86 ? 19  LEU A CA  1 
ATOM   145  C  C   . LEU A 1 19  ? -14.798 -4.474  -1.790  1.00 33.52 ? 19  LEU A C   1 
ATOM   146  O  O   . LEU A 1 19  ? -14.524 -5.365  -2.596  1.00 32.18 ? 19  LEU A O   1 
ATOM   147  C  CB  . LEU A 1 19  ? -17.255 -4.576  -1.335  1.00 36.59 ? 19  LEU A CB  1 
ATOM   148  C  CG  . LEU A 1 19  ? -18.407 -5.126  -0.488  1.00 38.18 ? 19  LEU A CG  1 
ATOM   149  C  CD1 . LEU A 1 19  ? -19.738 -4.817  -1.159  1.00 38.30 ? 19  LEU A CD1 1 
ATOM   150  C  CD2 . LEU A 1 19  ? -18.238 -6.628  -0.309  1.00 38.27 ? 19  LEU A CD2 1 
ATOM   151  N  N   . MET A 1 20  ? -14.200 -3.286  -1.794  1.00 31.10 ? 20  MET A N   1 
ATOM   152  C  CA  . MET A 1 20  ? -13.171 -2.961  -2.772  1.00 28.97 ? 20  MET A CA  1 
ATOM   153  C  C   . MET A 1 20  ? -11.996 -3.921  -2.651  1.00 27.18 ? 20  MET A C   1 
ATOM   154  O  O   . MET A 1 20  ? -11.304 -4.188  -3.634  1.00 26.76 ? 20  MET A O   1 
ATOM   155  C  CB  . MET A 1 20  ? -12.679 -1.521  -2.570  1.00 29.69 ? 20  MET A CB  1 
ATOM   156  C  CG  . MET A 1 20  ? -11.646 -1.059  -3.600  1.00 29.26 ? 20  MET A CG  1 
ATOM   157  S  SD  . MET A 1 20  ? -12.291 -1.033  -5.291  1.00 30.65 ? 20  MET A SD  1 
ATOM   158  C  CE  . MET A 1 20  ? -13.189 0.534   -5.282  1.00 30.61 ? 20  MET A CE  1 
ATOM   159  N  N   . ASP A 1 21  ? -11.777 -4.447  -1.446  1.00 24.75 ? 21  ASP A N   1 
ATOM   160  C  CA  . ASP A 1 21  ? -10.670 -5.371  -1.215  1.00 24.33 ? 21  ASP A CA  1 
ATOM   161  C  C   . ASP A 1 21  ? -10.720 -6.621  -2.083  1.00 23.01 ? 21  ASP A C   1 
ATOM   162  O  O   . ASP A 1 21  ? -9.715  -7.319  -2.231  1.00 23.66 ? 21  ASP A O   1 
ATOM   163  C  CB  . ASP A 1 21  ? -10.598 -5.770  0.262   1.00 25.85 ? 21  ASP A CB  1 
ATOM   164  C  CG  . ASP A 1 21  ? -10.150 -4.623  1.151   1.00 27.49 ? 21  ASP A CG  1 
ATOM   165  O  OD1 . ASP A 1 21  ? -9.363  -3.777  0.676   1.00 29.59 ? 21  ASP A OD1 1 
ATOM   166  O  OD2 . ASP A 1 21  ? -10.570 -4.574  2.325   1.00 30.46 ? 21  ASP A OD2 1 
ATOM   167  N  N   . PHE A 1 22  ? -11.883 -6.907  -2.658  1.00 21.73 ? 22  PHE A N   1 
ATOM   168  C  CA  . PHE A 1 22  ? -12.025 -8.072  -3.533  1.00 22.01 ? 22  PHE A CA  1 
ATOM   169  C  C   . PHE A 1 22  ? -11.480 -7.724  -4.916  1.00 22.19 ? 22  PHE A C   1 
ATOM   170  O  O   . PHE A 1 22  ? -11.165 -8.607  -5.715  1.00 22.22 ? 22  PHE A O   1 
ATOM   171  C  CB  . PHE A 1 22  ? -13.499 -8.457  -3.692  1.00 21.31 ? 22  PHE A CB  1 
ATOM   172  C  CG  . PHE A 1 22  ? -14.025 -9.356  -2.610  1.00 21.43 ? 22  PHE A CG  1 
ATOM   173  C  CD1 . PHE A 1 22  ? -13.492 -10.625 -2.419  1.00 19.70 ? 22  PHE A CD1 1 
ATOM   174  C  CD2 . PHE A 1 22  ? -15.091 -8.949  -1.813  1.00 21.55 ? 22  PHE A CD2 1 
ATOM   175  C  CE1 . PHE A 1 22  ? -14.017 -11.484 -1.446  1.00 20.78 ? 22  PHE A CE1 1 
ATOM   176  C  CE2 . PHE A 1 22  ? -15.625 -9.800  -0.837  1.00 21.80 ? 22  PHE A CE2 1 
ATOM   177  C  CZ  . PHE A 1 22  ? -15.086 -11.070 -0.655  1.00 19.92 ? 22  PHE A CZ  1 
ATOM   178  N  N   . ASN A 1 23  ? -11.376 -6.426  -5.179  1.00 21.60 ? 23  ASN A N   1 
ATOM   179  C  CA  . ASN A 1 23  ? -10.933 -5.916  -6.471  1.00 22.13 ? 23  ASN A CA  1 
ATOM   180  C  C   . ASN A 1 23  ? -9.486  -5.450  -6.564  1.00 21.29 ? 23  ASN A C   1 
ATOM   181  O  O   . ASN A 1 23  ? -8.829  -5.198  -5.556  1.00 21.98 ? 23  ASN A O   1 
ATOM   182  C  CB  . ASN A 1 23  ? -11.831 -4.745  -6.873  1.00 23.15 ? 23  ASN A CB  1 
ATOM   183  C  CG  . ASN A 1 23  ? -13.304 -5.107  -6.869  1.00 24.46 ? 23  ASN A CG  1 
ATOM   184  O  OD1 . ASN A 1 23  ? -14.152 -4.292  -6.506  1.00 28.44 ? 23  ASN A OD1 1 
ATOM   185  N  ND2 . ASN A 1 23  ? -13.615 -6.321  -7.283  1.00 25.06 ? 23  ASN A ND2 1 
ATOM   186  N  N   . ASN A 1 24  ? -9.004  -5.353  -7.800  1.00 21.39 ? 24  ASN A N   1 
ATOM   187  C  CA  . ASN A 1 24  ? -7.665  -4.851  -8.090  1.00 22.04 ? 24  ASN A CA  1 
ATOM   188  C  C   . ASN A 1 24  ? -7.910  -3.549  -8.850  1.00 21.59 ? 24  ASN A C   1 
ATOM   189  O  O   . ASN A 1 24  ? -9.043  -3.265  -9.250  1.00 22.70 ? 24  ASN A O   1 
ATOM   190  C  CB  . ASN A 1 24  ? -6.870  -5.823  -8.969  1.00 22.99 ? 24  ASN A CB  1 
ATOM   191  C  CG  . ASN A 1 24  ? -6.474  -7.089  -8.233  1.00 26.93 ? 24  ASN A CG  1 
ATOM   192  O  OD1 . ASN A 1 24  ? -6.132  -7.054  -7.050  1.00 28.63 ? 24  ASN A OD1 1 
ATOM   193  N  ND2 . ASN A 1 24  ? -6.506  -8.215  -8.934  1.00 30.25 ? 24  ASN A ND2 1 
ATOM   194  N  N   . TYR A 1 25  ? -6.862  -2.760  -9.052  1.00 19.54 ? 25  TYR A N   1 
ATOM   195  C  CA  . TYR A 1 25  ? -7.003  -1.496  -9.759  1.00 19.46 ? 25  TYR A CA  1 
ATOM   196  C  C   . TYR A 1 25  ? -5.738  -1.187  -10.546 1.00 19.53 ? 25  TYR A C   1 
ATOM   197  O  O   . TYR A 1 25  ? -4.626  -1.404  -10.063 1.00 18.29 ? 25  TYR A O   1 
ATOM   198  C  CB  . TYR A 1 25  ? -7.299  -0.380  -8.752  1.00 18.28 ? 25  TYR A CB  1 
ATOM   199  C  CG  . TYR A 1 25  ? -7.469  1.005   -9.337  1.00 19.71 ? 25  TYR A CG  1 
ATOM   200  C  CD1 . TYR A 1 25  ? -6.363  1.764   -9.725  1.00 18.54 ? 25  TYR A CD1 1 
ATOM   201  C  CD2 . TYR A 1 25  ? -8.739  1.579   -9.454  1.00 18.30 ? 25  TYR A CD2 1 
ATOM   202  C  CE1 . TYR A 1 25  ? -6.516  3.068   -10.207 1.00 19.30 ? 25  TYR A CE1 1 
ATOM   203  C  CE2 . TYR A 1 25  ? -8.900  2.875   -9.933  1.00 19.27 ? 25  TYR A CE2 1 
ATOM   204  C  CZ  . TYR A 1 25  ? -7.787  3.616   -10.305 1.00 19.45 ? 25  TYR A CZ  1 
ATOM   205  O  OH  . TYR A 1 25  ? -7.951  4.909   -10.745 1.00 21.05 ? 25  TYR A OH  1 
ATOM   206  N  N   . GLY A 1 26  ? -5.916  -0.693  -11.766 1.00 19.50 ? 26  GLY A N   1 
ATOM   207  C  CA  . GLY A 1 26  ? -4.772  -0.365  -12.594 1.00 18.99 ? 26  GLY A CA  1 
ATOM   208  C  C   . GLY A 1 26  ? -3.859  -1.550  -12.838 1.00 18.60 ? 26  GLY A C   1 
ATOM   209  O  O   . GLY A 1 26  ? -4.303  -2.701  -12.891 1.00 18.98 ? 26  GLY A O   1 
ATOM   210  N  N   . CYS A 1 27  ? -2.570  -1.260  -12.968 1.00 18.27 ? 27  CYS A N   1 
ATOM   211  C  CA  . CYS A 1 27  ? -1.563  -2.276  -13.232 1.00 18.83 ? 27  CYS A CA  1 
ATOM   212  C  C   . CYS A 1 27  ? -0.803  -2.745  -12.004 1.00 18.80 ? 27  CYS A C   1 
ATOM   213  O  O   . CYS A 1 27  ? -0.167  -3.800  -12.032 1.00 19.15 ? 27  CYS A O   1 
ATOM   214  C  CB  . CYS A 1 27  ? -0.553  -1.741  -14.243 1.00 18.06 ? 27  CYS A CB  1 
ATOM   215  S  SG  . CYS A 1 27  ? -1.285  -1.329  -15.850 1.00 18.76 ? 27  CYS A SG  1 
ATOM   216  N  N   . TYR A 1 28  ? -0.877  -1.970  -10.928 1.00 18.54 ? 28  TYR A N   1 
ATOM   217  C  CA  . TYR A 1 28  ? -0.141  -2.299  -9.720  1.00 18.61 ? 28  TYR A CA  1 
ATOM   218  C  C   . TYR A 1 28  ? -0.925  -2.443  -8.426  1.00 19.08 ? 28  TYR A C   1 
ATOM   219  O  O   . TYR A 1 28  ? -0.420  -3.032  -7.475  1.00 21.20 ? 28  TYR A O   1 
ATOM   220  C  CB  . TYR A 1 28  ? 0.990   -1.279  -9.541  1.00 17.86 ? 28  TYR A CB  1 
ATOM   221  C  CG  . TYR A 1 28  ? 2.134   -1.527  -10.498 1.00 18.87 ? 28  TYR A CG  1 
ATOM   222  C  CD1 . TYR A 1 28  ? 3.140   -2.435  -10.178 1.00 18.50 ? 28  TYR A CD1 1 
ATOM   223  C  CD2 . TYR A 1 28  ? 2.162   -0.926  -11.760 1.00 19.08 ? 28  TYR A CD2 1 
ATOM   224  C  CE1 . TYR A 1 28  ? 4.144   -2.750  -11.087 1.00 18.71 ? 28  TYR A CE1 1 
ATOM   225  C  CE2 . TYR A 1 28  ? 3.169   -1.237  -12.683 1.00 17.19 ? 28  TYR A CE2 1 
ATOM   226  C  CZ  . TYR A 1 28  ? 4.152   -2.154  -12.334 1.00 18.45 ? 28  TYR A CZ  1 
ATOM   227  O  OH  . TYR A 1 28  ? 5.135   -2.504  -13.229 1.00 16.53 ? 28  TYR A OH  1 
ATOM   228  N  N   . CYS A 1 29  ? -2.141  -1.909  -8.361  1.00 17.95 ? 29  CYS A N   1 
ATOM   229  C  CA  . CYS A 1 29  ? -2.916  -2.056  -7.134  1.00 18.00 ? 29  CYS A CA  1 
ATOM   230  C  C   . CYS A 1 29  ? -3.434  -3.489  -7.096  1.00 20.20 ? 29  CYS A C   1 
ATOM   231  O  O   . CYS A 1 29  ? -4.415  -3.834  -7.755  1.00 19.44 ? 29  CYS A O   1 
ATOM   232  C  CB  . CYS A 1 29  ? -4.069  -1.058  -7.089  1.00 17.65 ? 29  CYS A CB  1 
ATOM   233  S  SG  . CYS A 1 29  ? -3.549  0.691   -7.116  1.00 18.63 ? 29  CYS A SG  1 
ATOM   234  N  N   . GLY A 1 30  ? -2.753  -4.311  -6.311  1.00 21.80 ? 30  GLY A N   1 
ATOM   235  C  CA  . GLY A 1 30  ? -3.079  -5.720  -6.195  1.00 27.02 ? 30  GLY A CA  1 
ATOM   236  C  C   . GLY A 1 30  ? -1.717  -6.385  -6.122  1.00 30.19 ? 30  GLY A C   1 
ATOM   237  O  O   . GLY A 1 30  ? -0.709  -5.684  -6.063  1.00 32.15 ? 30  GLY A O   1 
ATOM   238  N  N   . LEU A 1 31  ? -1.650  -7.710  -6.123  1.00 32.74 ? 31  LEU A N   1 
ATOM   239  C  CA  . LEU A 1 31  ? -0.345  -8.360  -6.039  1.00 34.92 ? 31  LEU A CA  1 
ATOM   240  C  C   . LEU A 1 31  ? 0.477   -8.270  -7.324  1.00 35.13 ? 31  LEU A C   1 
ATOM   241  O  O   . LEU A 1 31  ? -0.043  -8.394  -8.433  1.00 35.12 ? 31  LEU A O   1 
ATOM   242  C  CB  . LEU A 1 31  ? -0.496  -9.820  -5.602  1.00 36.66 ? 31  LEU A CB  1 
ATOM   243  C  CG  . LEU A 1 31  ? -0.711  -9.982  -4.091  1.00 39.34 ? 31  LEU A CG  1 
ATOM   244  C  CD1 . LEU A 1 31  ? -0.845  -11.455 -3.734  1.00 40.14 ? 31  LEU A CD1 1 
ATOM   245  C  CD2 . LEU A 1 31  ? 0.469   -9.365  -3.344  1.00 39.77 ? 31  LEU A CD2 1 
ATOM   246  N  N   . GLY A 1 32  ? 1.775   -8.041  -7.155  1.00 35.41 ? 32  GLY A N   1 
ATOM   247  C  CA  . GLY A 1 32  ? 2.660   -7.927  -8.296  1.00 34.43 ? 32  GLY A CA  1 
ATOM   248  C  C   . GLY A 1 32  ? 2.291   -6.742  -9.167  1.00 33.07 ? 32  GLY A C   1 
ATOM   249  O  O   . GLY A 1 32  ? 1.789   -5.722  -8.683  1.00 33.38 ? 32  GLY A O   1 
ATOM   250  N  N   . GLY A 1 33  ? 2.526   -6.886  -10.463 1.00 30.18 ? 33  GLY A N   1 
ATOM   251  C  CA  . GLY A 1 33  ? 2.222   -5.817  -11.390 1.00 26.93 ? 33  GLY A CA  1 
ATOM   252  C  C   . GLY A 1 33  ? 3.097   -5.952  -12.614 1.00 25.80 ? 33  GLY A C   1 
ATOM   253  O  O   . GLY A 1 33  ? 4.031   -6.755  -12.633 1.00 25.81 ? 33  GLY A O   1 
ATOM   254  N  N   . SER A 1 34  ? 2.797   -5.171  -13.642 1.00 22.96 ? 34  SER A N   1 
ATOM   255  C  CA  . SER A 1 34  ? 3.568   -5.216  -14.873 1.00 21.81 ? 34  SER A CA  1 
ATOM   256  C  C   . SER A 1 34  ? 3.377   -3.918  -15.636 1.00 19.22 ? 34  SER A C   1 
ATOM   257  O  O   . SER A 1 34  ? 2.419   -3.178  -15.398 1.00 17.66 ? 34  SER A O   1 
ATOM   258  C  CB  . SER A 1 34  ? 3.116   -6.393  -15.740 1.00 21.52 ? 34  SER A CB  1 
ATOM   259  O  OG  . SER A 1 34  ? 1.752   -6.256  -16.088 1.00 21.73 ? 34  SER A OG  1 
ATOM   260  N  N   . GLY A 1 35  ? 4.295   -3.646  -16.554 1.00 18.87 ? 35  GLY A N   1 
ATOM   261  C  CA  . GLY A 1 35  ? 4.206   -2.432  -17.337 1.00 17.26 ? 35  GLY A CA  1 
ATOM   262  C  C   . GLY A 1 35  ? 4.295   -1.161  -16.514 1.00 17.59 ? 35  GLY A C   1 
ATOM   263  O  O   . GLY A 1 35  ? 4.971   -1.108  -15.482 1.00 17.84 ? 35  GLY A O   1 
ATOM   264  N  N   . THR A 1 36  ? 3.588   -0.138  -16.976 1.00 16.98 ? 36  THR A N   1 
ATOM   265  C  CA  . THR A 1 36  ? 3.576   1.176   -16.347 1.00 17.11 ? 36  THR A CA  1 
ATOM   266  C  C   . THR A 1 36  ? 2.210   1.501   -15.734 1.00 18.04 ? 36  THR A C   1 
ATOM   267  O  O   . THR A 1 36  ? 1.175   1.178   -16.316 1.00 17.33 ? 36  THR A O   1 
ATOM   268  C  CB  . THR A 1 36  ? 3.937   2.257   -17.406 1.00 15.00 ? 36  THR A CB  1 
ATOM   269  O  OG1 . THR A 1 36  ? 5.284   2.050   -17.852 1.00 17.36 ? 36  THR A OG1 1 
ATOM   270  C  CG2 . THR A 1 36  ? 3.800   3.661   -16.840 1.00 16.85 ? 36  THR A CG2 1 
ATOM   271  N  N   . PRO A 1 37  ? 2.197   2.143   -14.549 1.00 18.60 ? 37  PRO A N   1 
ATOM   272  C  CA  . PRO A 1 37  ? 0.958   2.521   -13.852 1.00 19.82 ? 37  PRO A CA  1 
ATOM   273  C  C   . PRO A 1 37  ? 0.107   3.377   -14.786 1.00 19.11 ? 37  PRO A C   1 
ATOM   274  O  O   . PRO A 1 37  ? 0.637   4.236   -15.488 1.00 19.50 ? 37  PRO A O   1 
ATOM   275  C  CB  . PRO A 1 37  ? 1.457   3.335   -12.658 1.00 20.40 ? 37  PRO A CB  1 
ATOM   276  C  CG  . PRO A 1 37  ? 2.831   2.813   -12.425 1.00 22.27 ? 37  PRO A CG  1 
ATOM   277  C  CD  . PRO A 1 37  ? 3.382   2.598   -13.800 1.00 19.01 ? 37  PRO A CD  1 
ATOM   278  N  N   . VAL A 1 38  ? -1.207  3.169   -14.770 1.00 19.59 ? 38  VAL A N   1 
ATOM   279  C  CA  . VAL A 1 38  ? -2.102  3.912   -15.652 1.00 20.20 ? 38  VAL A CA  1 
ATOM   280  C  C   . VAL A 1 38  ? -2.516  5.308   -15.196 1.00 20.49 ? 38  VAL A C   1 
ATOM   281  O  O   . VAL A 1 38  ? -2.882  6.142   -16.025 1.00 20.75 ? 38  VAL A O   1 
ATOM   282  C  CB  . VAL A 1 38  ? -3.378  3.099   -15.951 1.00 20.05 ? 38  VAL A CB  1 
ATOM   283  C  CG1 . VAL A 1 38  ? -3.012  1.824   -16.701 1.00 20.31 ? 38  VAL A CG1 1 
ATOM   284  C  CG2 . VAL A 1 38  ? -4.107  2.778   -14.663 1.00 19.82 ? 38  VAL A CG2 1 
ATOM   285  N  N   . ASP A 1 39  ? -2.478  5.562   -13.891 1.00 19.58 ? 39  ASP A N   1 
ATOM   286  C  CA  . ASP A 1 39  ? -2.844  6.874   -13.371 1.00 19.85 ? 39  ASP A CA  1 
ATOM   287  C  C   . ASP A 1 39  ? -2.167  7.151   -12.033 1.00 19.33 ? 39  ASP A C   1 
ATOM   288  O  O   . ASP A 1 39  ? -1.324  6.377   -11.588 1.00 17.56 ? 39  ASP A O   1 
ATOM   289  C  CB  . ASP A 1 39  ? -4.374  7.023   -13.249 1.00 19.70 ? 39  ASP A CB  1 
ATOM   290  C  CG  . ASP A 1 39  ? -5.010  5.976   -12.342 1.00 19.30 ? 39  ASP A CG  1 
ATOM   291  O  OD1 . ASP A 1 39  ? -4.306  5.404   -11.488 1.00 19.20 ? 39  ASP A OD1 1 
ATOM   292  O  OD2 . ASP A 1 39  ? -6.229  5.738   -12.476 1.00 21.20 ? 39  ASP A OD2 1 
ATOM   293  N  N   . GLU A 1 40  ? -2.532  8.260   -11.398 1.00 19.52 ? 40  GLU A N   1 
ATOM   294  C  CA  . GLU A 1 40  ? -1.937  8.656   -10.123 1.00 20.62 ? 40  GLU A CA  1 
ATOM   295  C  C   . GLU A 1 40  ? -2.149  7.614   -9.022  1.00 18.28 ? 40  GLU A C   1 
ATOM   296  O  O   . GLU A 1 40  ? -1.219  7.268   -8.300  1.00 17.11 ? 40  GLU A O   1 
ATOM   297  C  CB  . GLU A 1 40  ? -2.513  10.004  -9.680  1.00 24.28 ? 40  GLU A CB  1 
ATOM   298  C  CG  . GLU A 1 40  ? -1.547  10.870  -8.889  1.00 33.46 ? 40  GLU A CG  1 
ATOM   299  C  CD  . GLU A 1 40  ? -2.187  12.161  -8.408  1.00 37.74 ? 40  GLU A CD  1 
ATOM   300  O  OE1 . GLU A 1 40  ? -2.793  12.869  -9.241  1.00 39.86 ? 40  GLU A OE1 1 
ATOM   301  O  OE2 . GLU A 1 40  ? -2.084  12.469  -7.198  1.00 40.85 ? 40  GLU A OE2 1 
ATOM   302  N  N   . LEU A 1 41  ? -3.375  7.123   -8.892  1.00 18.13 ? 41  LEU A N   1 
ATOM   303  C  CA  . LEU A 1 41  ? -3.690  6.124   -7.875  1.00 18.79 ? 41  LEU A CA  1 
ATOM   304  C  C   . LEU A 1 41  ? -2.844  4.870   -8.091  1.00 19.14 ? 41  LEU A C   1 
ATOM   305  O  O   . LEU A 1 41  ? -2.271  4.320   -7.147  1.00 17.80 ? 41  LEU A O   1 
ATOM   306  C  CB  . LEU A 1 41  ? -5.180  5.784   -7.927  1.00 18.55 ? 41  LEU A CB  1 
ATOM   307  C  CG  . LEU A 1 41  ? -5.743  4.797   -6.901  1.00 19.05 ? 41  LEU A CG  1 
ATOM   308  C  CD1 . LEU A 1 41  ? -5.251  5.145   -5.495  1.00 19.86 ? 41  LEU A CD1 1 
ATOM   309  C  CD2 . LEU A 1 41  ? -7.266  4.849   -6.964  1.00 17.88 ? 41  LEU A CD2 1 
ATOM   310  N  N   . ASP A 1 42  ? -2.759  4.434   -9.345  1.00 18.53 ? 42  ASP A N   1 
ATOM   311  C  CA  . ASP A 1 42  ? -1.976  3.258   -9.702  1.00 18.65 ? 42  ASP A CA  1 
ATOM   312  C  C   . ASP A 1 42  ? -0.497  3.535   -9.407  1.00 18.32 ? 42  ASP A C   1 
ATOM   313  O  O   . ASP A 1 42  ? 0.231   2.642   -8.975  1.00 16.93 ? 42  ASP A O   1 
ATOM   314  C  CB  . ASP A 1 42  ? -2.171  2.939   -11.187 1.00 18.17 ? 42  ASP A CB  1 
ATOM   315  C  CG  . ASP A 1 42  ? -1.798  1.513   -11.538 1.00 18.58 ? 42  ASP A CG  1 
ATOM   316  O  OD1 . ASP A 1 42  ? -1.681  1.215   -12.744 1.00 17.90 ? 42  ASP A OD1 1 
ATOM   317  O  OD2 . ASP A 1 42  ? -1.638  0.685   -10.617 1.00 20.64 ? 42  ASP A OD2 1 
ATOM   318  N  N   . ARG A 1 43  ? -0.052  4.772   -9.637  1.00 17.92 ? 43  ARG A N   1 
ATOM   319  C  CA  . ARG A 1 43  ? 1.337   5.130   -9.355  1.00 18.51 ? 43  ARG A CA  1 
ATOM   320  C  C   . ARG A 1 43  ? 1.620   4.959   -7.870  1.00 18.14 ? 43  ARG A C   1 
ATOM   321  O  O   . ARG A 1 43  ? 2.707   4.526   -7.481  1.00 16.55 ? 43  ARG A O   1 
ATOM   322  C  CB  . ARG A 1 43  ? 1.637   6.582   -9.740  1.00 19.88 ? 43  ARG A CB  1 
ATOM   323  C  CG  . ARG A 1 43  ? 1.751   6.832   -11.226 1.00 24.67 ? 43  ARG A CG  1 
ATOM   324  C  CD  . ARG A 1 43  ? 2.411   8.184   -11.492 1.00 27.46 ? 43  ARG A CD  1 
ATOM   325  N  NE  . ARG A 1 43  ? 2.571   8.416   -12.922 1.00 31.64 ? 43  ARG A NE  1 
ATOM   326  C  CZ  . ARG A 1 43  ? 3.264   9.417   -13.456 1.00 33.20 ? 43  ARG A CZ  1 
ATOM   327  N  NH1 . ARG A 1 43  ? 3.338   9.529   -14.775 1.00 33.42 ? 43  ARG A NH1 1 
ATOM   328  N  NH2 . ARG A 1 43  ? 3.886   10.297  -12.683 1.00 32.72 ? 43  ARG A NH2 1 
ATOM   329  N  N   . CYS A 1 44  ? 0.643   5.317   -7.041  1.00 18.24 ? 44  CYS A N   1 
ATOM   330  C  CA  . CYS A 1 44  ? 0.794   5.172   -5.597  1.00 17.04 ? 44  CYS A CA  1 
ATOM   331  C  C   . CYS A 1 44  ? 1.071   3.706   -5.256  1.00 16.91 ? 44  CYS A C   1 
ATOM   332  O  O   . CYS A 1 44  ? 1.931   3.403   -4.426  1.00 16.30 ? 44  CYS A O   1 
ATOM   333  C  CB  . CYS A 1 44  ? -0.477  5.597   -4.861  1.00 18.21 ? 44  CYS A CB  1 
ATOM   334  S  SG  . CYS A 1 44  ? -0.949  7.356   -4.915  1.00 18.10 ? 44  CYS A SG  1 
ATOM   335  N  N   . CYS A 1 45  ? 0.328   2.802   -5.888  1.00 15.72 ? 45  CYS A N   1 
ATOM   336  C  CA  . CYS A 1 45  ? 0.507   1.376   -5.634  1.00 16.88 ? 45  CYS A CA  1 
ATOM   337  C  C   . CYS A 1 45  ? 1.859   0.868   -6.125  1.00 15.52 ? 45  CYS A C   1 
ATOM   338  O  O   . CYS A 1 45  ? 2.480   0.034   -5.468  1.00 15.38 ? 45  CYS A O   1 
ATOM   339  C  CB  . CYS A 1 45  ? -0.622  0.560   -6.280  1.00 17.13 ? 45  CYS A CB  1 
ATOM   340  S  SG  . CYS A 1 45  ? -2.264  0.863   -5.548  1.00 18.78 ? 45  CYS A SG  1 
ATOM   341  N  N   . GLU A 1 46  ? 2.322   1.366   -7.272  1.00 15.03 ? 46  GLU A N   1 
ATOM   342  C  CA  . GLU A 1 46  ? 3.612   0.920   -7.787  1.00 15.91 ? 46  GLU A CA  1 
ATOM   343  C  C   . GLU A 1 46  ? 4.720   1.402   -6.863  1.00 16.29 ? 46  GLU A C   1 
ATOM   344  O  O   . GLU A 1 46  ? 5.649   0.664   -6.559  1.00 15.69 ? 46  GLU A O   1 
ATOM   345  C  CB  . GLU A 1 46  ? 3.885   1.461   -9.196  1.00 17.96 ? 46  GLU A CB  1 
ATOM   346  C  CG  . GLU A 1 46  ? 5.088   0.777   -9.851  1.00 17.03 ? 46  GLU A CG  1 
ATOM   347  C  CD  . GLU A 1 46  ? 5.843   1.658   -10.839 1.00 19.17 ? 46  GLU A CD  1 
ATOM   348  O  OE1 . GLU A 1 46  ? 6.735   1.126   -11.534 1.00 19.82 ? 46  GLU A OE1 1 
ATOM   349  O  OE2 . GLU A 1 46  ? 5.558   2.871   -10.920 1.00 19.93 ? 46  GLU A OE2 1 
ATOM   350  N  N   . THR A 1 47  ? 4.620   2.653   -6.425  1.00 16.19 ? 47  THR A N   1 
ATOM   351  C  CA  . THR A 1 47  ? 5.629   3.213   -5.537  1.00 17.87 ? 47  THR A CA  1 
ATOM   352  C  C   . THR A 1 47  ? 5.648   2.422   -4.231  1.00 16.69 ? 47  THR A C   1 
ATOM   353  O  O   . THR A 1 47  ? 6.703   2.204   -3.641  1.00 15.99 ? 47  THR A O   1 
ATOM   354  C  CB  . THR A 1 47  ? 5.343   4.698   -5.257  1.00 18.35 ? 47  THR A CB  1 
ATOM   355  O  OG1 . THR A 1 47  ? 5.357   5.414   -6.497  1.00 19.40 ? 47  THR A OG1 1 
ATOM   356  C  CG2 . THR A 1 47  ? 6.396   5.291   -4.328  1.00 18.79 ? 47  THR A CG2 1 
ATOM   357  N  N   . HIS A 1 48  ? 4.473   1.988   -3.788  1.00 17.14 ? 48  HIS A N   1 
ATOM   358  C  CA  . HIS A 1 48  ? 4.370   1.198   -2.568  1.00 16.09 ? 48  HIS A CA  1 
ATOM   359  C  C   . HIS A 1 48  ? 5.108   -0.124  -2.800  1.00 16.36 ? 48  HIS A C   1 
ATOM   360  O  O   . HIS A 1 48  ? 5.840   -0.598  -1.930  1.00 14.87 ? 48  HIS A O   1 
ATOM   361  C  CB  . HIS A 1 48  ? 2.896   0.949   -2.230  1.00 16.50 ? 48  HIS A CB  1 
ATOM   362  C  CG  . HIS A 1 48  ? 2.684   0.191   -0.956  1.00 16.98 ? 48  HIS A CG  1 
ATOM   363  N  ND1 . HIS A 1 48  ? 2.345   -1.144  -0.933  1.00 16.52 ? 48  HIS A ND1 1 
ATOM   364  C  CD2 . HIS A 1 48  ? 2.757   0.584   0.338   1.00 16.99 ? 48  HIS A CD2 1 
ATOM   365  C  CE1 . HIS A 1 48  ? 2.213   -1.540  0.320   1.00 18.48 ? 48  HIS A CE1 1 
ATOM   366  N  NE2 . HIS A 1 48  ? 2.458   -0.511  1.111   1.00 17.90 ? 48  HIS A NE2 1 
ATOM   367  N  N   . ASP A 1 49  ? 4.916   -0.709  -3.980  1.00 15.53 ? 49  ASP A N   1 
ATOM   368  C  CA  . ASP A 1 49  ? 5.587   -1.959  -4.340  1.00 17.98 ? 49  ASP A CA  1 
ATOM   369  C  C   . ASP A 1 49  ? 7.105   -1.758  -4.312  1.00 17.14 ? 49  ASP A C   1 
ATOM   370  O  O   . ASP A 1 49  ? 7.846   -2.600  -3.803  1.00 16.21 ? 49  ASP A O   1 
ATOM   371  C  CB  . ASP A 1 49  ? 5.181   -2.410  -5.750  1.00 19.21 ? 49  ASP A CB  1 
ATOM   372  C  CG  . ASP A 1 49  ? 3.799   -3.030  -5.802  1.00 24.25 ? 49  ASP A CG  1 
ATOM   373  O  OD1 . ASP A 1 49  ? 3.093   -3.043  -4.768  1.00 27.29 ? 49  ASP A OD1 1 
ATOM   374  O  OD2 . ASP A 1 49  ? 3.414   -3.508  -6.894  1.00 24.77 ? 49  ASP A OD2 1 
ATOM   375  N  N   . ASN A 1 50  ? 7.560   -0.643  -4.880  1.00 17.04 ? 50  ASN A N   1 
ATOM   376  C  CA  . ASN A 1 50  ? 8.987   -0.319  -4.925  1.00 17.44 ? 50  ASN A CA  1 
ATOM   377  C  C   . ASN A 1 50  ? 9.542   -0.123  -3.518  1.00 17.65 ? 50  ASN A C   1 
ATOM   378  O  O   . ASN A 1 50  ? 10.676  -0.500  -3.217  1.00 17.11 ? 50  ASN A O   1 
ATOM   379  C  CB  . ASN A 1 50  ? 9.206   0.956   -5.742  1.00 18.20 ? 50  ASN A CB  1 
ATOM   380  C  CG  . ASN A 1 50  ? 8.980   0.745   -7.227  1.00 20.02 ? 50  ASN A CG  1 
ATOM   381  O  OD1 . ASN A 1 50  ? 8.768   1.701   -7.975  1.00 22.65 ? 50  ASN A OD1 1 
ATOM   382  N  ND2 . ASN A 1 50  ? 9.043   -0.504  -7.665  1.00 20.56 ? 50  ASN A ND2 1 
ATOM   383  N  N   . CYS A 1 51  ? 8.728   0.476   -2.661  1.00 17.26 ? 51  CYS A N   1 
ATOM   384  C  CA  . CYS A 1 51  ? 9.109   0.729   -1.280  1.00 18.27 ? 51  CYS A CA  1 
ATOM   385  C  C   . CYS A 1 51  ? 9.332   -0.613  -0.567  1.00 18.10 ? 51  CYS A C   1 
ATOM   386  O  O   . CYS A 1 51  ? 10.293  -0.776  0.188   1.00 17.29 ? 51  CYS A O   1 
ATOM   387  C  CB  . CYS A 1 51  ? 7.999   1.533   -0.605  1.00 17.33 ? 51  CYS A CB  1 
ATOM   388  S  SG  . CYS A 1 51  ? 8.441   2.389   0.940   1.00 20.12 ? 51  CYS A SG  1 
ATOM   389  N  N   . TYR A 1 52  ? 8.447   -1.574  -0.817  1.00 17.63 ? 52  TYR A N   1 
ATOM   390  C  CA  . TYR A 1 52  ? 8.575   -2.899  -0.218  1.00 19.26 ? 52  TYR A CA  1 
ATOM   391  C  C   . TYR A 1 52  ? 9.800   -3.608  -0.791  1.00 20.00 ? 52  TYR A C   1 
ATOM   392  O  O   . TYR A 1 52  ? 10.490  -4.342  -0.081  1.00 19.81 ? 52  TYR A O   1 
ATOM   393  C  CB  . TYR A 1 52  ? 7.316   -3.730  -0.484  1.00 18.31 ? 52  TYR A CB  1 
ATOM   394  C  CG  . TYR A 1 52  ? 6.249   -3.608  0.585   1.00 17.37 ? 52  TYR A CG  1 
ATOM   395  C  CD1 . TYR A 1 52  ? 6.113   -2.444  1.346   1.00 18.14 ? 52  TYR A CD1 1 
ATOM   396  C  CD2 . TYR A 1 52  ? 5.360   -4.655  0.822   1.00 19.17 ? 52  TYR A CD2 1 
ATOM   397  C  CE1 . TYR A 1 52  ? 5.114   -2.333  2.323   1.00 17.02 ? 52  TYR A CE1 1 
ATOM   398  C  CE2 . TYR A 1 52  ? 4.361   -4.554  1.789   1.00 18.05 ? 52  TYR A CE2 1 
ATOM   399  C  CZ  . TYR A 1 52  ? 4.243   -3.396  2.533   1.00 16.19 ? 52  TYR A CZ  1 
ATOM   400  O  OH  . TYR A 1 52  ? 3.251   -3.315  3.483   1.00 15.12 ? 52  TYR A OH  1 
ATOM   401  N  N   . ARG A 1 53  ? 10.062  -3.394  -2.078  1.00 21.25 ? 53  ARG A N   1 
ATOM   402  C  CA  . ARG A 1 53  ? 11.225  -3.994  -2.729  1.00 24.59 ? 53  ARG A CA  1 
ATOM   403  C  C   . ARG A 1 53  ? 12.483  -3.489  -2.032  1.00 23.94 ? 53  ARG A C   1 
ATOM   404  O  O   . ARG A 1 53  ? 13.412  -4.257  -1.759  1.00 23.03 ? 53  ARG A O   1 
ATOM   405  C  CB  . ARG A 1 53  ? 11.283  -3.601  -4.209  1.00 27.90 ? 53  ARG A CB  1 
ATOM   406  C  CG  . ARG A 1 53  ? 10.226  -4.240  -5.091  1.00 36.18 ? 53  ARG A CG  1 
ATOM   407  C  CD  . ARG A 1 53  ? 10.486  -5.728  -5.268  1.00 42.85 ? 53  ARG A CD  1 
ATOM   408  N  NE  . ARG A 1 53  ? 9.682   -6.305  -6.344  1.00 48.00 ? 53  ARG A NE  1 
ATOM   409  C  CZ  . ARG A 1 53  ? 9.745   -7.580  -6.720  1.00 49.55 ? 53  ARG A CZ  1 
ATOM   410  N  NH1 . ARG A 1 53  ? 8.978   -8.021  -7.710  1.00 50.13 ? 53  ARG A NH1 1 
ATOM   411  N  NH2 . ARG A 1 53  ? 10.573  -8.415  -6.103  1.00 50.43 ? 53  ARG A NH2 1 
ATOM   412  N  N   . ASP A 1 54  ? 12.514  -2.189  -1.751  1.00 23.48 ? 54  ASP A N   1 
ATOM   413  C  CA  . ASP A 1 54  ? 13.664  -1.595  -1.077  1.00 24.38 ? 54  ASP A CA  1 
ATOM   414  C  C   . ASP A 1 54  ? 13.845  -2.194  0.313   1.00 24.42 ? 54  ASP A C   1 
ATOM   415  O  O   . ASP A 1 54  ? 14.967  -2.494  0.723   1.00 24.99 ? 54  ASP A O   1 
ATOM   416  C  CB  . ASP A 1 54  ? 13.508  -0.073  -0.964  1.00 24.12 ? 54  ASP A CB  1 
ATOM   417  C  CG  . ASP A 1 54  ? 13.638  0.632   -2.304  1.00 25.96 ? 54  ASP A CG  1 
ATOM   418  O  OD1 . ASP A 1 54  ? 14.216  0.043   -3.243  1.00 25.72 ? 54  ASP A OD1 1 
ATOM   419  O  OD2 . ASP A 1 54  ? 13.175  1.786   -2.413  1.00 26.21 ? 54  ASP A OD2 1 
ATOM   420  N  N   . ALA A 1 55  ? 12.741  -2.371  1.036   1.00 24.29 ? 55  ALA A N   1 
ATOM   421  C  CA  . ALA A 1 55  ? 12.802  -2.941  2.380   1.00 24.74 ? 55  ALA A CA  1 
ATOM   422  C  C   . ALA A 1 55  ? 13.422  -4.333  2.344   1.00 25.75 ? 55  ALA A C   1 
ATOM   423  O  O   . ALA A 1 55  ? 14.273  -4.666  3.168   1.00 25.43 ? 55  ALA A O   1 
ATOM   424  C  CB  . ALA A 1 55  ? 11.406  -3.009  2.988   1.00 23.46 ? 55  ALA A CB  1 
ATOM   425  N  N   . LYS A 1 56  ? 12.986  -5.146  1.388   1.00 27.50 ? 56  LYS A N   1 
ATOM   426  C  CA  . LYS A 1 56  ? 13.507  -6.500  1.242   1.00 29.76 ? 56  LYS A CA  1 
ATOM   427  C  C   . LYS A 1 56  ? 14.997  -6.494  0.941   1.00 31.37 ? 56  LYS A C   1 
ATOM   428  O  O   . LYS A 1 56  ? 15.713  -7.409  1.335   1.00 32.48 ? 56  LYS A O   1 
ATOM   429  C  CB  . LYS A 1 56  ? 12.777  -7.235  0.118   1.00 30.31 ? 56  LYS A CB  1 
ATOM   430  C  CG  . LYS A 1 56  ? 11.334  -7.579  0.427   1.00 32.07 ? 56  LYS A CG  1 
ATOM   431  C  CD  . LYS A 1 56  ? 10.658  -8.245  -0.763  1.00 33.69 ? 56  LYS A CD  1 
ATOM   432  C  CE  . LYS A 1 56  ? 11.316  -9.564  -1.123  1.00 34.43 ? 56  LYS A CE  1 
ATOM   433  N  NZ  . LYS A 1 56  ? 10.610  -10.228 -2.258  1.00 37.10 ? 56  LYS A NZ  1 
ATOM   434  N  N   . ASN A 1 57  ? 15.464  -5.464  0.243   1.00 32.61 ? 57  ASN A N   1 
ATOM   435  C  CA  . ASN A 1 57  ? 16.875  -5.378  -0.108  1.00 34.62 ? 57  ASN A CA  1 
ATOM   436  C  C   . ASN A 1 57  ? 17.783  -5.010  1.054   1.00 35.22 ? 57  ASN A C   1 
ATOM   437  O  O   . ASN A 1 57  ? 19.005  -5.048  0.923   1.00 36.47 ? 57  ASN A O   1 
ATOM   438  C  CB  . ASN A 1 57  ? 17.085  -4.395  -1.262  1.00 35.50 ? 57  ASN A CB  1 
ATOM   439  C  CG  . ASN A 1 57  ? 16.578  -4.937  -2.584  1.00 37.29 ? 57  ASN A CG  1 
ATOM   440  O  OD1 . ASN A 1 57  ? 16.692  -6.132  -2.858  1.00 37.50 ? 57  ASN A OD1 1 
ATOM   441  N  ND2 . ASN A 1 57  ? 16.026  -4.060  -3.417  1.00 38.87 ? 57  ASN A ND2 1 
ATOM   442  N  N   . LEU A 1 58  ? 17.194  -4.649  2.188   1.00 35.85 ? 58  LEU A N   1 
ATOM   443  C  CA  . LEU A 1 58  ? 17.992  -4.309  3.361   1.00 36.39 ? 58  LEU A CA  1 
ATOM   444  C  C   . LEU A 1 58  ? 18.489  -5.624  3.966   1.00 37.47 ? 58  LEU A C   1 
ATOM   445  O  O   . LEU A 1 58  ? 17.702  -6.407  4.494   1.00 36.13 ? 58  LEU A O   1 
ATOM   446  C  CB  . LEU A 1 58  ? 17.143  -3.546  4.380   1.00 36.74 ? 58  LEU A CB  1 
ATOM   447  C  CG  . LEU A 1 58  ? 16.593  -2.182  3.947   1.00 37.01 ? 58  LEU A CG  1 
ATOM   448  C  CD1 . LEU A 1 58  ? 15.615  -1.670  4.988   1.00 37.17 ? 58  LEU A CD1 1 
ATOM   449  C  CD2 . LEU A 1 58  ? 17.736  -1.200  3.756   1.00 37.57 ? 58  LEU A CD2 1 
ATOM   450  N  N   . ASP A 1 59  ? 19.793  -5.869  3.871   1.00 38.58 ? 59  ASP A N   1 
ATOM   451  C  CA  . ASP A 1 59  ? 20.379  -7.098  4.400   1.00 39.88 ? 59  ASP A CA  1 
ATOM   452  C  C   . ASP A 1 59  ? 19.983  -7.358  5.849   1.00 38.68 ? 59  ASP A C   1 
ATOM   453  O  O   . ASP A 1 59  ? 19.900  -8.507  6.281   1.00 38.44 ? 59  ASP A O   1 
ATOM   454  C  CB  . ASP A 1 59  ? 21.906  -7.051  4.290   1.00 42.29 ? 59  ASP A CB  1 
ATOM   455  C  CG  . ASP A 1 59  ? 22.388  -7.157  2.858   1.00 45.08 ? 59  ASP A CG  1 
ATOM   456  O  OD1 . ASP A 1 59  ? 22.060  -8.167  2.198   1.00 46.40 ? 59  ASP A OD1 1 
ATOM   457  O  OD2 . ASP A 1 59  ? 23.095  -6.235  2.394   1.00 46.52 ? 59  ASP A OD2 1 
ATOM   458  N  N   . SER A 1 60  ? 19.738  -6.283  6.590   1.00 37.25 ? 60  SER A N   1 
ATOM   459  C  CA  . SER A 1 60  ? 19.357  -6.385  7.992   1.00 37.08 ? 60  SER A CA  1 
ATOM   460  C  C   . SER A 1 60  ? 17.903  -6.802  8.185   1.00 35.79 ? 60  SER A C   1 
ATOM   461  O  O   . SER A 1 60  ? 17.494  -7.146  9.295   1.00 36.26 ? 60  SER A O   1 
ATOM   462  C  CB  . SER A 1 60  ? 19.604  -5.046  8.689   1.00 38.43 ? 60  SER A CB  1 
ATOM   463  O  OG  . SER A 1 60  ? 19.082  -3.971  7.922   1.00 40.71 ? 60  SER A OG  1 
ATOM   464  N  N   . CYS A 1 61  ? 17.127  -6.780  7.106   1.00 33.84 ? 61  CYS A N   1 
ATOM   465  C  CA  . CYS A 1 61  ? 15.718  -7.145  7.192   1.00 31.92 ? 61  CYS A CA  1 
ATOM   466  C  C   . CYS A 1 61  ? 15.348  -8.445  6.499   1.00 30.78 ? 61  CYS A C   1 
ATOM   467  O  O   . CYS A 1 61  ? 15.650  -8.649  5.326   1.00 31.45 ? 61  CYS A O   1 
ATOM   468  C  CB  . CYS A 1 61  ? 14.853  -6.012  6.640   1.00 30.73 ? 61  CYS A CB  1 
ATOM   469  S  SG  . CYS A 1 61  ? 15.050  -4.487  7.609   1.00 29.29 ? 61  CYS A SG  1 
ATOM   470  N  N   . LYS A 1 62  ? 14.685  -9.319  7.245   1.00 29.53 ? 62  LYS A N   1 
ATOM   471  C  CA  . LYS A 1 62  ? 14.236  -10.599 6.725   1.00 30.19 ? 62  LYS A CA  1 
ATOM   472  C  C   . LYS A 1 62  ? 12.772  -10.727 7.116   1.00 28.94 ? 62  LYS A C   1 
ATOM   473  O  O   . LYS A 1 62  ? 12.412  -10.474 8.260   1.00 29.21 ? 62  LYS A O   1 
ATOM   474  C  CB  . LYS A 1 62  ? 15.054  -11.736 7.339   1.00 32.59 ? 62  LYS A CB  1 
ATOM   475  C  CG  . LYS A 1 62  ? 16.550  -11.625 7.053   1.00 36.55 ? 62  LYS A CG  1 
ATOM   476  C  CD  . LYS A 1 62  ? 17.339  -12.715 7.756   1.00 39.67 ? 62  LYS A CD  1 
ATOM   477  C  CE  . LYS A 1 62  ? 18.833  -12.561 7.510   1.00 41.26 ? 62  LYS A CE  1 
ATOM   478  N  NZ  . LYS A 1 62  ? 19.620  -13.607 8.229   1.00 43.20 ? 62  LYS A NZ  1 
ATOM   479  N  N   . PHE A 1 63  ? 11.923  -11.092 6.165   1.00 26.81 ? 63  PHE A N   1 
ATOM   480  C  CA  . PHE A 1 63  ? 10.501  -11.229 6.453   1.00 25.29 ? 63  PHE A CA  1 
ATOM   481  C  C   . PHE A 1 63  ? 10.034  -12.659 6.258   1.00 24.60 ? 63  PHE A C   1 
ATOM   482  O  O   . PHE A 1 63  ? 10.617  -13.401 5.464   1.00 24.21 ? 63  PHE A O   1 
ATOM   483  C  CB  . PHE A 1 63  ? 9.691   -10.299 5.550   1.00 24.67 ? 63  PHE A CB  1 
ATOM   484  C  CG  . PHE A 1 63  ? 10.106  -8.864  5.638   1.00 24.44 ? 63  PHE A CG  1 
ATOM   485  C  CD1 . PHE A 1 63  ? 11.050  -8.342  4.757   1.00 25.85 ? 63  PHE A CD1 1 
ATOM   486  C  CD2 . PHE A 1 63  ? 9.560   -8.030  6.609   1.00 25.01 ? 63  PHE A CD2 1 
ATOM   487  C  CE1 . PHE A 1 63  ? 11.442  -7.005  4.840   1.00 26.20 ? 63  PHE A CE1 1 
ATOM   488  C  CE2 . PHE A 1 63  ? 9.945   -6.691  6.703   1.00 25.35 ? 63  PHE A CE2 1 
ATOM   489  C  CZ  . PHE A 1 63  ? 10.887  -6.177  5.816   1.00 26.06 ? 63  PHE A CZ  1 
ATOM   490  N  N   . LEU A 1 64  ? 8.992   -13.047 6.992   1.00 24.00 ? 64  LEU A N   1 
ATOM   491  C  CA  . LEU A 1 64  ? 8.438   -14.394 6.879   1.00 24.11 ? 64  LEU A CA  1 
ATOM   492  C  C   . LEU A 1 64  ? 8.105   -14.614 5.401   1.00 24.87 ? 64  LEU A C   1 
ATOM   493  O  O   . LEU A 1 64  ? 7.487   -13.754 4.767   1.00 23.80 ? 64  LEU A O   1 
ATOM   494  C  CB  . LEU A 1 64  ? 7.177   -14.522 7.741   1.00 23.13 ? 64  LEU A CB  1 
ATOM   495  C  CG  . LEU A 1 64  ? 6.505   -15.900 7.795   1.00 23.22 ? 64  LEU A CG  1 
ATOM   496  C  CD1 . LEU A 1 64  ? 7.471   -16.929 8.385   1.00 23.31 ? 64  LEU A CD1 1 
ATOM   497  C  CD2 . LEU A 1 64  ? 5.241   -15.816 8.637   1.00 22.42 ? 64  LEU A CD2 1 
ATOM   498  N  N   . VAL A 1 65  ? 8.522   -15.762 4.866   1.00 25.50 ? 65  VAL A N   1 
ATOM   499  C  CA  . VAL A 1 65  ? 8.338   -16.113 3.457   1.00 26.09 ? 65  VAL A CA  1 
ATOM   500  C  C   . VAL A 1 65  ? 8.681   -14.950 2.527   1.00 26.12 ? 65  VAL A C   1 
ATOM   501  O  O   . VAL A 1 65  ? 8.090   -14.789 1.459   1.00 25.57 ? 65  VAL A O   1 
ATOM   502  C  CB  . VAL A 1 65  ? 6.898   -16.639 3.147   1.00 27.15 ? 65  VAL A CB  1 
ATOM   503  C  CG1 . VAL A 1 65  ? 6.663   -17.951 3.883   1.00 28.44 ? 65  VAL A CG1 1 
ATOM   504  C  CG2 . VAL A 1 65  ? 5.846   -15.614 3.531   1.00 27.31 ? 65  VAL A CG2 1 
ATOM   505  N  N   . ASP A 1 66  ? 9.663   -14.156 2.948   1.00 25.85 ? 66  ASP A N   1 
ATOM   506  C  CA  . ASP A 1 66  ? 10.137  -12.997 2.196   1.00 27.00 ? 66  ASP A CA  1 
ATOM   507  C  C   . ASP A 1 66  ? 9.021   -12.064 1.748   1.00 25.30 ? 66  ASP A C   1 
ATOM   508  O  O   . ASP A 1 66  ? 9.122   -11.421 0.704   1.00 26.50 ? 66  ASP A O   1 
ATOM   509  C  CB  . ASP A 1 66  ? 10.949  -13.448 0.976   1.00 30.23 ? 66  ASP A CB  1 
ATOM   510  C  CG  . ASP A 1 66  ? 12.139  -14.313 1.358   1.00 34.11 ? 66  ASP A CG  1 
ATOM   511  O  OD1 . ASP A 1 66  ? 12.889  -13.923 2.280   1.00 36.01 ? 66  ASP A OD1 1 
ATOM   512  O  OD2 . ASP A 1 66  ? 12.327  -15.379 0.733   1.00 36.46 ? 66  ASP A OD2 1 
ATOM   513  N  N   . ASN A 1 67  ? 7.961   -11.985 2.546   1.00 22.74 ? 67  ASN A N   1 
ATOM   514  C  CA  . ASN A 1 67  ? 6.838   -11.118 2.226   1.00 21.28 ? 67  ASN A CA  1 
ATOM   515  C  C   . ASN A 1 67  ? 6.627   -10.058 3.308   1.00 20.66 ? 67  ASN A C   1 
ATOM   516  O  O   . ASN A 1 67  ? 6.149   -10.363 4.399   1.00 18.06 ? 67  ASN A O   1 
ATOM   517  C  CB  . ASN A 1 67  ? 5.565   -11.950 2.051   1.00 20.82 ? 67  ASN A CB  1 
ATOM   518  C  CG  . ASN A 1 67  ? 4.355   -11.098 1.742   1.00 20.79 ? 67  ASN A CG  1 
ATOM   519  O  OD1 . ASN A 1 67  ? 4.487   -9.954  1.307   1.00 20.57 ? 67  ASN A OD1 1 
ATOM   520  N  ND2 . ASN A 1 67  ? 3.165   -11.654 1.954   1.00 23.41 ? 67  ASN A ND2 1 
ATOM   521  N  N   . PRO A 1 68  ? 6.979   -8.793  3.011   1.00 20.09 ? 68  PRO A N   1 
ATOM   522  C  CA  . PRO A 1 68  ? 6.827   -7.689  3.963   1.00 19.97 ? 68  PRO A CA  1 
ATOM   523  C  C   . PRO A 1 68  ? 5.397   -7.496  4.461   1.00 18.05 ? 68  PRO A C   1 
ATOM   524  O  O   . PRO A 1 68  ? 5.181   -6.919  5.526   1.00 18.20 ? 68  PRO A O   1 
ATOM   525  C  CB  . PRO A 1 68  ? 7.328   -6.478  3.174   1.00 20.03 ? 68  PRO A CB  1 
ATOM   526  C  CG  . PRO A 1 68  ? 8.314   -7.079  2.215   1.00 21.83 ? 68  PRO A CG  1 
ATOM   527  C  CD  . PRO A 1 68  ? 7.588   -8.316  1.757   1.00 20.73 ? 68  PRO A CD  1 
ATOM   528  N  N   . TYR A 1 69  ? 4.420   -7.961  3.686   1.00 18.06 ? 69  TYR A N   1 
ATOM   529  C  CA  . TYR A 1 69  ? 3.025   -7.829  4.092   1.00 18.75 ? 69  TYR A CA  1 
ATOM   530  C  C   . TYR A 1 69  ? 2.720   -8.619  5.363   1.00 17.86 ? 69  TYR A C   1 
ATOM   531  O  O   . TYR A 1 69  ? 1.691   -8.403  5.993   1.00 16.50 ? 69  TYR A O   1 
ATOM   532  C  CB  . TYR A 1 69  ? 2.085   -8.283  2.968   1.00 19.40 ? 69  TYR A CB  1 
ATOM   533  C  CG  . TYR A 1 69  ? 1.748   -7.195  1.974   1.00 20.89 ? 69  TYR A CG  1 
ATOM   534  C  CD1 . TYR A 1 69  ? 1.083   -6.041  2.379   1.00 20.62 ? 69  TYR A CD1 1 
ATOM   535  C  CD2 . TYR A 1 69  ? 2.090   -7.320  0.626   1.00 22.67 ? 69  TYR A CD2 1 
ATOM   536  C  CE1 . TYR A 1 69  ? 0.764   -5.035  1.469   1.00 22.35 ? 69  TYR A CE1 1 
ATOM   537  C  CE2 . TYR A 1 69  ? 1.777   -6.319  -0.293  1.00 22.30 ? 69  TYR A CE2 1 
ATOM   538  C  CZ  . TYR A 1 69  ? 1.114   -5.181  0.138   1.00 22.91 ? 69  TYR A CZ  1 
ATOM   539  O  OH  . TYR A 1 69  ? 0.804   -4.185  -0.757  1.00 25.70 ? 69  TYR A OH  1 
ATOM   540  N  N   . THR A 1 70  ? 3.612   -9.531  5.743   1.00 17.55 ? 70  THR A N   1 
ATOM   541  C  CA  . THR A 1 70  ? 3.402   -10.326 6.957   1.00 17.54 ? 70  THR A CA  1 
ATOM   542  C  C   . THR A 1 70  ? 3.978   -9.605  8.170   1.00 16.29 ? 70  THR A C   1 
ATOM   543  O  O   . THR A 1 70  ? 3.720   -9.995  9.312   1.00 17.52 ? 70  THR A O   1 
ATOM   544  C  CB  . THR A 1 70  ? 4.108   -11.697 6.886   1.00 18.49 ? 70  THR A CB  1 
ATOM   545  O  OG1 . THR A 1 70  ? 5.530   -11.498 6.870   1.00 17.12 ? 70  THR A OG1 1 
ATOM   546  C  CG2 . THR A 1 70  ? 3.686   -12.465 5.639   1.00 17.60 ? 70  THR A CG2 1 
ATOM   547  N  N   . GLU A 1 71  ? 4.763   -8.561  7.921   1.00 15.01 ? 71  GLU A N   1 
ATOM   548  C  CA  . GLU A 1 71  ? 5.411   -7.815  8.999   1.00 16.83 ? 71  GLU A CA  1 
ATOM   549  C  C   . GLU A 1 71  ? 4.490   -6.853  9.740   1.00 15.48 ? 71  GLU A C   1 
ATOM   550  O  O   . GLU A 1 71  ? 4.154   -5.777  9.233   1.00 16.47 ? 71  GLU A O   1 
ATOM   551  C  CB  . GLU A 1 71  ? 6.616   -7.038  8.452   1.00 17.18 ? 71  GLU A CB  1 
ATOM   552  C  CG  . GLU A 1 71  ? 7.337   -6.211  9.504   1.00 19.20 ? 71  GLU A CG  1 
ATOM   553  C  CD  . GLU A 1 71  ? 8.058   -7.069  10.522  1.00 20.85 ? 71  GLU A CD  1 
ATOM   554  O  OE1 . GLU A 1 71  ? 9.280   -7.262  10.367  1.00 24.50 ? 71  GLU A OE1 1 
ATOM   555  O  OE2 . GLU A 1 71  ? 7.407   -7.561  11.467  1.00 18.28 ? 71  GLU A OE2 1 
ATOM   556  N  N   . SER A 1 72  ? 4.093   -7.243  10.948  1.00 14.70 ? 72  SER A N   1 
ATOM   557  C  CA  . SER A 1 72  ? 3.222   -6.410  11.769  1.00 16.20 ? 72  SER A CA  1 
ATOM   558  C  C   . SER A 1 72  ? 4.051   -5.346  12.473  1.00 16.37 ? 72  SER A C   1 
ATOM   559  O  O   . SER A 1 72  ? 5.159   -5.613  12.939  1.00 16.73 ? 72  SER A O   1 
ATOM   560  C  CB  . SER A 1 72  ? 2.501   -7.251  12.827  1.00 16.99 ? 72  SER A CB  1 
ATOM   561  O  OG  . SER A 1 72  ? 1.741   -8.287  12.235  1.00 17.95 ? 72  SER A OG  1 
ATOM   562  N  N   . TYR A 1 73  ? 3.498   -4.141  12.550  1.00 16.50 ? 73  TYR A N   1 
ATOM   563  C  CA  . TYR A 1 73  ? 4.161   -3.022  13.204  1.00 16.69 ? 73  TYR A CA  1 
ATOM   564  C  C   . TYR A 1 73  ? 3.134   -2.358  14.111  1.00 17.48 ? 73  TYR A C   1 
ATOM   565  O  O   . TYR A 1 73  ? 2.043   -2.886  14.308  1.00 17.26 ? 73  TYR A O   1 
ATOM   566  C  CB  . TYR A 1 73  ? 4.668   -2.020  12.151  1.00 16.24 ? 73  TYR A CB  1 
ATOM   567  C  CG  . TYR A 1 73  ? 3.636   -1.641  11.105  1.00 16.22 ? 73  TYR A CG  1 
ATOM   568  C  CD1 . TYR A 1 73  ? 2.475   -0.945  11.453  1.00 14.92 ? 73  TYR A CD1 1 
ATOM   569  C  CD2 . TYR A 1 73  ? 3.805   -2.007  9.769   1.00 14.91 ? 73  TYR A CD2 1 
ATOM   570  C  CE1 . TYR A 1 73  ? 1.503   -0.629  10.496  1.00 16.36 ? 73  TYR A CE1 1 
ATOM   571  C  CE2 . TYR A 1 73  ? 2.838   -1.697  8.803   1.00 16.03 ? 73  TYR A CE2 1 
ATOM   572  C  CZ  . TYR A 1 73  ? 1.693   -1.011  9.173   1.00 15.75 ? 73  TYR A CZ  1 
ATOM   573  O  OH  . TYR A 1 73  ? 0.734   -0.722  8.223   1.00 16.48 ? 73  TYR A OH  1 
ATOM   574  N  N   . SER A 1 74  ? 3.484   -1.206  14.664  1.00 17.30 ? 74  SER A N   1 
ATOM   575  C  CA  . SER A 1 74  ? 2.562   -0.482  15.520  1.00 18.96 ? 74  SER A CA  1 
ATOM   576  C  C   . SER A 1 74  ? 2.334   0.899   14.921  1.00 17.95 ? 74  SER A C   1 
ATOM   577  O  O   . SER A 1 74  ? 3.276   1.566   14.492  1.00 18.89 ? 74  SER A O   1 
ATOM   578  C  CB  . SER A 1 74  ? 3.130   -0.355  16.933  1.00 19.84 ? 74  SER A CB  1 
ATOM   579  O  OG  . SER A 1 74  ? 2.236   0.369   17.757  1.00 25.76 ? 74  SER A OG  1 
ATOM   580  N  N   . TYR A 1 75  ? 1.075   1.314   14.874  1.00 18.46 ? 75  TYR A N   1 
ATOM   581  C  CA  . TYR A 1 75  ? 0.725   2.614   14.326  1.00 18.98 ? 75  TYR A CA  1 
ATOM   582  C  C   . TYR A 1 75  ? -0.554  3.077   15.012  1.00 19.41 ? 75  TYR A C   1 
ATOM   583  O  O   . TYR A 1 75  ? -1.265  2.275   15.617  1.00 19.37 ? 75  TYR A O   1 
ATOM   584  C  CB  . TYR A 1 75  ? 0.513   2.497   12.808  1.00 19.05 ? 75  TYR A CB  1 
ATOM   585  C  CG  . TYR A 1 75  ? -0.936  2.478   12.364  1.00 20.33 ? 75  TYR A CG  1 
ATOM   586  C  CD1 . TYR A 1 75  ? -1.617  3.667   12.114  1.00 23.15 ? 75  TYR A CD1 1 
ATOM   587  C  CD2 . TYR A 1 75  ? -1.631  1.276   12.213  1.00 21.19 ? 75  TYR A CD2 1 
ATOM   588  C  CE1 . TYR A 1 75  ? -2.955  3.667   11.721  1.00 25.32 ? 75  TYR A CE1 1 
ATOM   589  C  CE2 . TYR A 1 75  ? -2.978  1.266   11.820  1.00 24.09 ? 75  TYR A CE2 1 
ATOM   590  C  CZ  . TYR A 1 75  ? -3.627  2.469   11.578  1.00 26.25 ? 75  TYR A CZ  1 
ATOM   591  O  OH  . TYR A 1 75  ? -4.952  2.491   11.189  1.00 29.96 ? 75  TYR A OH  1 
ATOM   592  N  N   . SER A 1 76  ? -0.843  4.367   14.922  1.00 21.27 ? 76  SER A N   1 
ATOM   593  C  CA  . SER A 1 76  ? -2.051  4.897   15.532  1.00 22.19 ? 76  SER A CA  1 
ATOM   594  C  C   . SER A 1 76  ? -2.730  5.874   14.587  1.00 22.81 ? 76  SER A C   1 
ATOM   595  O  O   . SER A 1 76  ? -2.077  6.536   13.777  1.00 21.63 ? 76  SER A O   1 
ATOM   596  C  CB  . SER A 1 76  ? -1.728  5.587   16.863  1.00 21.80 ? 76  SER A CB  1 
ATOM   597  O  OG  . SER A 1 76  ? -0.830  6.663   16.673  1.00 25.86 ? 76  SER A OG  1 
ATOM   598  N  N   . CYS A 1 77  ? -4.052  5.944   14.688  1.00 24.72 ? 77  CYS A N   1 
ATOM   599  C  CA  . CYS A 1 77  ? -4.844  6.834   13.855  1.00 26.43 ? 77  CYS A CA  1 
ATOM   600  C  C   . CYS A 1 77  ? -5.504  7.892   14.724  1.00 27.62 ? 77  CYS A C   1 
ATOM   601  O  O   . CYS A 1 77  ? -6.041  7.584   15.785  1.00 26.94 ? 77  CYS A O   1 
ATOM   602  C  CB  . CYS A 1 77  ? -5.924  6.041   13.120  1.00 27.41 ? 77  CYS A CB  1 
ATOM   603  S  SG  . CYS A 1 77  ? -7.012  7.070   12.090  1.00 28.46 ? 77  CYS A SG  1 
ATOM   604  N  N   . SER A 1 78  ? -5.455  9.139   14.270  1.00 28.21 ? 78  SER A N   1 
ATOM   605  C  CA  . SER A 1 78  ? -6.058  10.244  15.001  1.00 30.98 ? 78  SER A CA  1 
ATOM   606  C  C   . SER A 1 78  ? -6.523  11.312  14.018  1.00 31.60 ? 78  SER A C   1 
ATOM   607  O  O   . SER A 1 78  ? -5.707  11.975  13.380  1.00 32.32 ? 78  SER A O   1 
ATOM   608  C  CB  . SER A 1 78  ? -5.046  10.844  15.978  1.00 31.71 ? 78  SER A CB  1 
ATOM   609  O  OG  . SER A 1 78  ? -5.606  11.943  16.675  1.00 34.30 ? 78  SER A OG  1 
ATOM   610  N  N   . ASN A 1 79  ? -7.837  11.467  13.894  1.00 33.59 ? 79  ASN A N   1 
ATOM   611  C  CA  . ASN A 1 79  ? -8.412  12.455  12.984  1.00 34.79 ? 79  ASN A CA  1 
ATOM   612  C  C   . ASN A 1 79  ? -7.843  12.329  11.572  1.00 34.32 ? 79  ASN A C   1 
ATOM   613  O  O   . ASN A 1 79  ? -7.371  13.309  10.991  1.00 33.53 ? 79  ASN A O   1 
ATOM   614  C  CB  . ASN A 1 79  ? -8.163  13.866  13.518  1.00 37.62 ? 79  ASN A CB  1 
ATOM   615  C  CG  . ASN A 1 79  ? -8.732  14.065  14.904  1.00 39.17 ? 79  ASN A CG  1 
ATOM   616  O  OD1 . ASN A 1 79  ? -9.912  13.802  15.141  1.00 40.99 ? 79  ASN A OD1 1 
ATOM   617  N  ND2 . ASN A 1 79  ? -7.899  14.530  15.828  1.00 40.65 ? 79  ASN A ND2 1 
ATOM   618  N  N   . THR A 1 80  ? -7.896  11.110  11.042  1.00 33.42 ? 80  THR A N   1 
ATOM   619  C  CA  . THR A 1 80  ? -7.409  10.778  9.704   1.00 32.53 ? 80  THR A CA  1 
ATOM   620  C  C   . THR A 1 80  ? -5.896  10.888  9.549   1.00 31.80 ? 80  THR A C   1 
ATOM   621  O  O   . THR A 1 80  ? -5.371  10.726  8.445   1.00 32.38 ? 80  THR A O   1 
ATOM   622  C  CB  . THR A 1 80  ? -8.070  11.652  8.606   1.00 31.90 ? 80  THR A CB  1 
ATOM   623  O  OG1 . THR A 1 80  ? -7.469  12.954  8.592   1.00 30.62 ? 80  THR A OG1 1 
ATOM   624  C  CG2 . THR A 1 80  ? -9.564  11.779  8.858   1.00 32.54 ? 80  THR A CG2 1 
ATOM   625  N  N   . GLU A 1 81  ? -5.195  11.163  10.645  1.00 29.67 ? 81  GLU A N   1 
ATOM   626  C  CA  . GLU A 1 81  ? -3.742  11.268  10.596  1.00 29.54 ? 81  GLU A CA  1 
ATOM   627  C  C   . GLU A 1 81  ? -3.096  9.968   11.078  1.00 26.77 ? 81  GLU A C   1 
ATOM   628  O  O   . GLU A 1 81  ? -3.472  9.422   12.116  1.00 27.24 ? 81  GLU A O   1 
ATOM   629  C  CB  . GLU A 1 81  ? -3.256  12.449  11.444  1.00 32.63 ? 81  GLU A CB  1 
ATOM   630  C  CG  . GLU A 1 81  ? -1.750  12.654  11.394  1.00 40.19 ? 81  GLU A CG  1 
ATOM   631  C  CD  . GLU A 1 81  ? -1.333  14.048  11.826  1.00 45.03 ? 81  GLU A CD  1 
ATOM   632  O  OE1 . GLU A 1 81  ? -1.658  14.444  12.968  1.00 48.26 ? 81  GLU A OE1 1 
ATOM   633  O  OE2 . GLU A 1 81  ? -0.679  14.747  11.019  1.00 47.32 ? 81  GLU A OE2 1 
ATOM   634  N  N   . ILE A 1 82  ? -2.125  9.483   10.309  1.00 24.08 ? 82  ILE A N   1 
ATOM   635  C  CA  . ILE A 1 82  ? -1.422  8.241   10.620  1.00 21.87 ? 82  ILE A CA  1 
ATOM   636  C  C   . ILE A 1 82  ? -0.059  8.516   11.247  1.00 21.05 ? 82  ILE A C   1 
ATOM   637  O  O   . ILE A 1 82  ? 0.689   9.373   10.780  1.00 19.81 ? 82  ILE A O   1 
ATOM   638  C  CB  . ILE A 1 82  ? -1.203  7.402   9.334   1.00 21.17 ? 82  ILE A CB  1 
ATOM   639  C  CG1 . ILE A 1 82  ? -2.548  7.107   8.665   1.00 20.70 ? 82  ILE A CG1 1 
ATOM   640  C  CG2 . ILE A 1 82  ? -0.463  6.110   9.670   1.00 21.20 ? 82  ILE A CG2 1 
ATOM   641  C  CD1 . ILE A 1 82  ? -2.424  6.695   7.207   1.00 20.12 ? 82  ILE A CD1 1 
ATOM   642  N  N   . THR A 1 83  ? 0.255   7.785   12.311  1.00 20.38 ? 83  THR A N   1 
ATOM   643  C  CA  . THR A 1 83  ? 1.535   7.926   12.992  1.00 20.94 ? 83  THR A CA  1 
ATOM   644  C  C   . THR A 1 83  ? 2.157   6.553   13.204  1.00 19.57 ? 83  THR A C   1 
ATOM   645  O  O   . THR A 1 83  ? 1.522   5.665   13.769  1.00 19.68 ? 83  THR A O   1 
ATOM   646  C  CB  . THR A 1 83  ? 1.378   8.592   14.377  1.00 22.28 ? 83  THR A CB  1 
ATOM   647  O  OG1 . THR A 1 83  ? 0.854   9.918   14.221  1.00 24.70 ? 83  THR A OG1 1 
ATOM   648  C  CG2 . THR A 1 83  ? 2.729   8.662   15.089  1.00 24.53 ? 83  THR A CG2 1 
ATOM   649  N  N   . CYS A 1 84  ? 3.389   6.376   12.733  1.00 18.85 ? 84  CYS A N   1 
ATOM   650  C  CA  . CYS A 1 84  ? 4.099   5.113   12.917  1.00 19.63 ? 84  CYS A CA  1 
ATOM   651  C  C   . CYS A 1 84  ? 4.832   5.208   14.250  1.00 19.17 ? 84  CYS A C   1 
ATOM   652  O  O   . CYS A 1 84  ? 5.517   6.193   14.512  1.00 20.43 ? 84  CYS A O   1 
ATOM   653  C  CB  . CYS A 1 84  ? 5.088   4.872   11.767  1.00 19.45 ? 84  CYS A CB  1 
ATOM   654  S  SG  . CYS A 1 84  ? 4.240   4.353   10.236  1.00 21.28 ? 84  CYS A SG  1 
ATOM   655  N  N   . ASN A 1 85  ? 4.667   4.193   15.093  1.00 18.17 ? 85  ASN A N   1 
ATOM   656  C  CA  . ASN A 1 85  ? 5.293   4.178   16.414  1.00 17.96 ? 85  ASN A CA  1 
ATOM   657  C  C   . ASN A 1 85  ? 6.814   4.161   16.311  1.00 18.47 ? 85  ASN A C   1 
ATOM   658  O  O   . ASN A 1 85  ? 7.380   3.360   15.574  1.00 17.44 ? 85  ASN A O   1 
ATOM   659  C  CB  . ASN A 1 85  ? 4.816   2.951   17.196  1.00 17.95 ? 85  ASN A CB  1 
ATOM   660  C  CG  . ASN A 1 85  ? 4.956   3.120   18.696  1.00 19.10 ? 85  ASN A CG  1 
ATOM   661  O  OD1 . ASN A 1 85  ? 3.967   3.101   19.427  1.00 25.68 ? 85  ASN A OD1 1 
ATOM   662  N  ND2 . ASN A 1 85  ? 6.177   3.290   19.161  1.00 17.15 ? 85  ASN A ND2 1 
ATOM   663  N  N   . SER A 1 86  ? 7.478   5.043   17.055  1.00 18.18 ? 86  SER A N   1 
ATOM   664  C  CA  . SER A 1 86  ? 8.940   5.094   17.025  1.00 18.18 ? 86  SER A CA  1 
ATOM   665  C  C   . SER A 1 86  ? 9.559   3.794   17.540  1.00 18.12 ? 86  SER A C   1 
ATOM   666  O  O   . SER A 1 86  ? 10.728  3.509   17.264  1.00 18.59 ? 86  SER A O   1 
ATOM   667  C  CB  . SER A 1 86  ? 9.457   6.272   17.867  1.00 19.13 ? 86  SER A CB  1 
ATOM   668  O  OG  . SER A 1 86  ? 9.119   6.114   19.237  1.00 20.08 ? 86  SER A OG  1 
ATOM   669  N  N   . LYS A 1 87  ? 8.765   3.008   18.270  1.00 17.08 ? 87  LYS A N   1 
ATOM   670  C  CA  . LYS A 1 87  ? 9.229   1.746   18.853  1.00 18.60 ? 87  LYS A CA  1 
ATOM   671  C  C   . LYS A 1 87  ? 9.293   0.580   17.870  1.00 17.34 ? 87  LYS A C   1 
ATOM   672  O  O   . LYS A 1 87  ? 9.764   -0.505  18.218  1.00 17.50 ? 87  LYS A O   1 
ATOM   673  C  CB  . LYS A 1 87  ? 8.336   1.341   20.029  1.00 20.70 ? 87  LYS A CB  1 
ATOM   674  C  CG  . LYS A 1 87  ? 8.205   2.372   21.139  1.00 25.20 ? 87  LYS A CG  1 
ATOM   675  C  CD  . LYS A 1 87  ? 9.435   2.451   21.991  1.00 24.30 ? 87  LYS A CD  1 
ATOM   676  C  CE  . LYS A 1 87  ? 9.198   3.319   23.219  1.00 25.50 ? 87  LYS A CE  1 
ATOM   677  N  NZ  . LYS A 1 87  ? 10.481  3.587   23.926  1.00 25.58 ? 87  LYS A NZ  1 
ATOM   678  N  N   . ASN A 1 88  ? 8.780   0.785   16.662  1.00 17.33 ? 88  ASN A N   1 
ATOM   679  C  CA  . ASN A 1 88  ? 8.840   -0.257  15.644  1.00 17.15 ? 88  ASN A CA  1 
ATOM   680  C  C   . ASN A 1 88  ? 10.323  -0.484  15.390  1.00 17.20 ? 88  ASN A C   1 
ATOM   681  O  O   . ASN A 1 88  ? 11.106  0.464   15.478  1.00 17.82 ? 88  ASN A O   1 
ATOM   682  C  CB  . ASN A 1 88  ? 8.199   0.215   14.334  1.00 17.25 ? 88  ASN A CB  1 
ATOM   683  C  CG  . ASN A 1 88  ? 6.685   0.291   14.405  1.00 17.68 ? 88  ASN A CG  1 
ATOM   684  O  OD1 . ASN A 1 88  ? 6.038   -0.505  15.088  1.00 17.98 ? 88  ASN A OD1 1 
ATOM   685  N  ND2 . ASN A 1 88  ? 6.108   1.240   13.671  1.00 20.30 ? 88  ASN A ND2 1 
ATOM   686  N  N   . ASN A 1 89  ? 10.730  -1.714  15.092  1.00 16.51 ? 89  ASN A N   1 
ATOM   687  C  CA  . ASN A 1 89  ? 12.140  -1.920  14.803  1.00 16.72 ? 89  ASN A CA  1 
ATOM   688  C  C   . ASN A 1 89  ? 12.390  -1.365  13.399  1.00 17.00 ? 89  ASN A C   1 
ATOM   689  O  O   . ASN A 1 89  ? 11.440  -1.081  12.668  1.00 16.81 ? 89  ASN A O   1 
ATOM   690  C  CB  . ASN A 1 89  ? 12.563  -3.404  14.964  1.00 14.59 ? 89  ASN A CB  1 
ATOM   691  C  CG  . ASN A 1 89  ? 11.918  -4.354  13.961  1.00 14.72 ? 89  ASN A CG  1 
ATOM   692  O  OD1 . ASN A 1 89  ? 11.368  -5.394  14.353  1.00 16.51 ? 89  ASN A OD1 1 
ATOM   693  N  ND2 . ASN A 1 89  ? 12.017  -4.040  12.675  1.00 14.74 ? 89  ASN A ND2 1 
ATOM   694  N  N   . ALA A 1 90  ? 13.659  -1.175  13.045  1.00 16.83 ? 90  ALA A N   1 
ATOM   695  C  CA  . ALA A 1 90  ? 14.035  -0.593  11.759  1.00 17.66 ? 90  ALA A CA  1 
ATOM   696  C  C   . ALA A 1 90  ? 13.298  -1.163  10.545  1.00 17.37 ? 90  ALA A C   1 
ATOM   697  O  O   . ALA A 1 90  ? 12.888  -0.415  9.663   1.00 18.43 ? 90  ALA A O   1 
ATOM   698  C  CB  . ALA A 1 90  ? 15.553  -0.718  11.558  1.00 18.58 ? 90  ALA A CB  1 
ATOM   699  N  N   . CYS A 1 91  ? 13.144  -2.481  10.496  1.00 18.36 ? 91  CYS A N   1 
ATOM   700  C  CA  . CYS A 1 91  ? 12.452  -3.114  9.380   1.00 18.51 ? 91  CYS A CA  1 
ATOM   701  C  C   . CYS A 1 91  ? 10.972  -2.769  9.414   1.00 17.79 ? 91  CYS A C   1 
ATOM   702  O  O   . CYS A 1 91  ? 10.394  -2.382  8.402   1.00 16.76 ? 91  CYS A O   1 
ATOM   703  C  CB  . CYS A 1 91  ? 12.647  -4.626  9.435   1.00 21.57 ? 91  CYS A CB  1 
ATOM   704  S  SG  . CYS A 1 91  ? 14.414  -5.053  9.453   1.00 26.11 ? 91  CYS A SG  1 
ATOM   705  N  N   . GLU A 1 92  ? 10.372  -2.910  10.591  1.00 16.81 ? 92  GLU A N   1 
ATOM   706  C  CA  . GLU A 1 92  ? 8.960   -2.596  10.784  1.00 17.09 ? 92  GLU A CA  1 
ATOM   707  C  C   . GLU A 1 92  ? 8.669   -1.127  10.485  1.00 16.33 ? 92  GLU A C   1 
ATOM   708  O  O   . GLU A 1 92  ? 7.629   -0.796  9.916   1.00 15.84 ? 92  GLU A O   1 
ATOM   709  C  CB  . GLU A 1 92  ? 8.555   -2.915  12.225  1.00 14.86 ? 92  GLU A CB  1 
ATOM   710  C  CG  . GLU A 1 92  ? 8.491   -4.403  12.527  1.00 14.78 ? 92  GLU A CG  1 
ATOM   711  C  CD  . GLU A 1 92  ? 8.411   -4.699  14.010  1.00 16.28 ? 92  GLU A CD  1 
ATOM   712  O  OE1 . GLU A 1 92  ? 8.128   -5.862  14.365  1.00 17.24 ? 92  GLU A OE1 1 
ATOM   713  O  OE2 . GLU A 1 92  ? 8.642   -3.777  14.823  1.00 16.68 ? 92  GLU A OE2 1 
ATOM   714  N  N   . ALA A 1 93  ? 9.585   -0.249  10.879  1.00 17.27 ? 93  ALA A N   1 
ATOM   715  C  CA  . ALA A 1 93  ? 9.415   1.187   10.656  1.00 17.58 ? 93  ALA A CA  1 
ATOM   716  C  C   . ALA A 1 93  ? 9.406   1.497   9.160   1.00 17.53 ? 93  ALA A C   1 
ATOM   717  O  O   . ALA A 1 93  ? 8.627   2.327   8.688   1.00 16.72 ? 93  ALA A O   1 
ATOM   718  C  CB  . ALA A 1 93  ? 10.539  1.962   11.343  1.00 16.13 ? 93  ALA A CB  1 
ATOM   719  N  N   . PHE A 1 94  ? 10.278  0.824   8.419   1.00 17.61 ? 94  PHE A N   1 
ATOM   720  C  CA  . PHE A 1 94  ? 10.357  1.029   6.981   1.00 18.32 ? 94  PHE A CA  1 
ATOM   721  C  C   . PHE A 1 94  ? 9.017   0.645   6.360   1.00 17.56 ? 94  PHE A C   1 
ATOM   722  O  O   . PHE A 1 94  ? 8.438   1.405   5.581   1.00 17.13 ? 94  PHE A O   1 
ATOM   723  C  CB  . PHE A 1 94  ? 11.467  0.165   6.382   1.00 19.91 ? 94  PHE A CB  1 
ATOM   724  C  CG  . PHE A 1 94  ? 11.950  0.648   5.046   1.00 26.11 ? 94  PHE A CG  1 
ATOM   725  C  CD1 . PHE A 1 94  ? 12.989  1.573   4.960   1.00 27.89 ? 94  PHE A CD1 1 
ATOM   726  C  CD2 . PHE A 1 94  ? 11.356  0.193   3.870   1.00 27.65 ? 94  PHE A CD2 1 
ATOM   727  C  CE1 . PHE A 1 94  ? 13.430  2.039   3.715   1.00 28.59 ? 94  PHE A CE1 1 
ATOM   728  C  CE2 . PHE A 1 94  ? 11.788  0.654   2.619   1.00 26.72 ? 94  PHE A CE2 1 
ATOM   729  C  CZ  . PHE A 1 94  ? 12.826  1.576   2.544   1.00 28.16 ? 94  PHE A CZ  1 
ATOM   730  N  N   . ILE A 1 95  ? 8.525   -0.537  6.714   1.00 16.50 ? 95  ILE A N   1 
ATOM   731  C  CA  . ILE A 1 95  ? 7.255   -1.020  6.191   1.00 16.75 ? 95  ILE A CA  1 
ATOM   732  C  C   . ILE A 1 95  ? 6.109   -0.094  6.595   1.00 16.60 ? 95  ILE A C   1 
ATOM   733  O  O   . ILE A 1 95  ? 5.273   0.268   5.766   1.00 15.77 ? 95  ILE A O   1 
ATOM   734  C  CB  . ILE A 1 95  ? 6.965   -2.460  6.688   1.00 15.87 ? 95  ILE A CB  1 
ATOM   735  C  CG1 . ILE A 1 95  ? 8.068   -3.407  6.197   1.00 16.51 ? 95  ILE A CG1 1 
ATOM   736  C  CG2 . ILE A 1 95  ? 5.610   -2.930  6.188   1.00 16.33 ? 95  ILE A CG2 1 
ATOM   737  C  CD1 . ILE A 1 95  ? 8.280   -3.381  4.676   1.00 17.48 ? 95  ILE A CD1 1 
ATOM   738  N  N   . CYS A 1 96  ? 6.073   0.295   7.866   1.00 15.92 ? 96  CYS A N   1 
ATOM   739  C  CA  . CYS A 1 96  ? 5.023   1.187   8.352   1.00 15.70 ? 96  CYS A CA  1 
ATOM   740  C  C   . CYS A 1 96  ? 5.014   2.490   7.552   1.00 16.48 ? 96  CYS A C   1 
ATOM   741  O  O   . CYS A 1 96  ? 3.954   3.001   7.178   1.00 15.87 ? 96  CYS A O   1 
ATOM   742  C  CB  . CYS A 1 96  ? 5.228   1.505   9.842   1.00 16.40 ? 96  CYS A CB  1 
ATOM   743  S  SG  . CYS A 1 96  ? 3.816   2.394   10.585  1.00 17.41 ? 96  CYS A SG  1 
ATOM   744  N  N   . ASN A 1 97  ? 6.195   3.031   7.283   1.00 16.11 ? 97  ASN A N   1 
ATOM   745  C  CA  . ASN A 1 97  ? 6.278   4.272   6.532   1.00 17.74 ? 97  ASN A CA  1 
ATOM   746  C  C   . ASN A 1 97  ? 5.890   4.097   5.067   1.00 17.57 ? 97  ASN A C   1 
ATOM   747  O  O   . ASN A 1 97  ? 5.348   5.018   4.453   1.00 18.02 ? 97  ASN A O   1 
ATOM   748  C  CB  . ASN A 1 97  ? 7.671   4.884   6.678   1.00 20.50 ? 97  ASN A CB  1 
ATOM   749  C  CG  . ASN A 1 97  ? 7.845   5.587   8.016   1.00 24.98 ? 97  ASN A CG  1 
ATOM   750  O  OD1 . ASN A 1 97  ? 7.117   6.535   8.329   1.00 27.79 ? 97  ASN A OD1 1 
ATOM   751  N  ND2 . ASN A 1 97  ? 8.795   5.118   8.816   1.00 26.83 ? 97  ASN A ND2 1 
ATOM   752  N  N   . CYS A 1 98  ? 6.157   2.919   4.505   1.00 17.25 ? 98  CYS A N   1 
ATOM   753  C  CA  . CYS A 1 98  ? 5.761   2.658   3.121   1.00 17.34 ? 98  CYS A CA  1 
ATOM   754  C  C   . CYS A 1 98  ? 4.237   2.690   3.091   1.00 17.41 ? 98  CYS A C   1 
ATOM   755  O  O   . CYS A 1 98  ? 3.625   3.328   2.231   1.00 16.46 ? 98  CYS A O   1 
ATOM   756  C  CB  . CYS A 1 98  ? 6.212   1.271   2.657   1.00 17.75 ? 98  CYS A CB  1 
ATOM   757  S  SG  . CYS A 1 98  ? 7.988   1.019   2.366   1.00 19.24 ? 98  CYS A SG  1 
ATOM   758  N  N   . ASP A 1 99  ? 3.633   1.980   4.042   1.00 16.46 ? 99  ASP A N   1 
ATOM   759  C  CA  . ASP A 1 99  ? 2.181   1.900   4.150   1.00 16.55 ? 99  ASP A CA  1 
ATOM   760  C  C   . ASP A 1 99  ? 1.543   3.269   4.351   1.00 16.30 ? 99  ASP A C   1 
ATOM   761  O  O   . ASP A 1 99  ? 0.560   3.613   3.685   1.00 15.68 ? 99  ASP A O   1 
ATOM   762  C  CB  . ASP A 1 99  ? 1.794   0.984   5.315   1.00 16.16 ? 99  ASP A CB  1 
ATOM   763  C  CG  . ASP A 1 99  ? 1.972   -0.488  4.989   1.00 16.75 ? 99  ASP A CG  1 
ATOM   764  O  OD1 . ASP A 1 99  ? 2.564   -0.800  3.930   1.00 17.09 ? 99  ASP A OD1 1 
ATOM   765  O  OD2 . ASP A 1 99  ? 1.518   -1.331  5.794   1.00 17.92 ? 99  ASP A OD2 1 
ATOM   766  N  N   . ARG A 1 100 ? 2.111   4.038   5.277   1.00 17.77 ? 100 ARG A N   1 
ATOM   767  C  CA  . ARG A 1 100 ? 1.614   5.368   5.596   1.00 18.50 ? 100 ARG A CA  1 
ATOM   768  C  C   . ARG A 1 100 ? 1.645   6.297   4.388   1.00 18.51 ? 100 ARG A C   1 
ATOM   769  O  O   . ARG A 1 100 ? 0.637   6.924   4.061   1.00 18.35 ? 100 ARG A O   1 
ATOM   770  C  CB  . ARG A 1 100 ? 2.435   5.976   6.737   1.00 19.16 ? 100 ARG A CB  1 
ATOM   771  C  CG  . ARG A 1 100 ? 2.077   7.417   7.053   1.00 21.41 ? 100 ARG A CG  1 
ATOM   772  C  CD  . ARG A 1 100 ? 2.809   7.934   8.283   1.00 24.84 ? 100 ARG A CD  1 
ATOM   773  N  NE  . ARG A 1 100 ? 2.370   9.289   8.610   1.00 27.80 ? 100 ARG A NE  1 
ATOM   774  C  CZ  . ARG A 1 100 ? 2.804   10.389  7.999   1.00 28.52 ? 100 ARG A CZ  1 
ATOM   775  N  NH1 . ARG A 1 100 ? 2.332   11.576  8.361   1.00 28.91 ? 100 ARG A NH1 1 
ATOM   776  N  NH2 . ARG A 1 100 ? 3.729   10.309  7.050   1.00 25.82 ? 100 ARG A NH2 1 
ATOM   777  N  N   . ASN A 1 101 ? 2.798   6.392   3.731   1.00 18.26 ? 101 ASN A N   1 
ATOM   778  C  CA  . ASN A 1 101 ? 2.920   7.253   2.559   1.00 18.78 ? 101 ASN A CA  1 
ATOM   779  C  C   . ASN A 1 101 ? 1.977   6.823   1.444   1.00 18.87 ? 101 ASN A C   1 
ATOM   780  O  O   . ASN A 1 101 ? 1.424   7.662   0.735   1.00 19.64 ? 101 ASN A O   1 
ATOM   781  C  CB  . ASN A 1 101 ? 4.361   7.272   2.040   1.00 20.33 ? 101 ASN A CB  1 
ATOM   782  C  CG  . ASN A 1 101 ? 5.261   8.184   2.853   1.00 22.56 ? 101 ASN A CG  1 
ATOM   783  O  OD1 . ASN A 1 101 ? 5.834   7.776   3.861   1.00 25.03 ? 101 ASN A OD1 1 
ATOM   784  N  ND2 . ASN A 1 101 ? 5.371   9.435   2.425   1.00 25.47 ? 101 ASN A ND2 1 
ATOM   785  N  N   . ALA A 1 102 ? 1.790   5.516   1.286   1.00 17.97 ? 102 ALA A N   1 
ATOM   786  C  CA  . ALA A 1 102 ? 0.890   5.018   0.256   1.00 17.81 ? 102 ALA A CA  1 
ATOM   787  C  C   . ALA A 1 102 ? -0.547  5.414   0.599   1.00 17.95 ? 102 ALA A C   1 
ATOM   788  O  O   . ALA A 1 102 ? -1.292  5.875   -0.266  1.00 16.18 ? 102 ALA A O   1 
ATOM   789  C  CB  . ALA A 1 102 ? 1.013   3.503   0.131   1.00 17.08 ? 102 ALA A CB  1 
ATOM   790  N  N   . ALA A 1 103 ? -0.934  5.245   1.863   1.00 17.64 ? 103 ALA A N   1 
ATOM   791  C  CA  . ALA A 1 103 ? -2.284  5.604   2.299   1.00 18.84 ? 103 ALA A CA  1 
ATOM   792  C  C   . ALA A 1 103 ? -2.543  7.091   2.038   1.00 18.79 ? 103 ALA A C   1 
ATOM   793  O  O   . ALA A 1 103 ? -3.610  7.473   1.555   1.00 18.83 ? 103 ALA A O   1 
ATOM   794  C  CB  . ALA A 1 103 ? -2.464  5.290   3.787   1.00 17.99 ? 103 ALA A CB  1 
ATOM   795  N  N   . ILE A 1 104 ? -1.562  7.929   2.361   1.00 19.09 ? 104 ILE A N   1 
ATOM   796  C  CA  . ILE A 1 104 ? -1.690  9.368   2.137   1.00 19.91 ? 104 ILE A CA  1 
ATOM   797  C  C   . ILE A 1 104 ? -1.809  9.626   0.638   1.00 20.56 ? 104 ILE A C   1 
ATOM   798  O  O   . ILE A 1 104 ? -2.632  10.428  0.193   1.00 20.91 ? 104 ILE A O   1 
ATOM   799  C  CB  . ILE A 1 104 ? -0.459  10.132  2.684   1.00 19.82 ? 104 ILE A CB  1 
ATOM   800  C  CG1 . ILE A 1 104 ? -0.418  10.022  4.212   1.00 20.10 ? 104 ILE A CG1 1 
ATOM   801  C  CG2 . ILE A 1 104 ? -0.518  11.601  2.263   1.00 18.86 ? 104 ILE A CG2 1 
ATOM   802  C  CD1 . ILE A 1 104 ? 0.810   10.655  4.847   1.00 20.83 ? 104 ILE A CD1 1 
ATOM   803  N  N   . CYS A 1 105 ? -0.980  8.932   -0.135  1.00 19.66 ? 105 CYS A N   1 
ATOM   804  C  CA  . CYS A 1 105 ? -0.975  9.062   -1.587  1.00 18.63 ? 105 CYS A CA  1 
ATOM   805  C  C   . CYS A 1 105 ? -2.355  8.704   -2.138  1.00 17.88 ? 105 CYS A C   1 
ATOM   806  O  O   . CYS A 1 105 ? -2.893  9.413   -2.993  1.00 16.95 ? 105 CYS A O   1 
ATOM   807  C  CB  . CYS A 1 105 ? 0.095   8.133   -2.172  1.00 18.82 ? 105 CYS A CB  1 
ATOM   808  S  SG  . CYS A 1 105 ? 0.534   8.330   -3.934  1.00 20.74 ? 105 CYS A SG  1 
ATOM   809  N  N   . PHE A 1 106 ? -2.931  7.609   -1.644  1.00 18.05 ? 106 PHE A N   1 
ATOM   810  C  CA  . PHE A 1 106 ? -4.254  7.174   -2.091  1.00 19.22 ? 106 PHE A CA  1 
ATOM   811  C  C   . PHE A 1 106 ? -5.313  8.237   -1.807  1.00 20.62 ? 106 PHE A C   1 
ATOM   812  O  O   . PHE A 1 106 ? -6.177  8.506   -2.642  1.00 20.57 ? 106 PHE A O   1 
ATOM   813  C  CB  . PHE A 1 106 ? -4.706  5.897   -1.371  1.00 18.40 ? 106 PHE A CB  1 
ATOM   814  C  CG  . PHE A 1 106 ? -3.859  4.685   -1.646  1.00 18.36 ? 106 PHE A CG  1 
ATOM   815  C  CD1 . PHE A 1 106 ? -3.076  4.591   -2.795  1.00 17.83 ? 106 PHE A CD1 1 
ATOM   816  C  CD2 . PHE A 1 106 ? -3.881  3.611   -0.760  1.00 18.08 ? 106 PHE A CD2 1 
ATOM   817  C  CE1 . PHE A 1 106 ? -2.327  3.441   -3.055  1.00 17.89 ? 106 PHE A CE1 1 
ATOM   818  C  CE2 . PHE A 1 106 ? -3.137  2.456   -1.010  1.00 18.51 ? 106 PHE A CE2 1 
ATOM   819  C  CZ  . PHE A 1 106 ? -2.358  2.371   -2.161  1.00 17.33 ? 106 PHE A CZ  1 
ATOM   820  N  N   . SER A 1 107 ? -5.242  8.820   -0.614  1.00 20.97 ? 107 SER A N   1 
ATOM   821  C  CA  . SER A 1 107 ? -6.206  9.824   -0.177  1.00 22.42 ? 107 SER A CA  1 
ATOM   822  C  C   . SER A 1 107 ? -6.275  11.067  -1.062  1.00 23.40 ? 107 SER A C   1 
ATOM   823  O  O   . SER A 1 107 ? -7.303  11.749  -1.095  1.00 24.81 ? 107 SER A O   1 
ATOM   824  C  CB  . SER A 1 107 ? -5.910  10.248  1.267   1.00 20.64 ? 107 SER A CB  1 
ATOM   825  O  OG  . SER A 1 107 ? -4.805  11.141  1.330   1.00 21.91 ? 107 SER A OG  1 
ATOM   826  N  N   . LYS A 1 108 ? -5.197  11.358  -1.783  1.00 24.30 ? 108 LYS A N   1 
ATOM   827  C  CA  . LYS A 1 108 ? -5.164  12.540  -2.641  1.00 25.88 ? 108 LYS A CA  1 
ATOM   828  C  C   . LYS A 1 108 ? -5.332  12.246  -4.130  1.00 26.07 ? 108 LYS A C   1 
ATOM   829  O  O   . LYS A 1 108 ? -5.590  13.156  -4.919  1.00 26.98 ? 108 LYS A O   1 
ATOM   830  C  CB  . LYS A 1 108 ? -3.857  13.304  -2.422  1.00 28.60 ? 108 LYS A CB  1 
ATOM   831  C  CG  . LYS A 1 108 ? -3.645  13.770  -0.987  1.00 30.60 ? 108 LYS A CG  1 
ATOM   832  C  CD  . LYS A 1 108 ? -2.259  14.370  -0.799  1.00 33.57 ? 108 LYS A CD  1 
ATOM   833  C  CE  . LYS A 1 108 ? -1.165  13.340  -1.064  1.00 36.08 ? 108 LYS A CE  1 
ATOM   834  N  NZ  . LYS A 1 108 ? 0.206   13.921  -0.956  1.00 37.32 ? 108 LYS A NZ  1 
ATOM   835  N  N   . ALA A 1 109 ? -5.198  10.983  -4.517  1.00 24.86 ? 109 ALA A N   1 
ATOM   836  C  CA  . ALA A 1 109 ? -5.318  10.611  -5.922  1.00 25.44 ? 109 ALA A CA  1 
ATOM   837  C  C   . ALA A 1 109 ? -6.759  10.435  -6.379  1.00 25.57 ? 109 ALA A C   1 
ATOM   838  O  O   . ALA A 1 109 ? -7.609  9.962   -5.627  1.00 26.18 ? 109 ALA A O   1 
ATOM   839  C  CB  . ALA A 1 109 ? -4.534  9.323   -6.190  1.00 23.99 ? 109 ALA A CB  1 
ATOM   840  N  N   . PRO A 1 110 ? -7.056  10.833  -7.625  1.00 26.51 ? 110 PRO A N   1 
ATOM   841  C  CA  . PRO A 1 110 ? -8.415  10.687  -8.144  1.00 27.04 ? 110 PRO A CA  1 
ATOM   842  C  C   . PRO A 1 110 ? -8.682  9.202   -8.374  1.00 27.52 ? 110 PRO A C   1 
ATOM   843  O  O   . PRO A 1 110 ? -7.761  8.443   -8.690  1.00 27.60 ? 110 PRO A O   1 
ATOM   844  C  CB  . PRO A 1 110 ? -8.366  11.459  -9.463  1.00 27.14 ? 110 PRO A CB  1 
ATOM   845  C  CG  . PRO A 1 110 ? -7.303  12.480  -9.229  1.00 27.48 ? 110 PRO A CG  1 
ATOM   846  C  CD  . PRO A 1 110 ? -6.246  11.673  -8.521  1.00 26.73 ? 110 PRO A CD  1 
ATOM   847  N  N   . TYR A 1 111 ? -9.930  8.786   -8.206  1.00 27.54 ? 111 TYR A N   1 
ATOM   848  C  CA  . TYR A 1 111 ? -10.285 7.395   -8.431  1.00 27.57 ? 111 TYR A CA  1 
ATOM   849  C  C   . TYR A 1 111 ? -11.043 7.276   -9.751  1.00 28.54 ? 111 TYR A C   1 
ATOM   850  O  O   . TYR A 1 111 ? -12.113 7.860   -9.922  1.00 28.76 ? 111 TYR A O   1 
ATOM   851  C  CB  . TYR A 1 111 ? -11.127 6.860   -7.270  1.00 27.96 ? 111 TYR A CB  1 
ATOM   852  C  CG  . TYR A 1 111 ? -11.732 5.500   -7.535  1.00 28.27 ? 111 TYR A CG  1 
ATOM   853  C  CD1 . TYR A 1 111 ? -13.028 5.380   -8.033  1.00 28.69 ? 111 TYR A CD1 1 
ATOM   854  C  CD2 . TYR A 1 111 ? -11.000 4.334   -7.319  1.00 28.28 ? 111 TYR A CD2 1 
ATOM   855  C  CE1 . TYR A 1 111 ? -13.581 4.136   -8.312  1.00 29.22 ? 111 TYR A CE1 1 
ATOM   856  C  CE2 . TYR A 1 111 ? -11.542 3.082   -7.595  1.00 29.73 ? 111 TYR A CE2 1 
ATOM   857  C  CZ  . TYR A 1 111 ? -12.834 2.992   -8.092  1.00 29.37 ? 111 TYR A CZ  1 
ATOM   858  O  OH  . TYR A 1 111 ? -13.383 1.761   -8.363  1.00 29.59 ? 111 TYR A OH  1 
ATOM   859  N  N   . ASN A 1 112 ? -10.469 6.528   -10.686 1.00 28.10 ? 112 ASN A N   1 
ATOM   860  C  CA  . ASN A 1 112 ? -11.070 6.325   -11.998 1.00 28.94 ? 112 ASN A CA  1 
ATOM   861  C  C   . ASN A 1 112 ? -11.643 4.913   -12.088 1.00 29.26 ? 112 ASN A C   1 
ATOM   862  O  O   . ASN A 1 112 ? -10.905 3.945   -12.275 1.00 28.18 ? 112 ASN A O   1 
ATOM   863  C  CB  . ASN A 1 112 ? -10.012 6.538   -13.087 1.00 29.42 ? 112 ASN A CB  1 
ATOM   864  C  CG  . ASN A 1 112 ? -9.369  7.915   -13.014 1.00 31.17 ? 112 ASN A CG  1 
ATOM   865  O  OD1 . ASN A 1 112 ? -10.054 8.936   -13.085 1.00 31.54 ? 112 ASN A OD1 1 
ATOM   866  N  ND2 . ASN A 1 112 ? -8.045  7.947   -12.873 1.00 29.68 ? 112 ASN A ND2 1 
ATOM   867  N  N   . LYS A 1 113 ? -12.964 4.805   -11.958 1.00 29.86 ? 113 LYS A N   1 
ATOM   868  C  CA  . LYS A 1 113 ? -13.650 3.514   -11.994 1.00 30.67 ? 113 LYS A CA  1 
ATOM   869  C  C   . LYS A 1 113 ? -13.286 2.646   -13.195 1.00 29.52 ? 113 LYS A C   1 
ATOM   870  O  O   . LYS A 1 113 ? -13.291 1.420   -13.100 1.00 29.31 ? 113 LYS A O   1 
ATOM   871  C  CB  . LYS A 1 113 ? -15.169 3.714   -11.978 1.00 32.72 ? 113 LYS A CB  1 
ATOM   872  C  CG  . LYS A 1 113 ? -15.723 4.276   -13.278 1.00 36.01 ? 113 LYS A CG  1 
ATOM   873  C  CD  . LYS A 1 113 ? -17.238 4.191   -13.329 1.00 39.43 ? 113 LYS A CD  1 
ATOM   874  C  CE  . LYS A 1 113 ? -17.762 4.640   -14.687 1.00 41.32 ? 113 LYS A CE  1 
ATOM   875  N  NZ  . LYS A 1 113 ? -19.244 4.504   -14.792 1.00 42.01 ? 113 LYS A NZ  1 
ATOM   876  N  N   . GLU A 1 114 ? -12.977 3.279   -14.323 1.00 29.11 ? 114 GLU A N   1 
ATOM   877  C  CA  . GLU A 1 114 ? -12.627 2.545   -15.535 1.00 28.97 ? 114 GLU A CA  1 
ATOM   878  C  C   . GLU A 1 114 ? -11.356 1.721   -15.342 1.00 27.53 ? 114 GLU A C   1 
ATOM   879  O  O   . GLU A 1 114 ? -11.085 0.791   -16.103 1.00 27.18 ? 114 GLU A O   1 
ATOM   880  C  CB  . GLU A 1 114 ? -12.423 3.508   -16.710 1.00 32.00 ? 114 GLU A CB  1 
ATOM   881  C  CG  . GLU A 1 114 ? -13.403 4.671   -16.744 1.00 37.32 ? 114 GLU A CG  1 
ATOM   882  C  CD  . GLU A 1 114 ? -12.916 5.867   -15.940 1.00 39.37 ? 114 GLU A CD  1 
ATOM   883  O  OE1 . GLU A 1 114 ? -12.546 5.692   -14.762 1.00 40.49 ? 114 GLU A OE1 1 
ATOM   884  O  OE2 . GLU A 1 114 ? -12.905 6.989   -16.491 1.00 43.34 ? 114 GLU A OE2 1 
ATOM   885  N  N   . HIS A 1 115 ? -10.581 2.061   -14.319 1.00 25.14 ? 115 HIS A N   1 
ATOM   886  C  CA  . HIS A 1 115 ? -9.338  1.353   -14.056 1.00 24.07 ? 115 HIS A CA  1 
ATOM   887  C  C   . HIS A 1 115 ? -9.475  0.231   -13.032 1.00 23.44 ? 115 HIS A C   1 
ATOM   888  O  O   . HIS A 1 115 ? -8.507  -0.465  -12.738 1.00 23.08 ? 115 HIS A O   1 
ATOM   889  C  CB  . HIS A 1 115 ? -8.263  2.354   -13.631 1.00 24.14 ? 115 HIS A CB  1 
ATOM   890  C  CG  . HIS A 1 115 ? -7.840  3.274   -14.735 1.00 24.01 ? 115 HIS A CG  1 
ATOM   891  N  ND1 . HIS A 1 115 ? -7.250  4.499   -14.505 1.00 23.30 ? 115 HIS A ND1 1 
ATOM   892  C  CD2 . HIS A 1 115 ? -7.927  3.147   -16.081 1.00 25.59 ? 115 HIS A CD2 1 
ATOM   893  C  CE1 . HIS A 1 115 ? -6.994  5.087   -15.661 1.00 25.13 ? 115 HIS A CE1 1 
ATOM   894  N  NE2 . HIS A 1 115 ? -7.396  4.288   -16.633 1.00 24.48 ? 115 HIS A NE2 1 
ATOM   895  N  N   . LYS A 1 116 ? -10.680 0.052   -12.498 1.00 22.26 ? 116 LYS A N   1 
ATOM   896  C  CA  . LYS A 1 116 ? -10.926 -1.011  -11.528 1.00 23.18 ? 116 LYS A CA  1 
ATOM   897  C  C   . LYS A 1 116 ? -10.959 -2.335  -12.279 1.00 22.77 ? 116 LYS A C   1 
ATOM   898  O  O   . LYS A 1 116 ? -11.625 -2.449  -13.309 1.00 21.27 ? 116 LYS A O   1 
ATOM   899  C  CB  . LYS A 1 116 ? -12.263 -0.794  -10.814 1.00 24.10 ? 116 LYS A CB  1 
ATOM   900  C  CG  . LYS A 1 116 ? -12.597 -1.888  -9.803  1.00 27.76 ? 116 LYS A CG  1 
ATOM   901  C  CD  . LYS A 1 116 ? -13.965 -1.681  -9.171  1.00 30.64 ? 116 LYS A CD  1 
ATOM   902  C  CE  . LYS A 1 116 ? -15.073 -1.815  -10.202 1.00 34.14 ? 116 LYS A CE  1 
ATOM   903  N  NZ  . LYS A 1 116 ? -16.420 -1.635  -9.593  1.00 37.91 ? 116 LYS A NZ  1 
ATOM   904  N  N   . ASN A 1 117 ? -10.249 -3.332  -11.759 1.00 22.52 ? 117 ASN A N   1 
ATOM   905  C  CA  . ASN A 1 117 ? -10.183 -4.649  -12.389 1.00 24.35 ? 117 ASN A CA  1 
ATOM   906  C  C   . ASN A 1 117 ? -9.875  -4.518  -13.880 1.00 25.37 ? 117 ASN A C   1 
ATOM   907  O  O   . ASN A 1 117 ? -10.569 -5.069  -14.734 1.00 24.76 ? 117 ASN A O   1 
ATOM   908  C  CB  . ASN A 1 117 ? -11.495 -5.412  -12.178 1.00 24.96 ? 117 ASN A CB  1 
ATOM   909  C  CG  . ASN A 1 117 ? -11.733 -5.752  -10.721 1.00 26.54 ? 117 ASN A CG  1 
ATOM   910  O  OD1 . ASN A 1 117 ? -10.819 -6.188  -10.021 1.00 25.68 ? 117 ASN A OD1 1 
ATOM   911  N  ND2 . ASN A 1 117 ? -12.965 -5.562  -10.258 1.00 25.64 ? 117 ASN A ND2 1 
ATOM   912  N  N   . LEU A 1 118 ? -8.812  -3.778  -14.167 1.00 25.15 ? 118 LEU A N   1 
ATOM   913  C  CA  . LEU A 1 118 ? -8.357  -3.526  -15.528 1.00 27.03 ? 118 LEU A CA  1 
ATOM   914  C  C   . LEU A 1 118 ? -7.873  -4.804  -16.220 1.00 27.08 ? 118 LEU A C   1 
ATOM   915  O  O   . LEU A 1 118 ? -7.410  -5.739  -15.567 1.00 26.70 ? 118 LEU A O   1 
ATOM   916  C  CB  . LEU A 1 118 ? -7.213  -2.508  -15.483 1.00 27.79 ? 118 LEU A CB  1 
ATOM   917  C  CG  . LEU A 1 118 ? -6.624  -1.971  -16.785 1.00 29.11 ? 118 LEU A CG  1 
ATOM   918  C  CD1 . LEU A 1 118 ? -7.658  -1.110  -17.497 1.00 30.90 ? 118 LEU A CD1 1 
ATOM   919  C  CD2 . LEU A 1 118 ? -5.384  -1.150  -16.473 1.00 29.55 ? 118 LEU A CD2 1 
ATOM   920  N  N   . ASP A 1 119 ? -7.984  -4.837  -17.544 1.00 27.75 ? 119 ASP A N   1 
ATOM   921  C  CA  . ASP A 1 119 ? -7.515  -5.982  -18.317 1.00 28.96 ? 119 ASP A CA  1 
ATOM   922  C  C   . ASP A 1 119 ? -6.000  -5.786  -18.402 1.00 28.48 ? 119 ASP A C   1 
ATOM   923  O  O   . ASP A 1 119 ? -5.489  -5.234  -19.376 1.00 27.46 ? 119 ASP A O   1 
ATOM   924  C  CB  . ASP A 1 119 ? -8.121  -5.961  -19.724 1.00 29.79 ? 119 ASP A CB  1 
ATOM   925  C  CG  . ASP A 1 119 ? -7.809  -7.219  -20.515 1.00 31.61 ? 119 ASP A CG  1 
ATOM   926  O  OD1 . ASP A 1 119 ? -6.719  -7.800  -20.326 1.00 32.09 ? 119 ASP A OD1 1 
ATOM   927  O  OD2 . ASP A 1 119 ? -8.653  -7.623  -21.341 1.00 34.08 ? 119 ASP A OD2 1 
ATOM   928  N  N   . THR A 1 120 ? -5.295  -6.236  -17.368 1.00 29.20 ? 120 THR A N   1 
ATOM   929  C  CA  . THR A 1 120 ? -3.845  -6.080  -17.280 1.00 29.66 ? 120 THR A CA  1 
ATOM   930  C  C   . THR A 1 120 ? -3.031  -6.728  -18.397 1.00 30.72 ? 120 THR A C   1 
ATOM   931  O  O   . THR A 1 120 ? -1.982  -6.209  -18.783 1.00 29.67 ? 120 THR A O   1 
ATOM   932  C  CB  . THR A 1 120 ? -3.317  -6.601  -15.924 1.00 29.19 ? 120 THR A CB  1 
ATOM   933  O  OG1 . THR A 1 120 ? -3.621  -7.994  -15.787 1.00 30.94 ? 120 THR A OG1 1 
ATOM   934  C  CG2 . THR A 1 120 ? -3.958  -5.834  -14.780 1.00 28.62 ? 120 THR A CG2 1 
ATOM   935  N  N   . LYS A 1 121 ? -3.501  -7.856  -18.914 1.00 31.24 ? 121 LYS A N   1 
ATOM   936  C  CA  . LYS A 1 121 ? -2.777  -8.533  -19.978 1.00 32.78 ? 121 LYS A CA  1 
ATOM   937  C  C   . LYS A 1 121 ? -2.772  -7.697  -21.252 1.00 32.65 ? 121 LYS A C   1 
ATOM   938  O  O   . LYS A 1 121 ? -1.922  -7.879  -22.124 1.00 33.03 ? 121 LYS A O   1 
ATOM   939  C  CB  . LYS A 1 121 ? -3.400  -9.902  -20.253 1.00 34.42 ? 121 LYS A CB  1 
ATOM   940  C  CG  . LYS A 1 121 ? -3.321  -10.849 -19.065 1.00 37.86 ? 121 LYS A CG  1 
ATOM   941  C  CD  . LYS A 1 121 ? -3.934  -12.203 -19.382 1.00 40.56 ? 121 LYS A CD  1 
ATOM   942  C  CE  . LYS A 1 121 ? -3.908  -13.110 -18.160 1.00 42.41 ? 121 LYS A CE  1 
ATOM   943  N  NZ  . LYS A 1 121 ? -4.541  -14.431 -18.431 1.00 44.15 ? 121 LYS A NZ  1 
ATOM   944  N  N   . LYS A 1 122 ? -3.710  -6.764  -21.344 1.00 32.23 ? 122 LYS A N   1 
ATOM   945  C  CA  . LYS A 1 122 ? -3.819  -5.919  -22.521 1.00 31.96 ? 122 LYS A CA  1 
ATOM   946  C  C   . LYS A 1 122 ? -3.301  -4.493  -22.343 1.00 31.01 ? 122 LYS A C   1 
ATOM   947  O  O   . LYS A 1 122 ? -2.699  -3.934  -23.260 1.00 30.37 ? 122 LYS A O   1 
ATOM   948  C  CB  . LYS A 1 122 ? -5.279  -5.873  -22.977 1.00 34.56 ? 122 LYS A CB  1 
ATOM   949  C  CG  . LYS A 1 122 ? -5.529  -5.024  -24.212 1.00 37.93 ? 122 LYS A CG  1 
ATOM   950  C  CD  . LYS A 1 122 ? -6.986  -5.095  -24.658 1.00 40.09 ? 122 LYS A CD  1 
ATOM   951  C  CE  . LYS A 1 122 ? -7.353  -6.469  -25.206 1.00 42.80 ? 122 LYS A CE  1 
ATOM   952  N  NZ  . LYS A 1 122 ? -7.305  -7.548  -24.178 1.00 44.41 ? 122 LYS A NZ  1 
ATOM   953  N  N   . TYR A 1 123 ? -3.514  -3.913  -21.165 1.00 28.76 ? 123 TYR A N   1 
ATOM   954  C  CA  . TYR A 1 123 ? -3.107  -2.534  -20.918 1.00 26.99 ? 123 TYR A CA  1 
ATOM   955  C  C   . TYR A 1 123 ? -1.940  -2.304  -19.966 1.00 24.87 ? 123 TYR A C   1 
ATOM   956  O  O   . TYR A 1 123 ? -1.620  -1.156  -19.645 1.00 23.34 ? 123 TYR A O   1 
ATOM   957  C  CB  . TYR A 1 123 ? -4.318  -1.749  -20.418 1.00 29.34 ? 123 TYR A CB  1 
ATOM   958  C  CG  . TYR A 1 123 ? -5.503  -1.852  -21.347 1.00 33.18 ? 123 TYR A CG  1 
ATOM   959  C  CD1 . TYR A 1 123 ? -5.433  -1.360  -22.651 1.00 34.96 ? 123 TYR A CD1 1 
ATOM   960  C  CD2 . TYR A 1 123 ? -6.686  -2.463  -20.934 1.00 34.49 ? 123 TYR A CD2 1 
ATOM   961  C  CE1 . TYR A 1 123 ? -6.513  -1.473  -23.522 1.00 36.44 ? 123 TYR A CE1 1 
ATOM   962  C  CE2 . TYR A 1 123 ? -7.772  -2.583  -21.798 1.00 36.42 ? 123 TYR A CE2 1 
ATOM   963  C  CZ  . TYR A 1 123 ? -7.677  -2.085  -23.089 1.00 36.74 ? 123 TYR A CZ  1 
ATOM   964  O  OH  . TYR A 1 123 ? -8.747  -2.198  -23.947 1.00 39.05 ? 123 TYR A OH  1 
ATOM   965  N  N   . CYS A 1 124 ? -1.299  -3.374  -19.512 1.00 22.55 ? 124 CYS A N   1 
ATOM   966  C  CA  . CYS A 1 124 ? -0.182  -3.212  -18.593 1.00 21.80 ? 124 CYS A CA  1 
ATOM   967  C  C   . CYS A 1 124 ? 1.130   -3.766  -19.129 1.00 21.15 ? 124 CYS A C   1 
ATOM   968  O  O   . CYS A 1 124 ? 1.746   -3.078  -19.970 1.00 23.03 ? 124 CYS A O   1 
ATOM   969  C  CB  . CYS A 1 124 ? -0.519  -3.872  -17.258 1.00 20.49 ? 124 CYS A CB  1 
ATOM   970  S  SG  . CYS A 1 124 ? -1.974  -3.137  -16.448 1.00 19.06 ? 124 CYS A SG  1 
ATOM   971  O  OXT . CYS A 1 124 ? 1.521   -4.873  -18.709 1.00 21.78 ? 124 CYS A OXT 1 
HETATM 972  CA CA  . CA  B 2 .   ? 1.197   -4.309  -6.731  1.00 44.07 ? 252 CA  A CA  1 
HETATM 973  CA CA  . CA  C 2 .   ? 6.478   -7.393  13.610  0.50 6.02  ? 253 CA  A CA  1 
HETATM 974  C  C   . GCH D 3 .   ? -5.847  -5.007  -0.396  1.00 21.46 ? 254 GCH A C   1 
HETATM 975  O  O   . GCH D 3 .   ? -6.906  -5.553  0.416   1.00 23.25 ? 254 GCH A O   1 
HETATM 976  C  C1  . GCH D 3 .   ? -6.402  -4.807  -1.875  1.00 20.64 ? 254 GCH A C1  1 
HETATM 977  C  C2  . GCH D 3 .   ? -5.270  -4.174  -2.850  1.00 19.96 ? 254 GCH A C2  1 
HETATM 978  C  C3  . GCH D 3 .   ? -4.716  -2.748  -2.178  1.00 20.70 ? 254 GCH A C3  1 
HETATM 979  C  C4  . GCH D 3 .   ? -4.186  -3.062  -0.681  1.00 20.45 ? 254 GCH A C4  1 
HETATM 980  C  C5  . GCH D 3 .   ? -5.365  -3.652  0.239   1.00 20.84 ? 254 GCH A C5  1 
HETATM 981  C  C6  . GCH D 3 .   ? -3.345  -2.243  -2.892  1.00 21.27 ? 254 GCH A C6  1 
HETATM 982  C  C7  . GCH D 3 .   ? -5.806  -3.912  -4.363  1.00 18.64 ? 254 GCH A C7  1 
HETATM 983  C  C8  . GCH D 3 .   ? -6.946  -2.791  -4.436  1.00 18.97 ? 254 GCH A C8  1 
HETATM 984  O  O1  . GCH D 3 .   ? -8.256  -3.152  -3.829  1.00 21.01 ? 254 GCH A O1  1 
HETATM 985  C  C9  . GCH D 3 .   ? -6.463  -1.382  -3.767  1.00 19.88 ? 254 GCH A C9  1 
HETATM 986  C  C10 . GCH D 3 .   ? -5.988  -1.638  -2.192  1.00 19.55 ? 254 GCH A C10 1 
HETATM 987  C  C11 . GCH D 3 .   ? -5.529  -0.151  -1.533  1.00 19.75 ? 254 GCH A C11 1 
HETATM 988  C  C12 . GCH D 3 .   ? -6.832  0.763   -1.636  1.00 20.87 ? 254 GCH A C12 1 
HETATM 989  C  C13 . GCH D 3 .   ? -7.282  1.099   -3.253  1.00 21.88 ? 254 GCH A C13 1 
HETATM 990  C  C14 . GCH D 3 .   ? -7.704  -0.272  -3.858  1.00 20.99 ? 254 GCH A C14 1 
HETATM 991  C  C15 . GCH D 3 .   ? -8.185  0.078   -5.345  1.00 21.04 ? 254 GCH A C15 1 
HETATM 992  C  C16 . GCH D 3 .   ? -8.775  1.583   -5.121  1.00 22.82 ? 254 GCH A C16 1 
HETATM 993  C  C17 . GCH D 3 .   ? -8.555  1.910   -3.514  1.00 24.08 ? 254 GCH A C17 1 
HETATM 994  C  C18 . GCH D 3 .   ? -8.484  3.526   -3.059  1.00 27.23 ? 254 GCH A C18 1 
HETATM 995  C  C19 . GCH D 3 .   ? -8.247  4.001   -1.591  1.00 28.37 ? 254 GCH A C19 1 
HETATM 996  C  C20 . GCH D 3 .   ? -9.855  4.252   -3.462  1.00 31.36 ? 254 GCH A C20 1 
HETATM 997  C  C21 . GCH D 3 .   ? -11.357 3.724   -3.260  1.00 38.18 ? 254 GCH A C21 1 
HETATM 998  C  C22 . GCH D 3 .   ? -12.500 4.521   -3.711  1.00 41.36 ? 254 GCH A C22 1 
HETATM 999  N  N   . GCH D 3 .   ? -12.482 5.794   -3.830  1.00 44.08 ? 254 GCH A N   1 
HETATM 1000 C  CA  . GCH D 3 .   ? -13.638 6.619   -4.291  1.00 48.82 ? 254 GCH A CA  1 
HETATM 1001 O  O2  . GCH D 3 .   ? -13.600 3.752   -4.002  1.00 43.35 ? 254 GCH A O2  1 
HETATM 1002 C  C23 . GCH D 3 .   ? -5.861  1.788   -3.904  1.00 21.62 ? 254 GCH A C23 1 
HETATM 1003 O  O3  . GCH D 3 .   ? -7.960  0.160   -0.883  1.00 20.15 ? 254 GCH A O3  1 
HETATM 1004 C  C24 . GCH D 3 .   ? -13.447 8.093   -4.188  1.00 51.12 ? 254 GCH A C24 1 
HETATM 1005 O  O4  . GCH D 3 .   ? -12.507 8.619   -4.833  1.00 53.16 ? 254 GCH A O4  1 
HETATM 1006 O  O5  . GCH D 3 .   ? -14.228 8.769   -3.462  1.00 52.92 ? 254 GCH A O5  1 
HETATM 1007 O  O   . HOH E 4 .   ? -2.069  -9.040  7.428   1.00 17.22 ? 255 HOH A O   1 
HETATM 1008 O  O   . HOH E 4 .   ? -4.214  -10.742 7.475   1.00 21.82 ? 256 HOH A O   1 
HETATM 1009 O  O   . HOH E 4 .   ? 2.127   -3.931  5.943   1.00 15.81 ? 257 HOH A O   1 
HETATM 1010 O  O   . HOH E 4 .   ? -8.704  -7.217  8.780   1.00 27.37 ? 258 HOH A O   1 
HETATM 1011 O  O   . HOH E 4 .   ? -7.994  -3.932  8.813   1.00 24.90 ? 259 HOH A O   1 
HETATM 1012 O  O   . HOH E 4 .   ? -7.968  -1.389  1.530   1.00 18.16 ? 260 HOH A O   1 
HETATM 1013 O  O   . HOH E 4 .   ? -8.682  2.639   10.704  1.00 29.36 ? 261 HOH A O   1 
HETATM 1014 O  O   . HOH E 4 .   ? -1.417  10.925  8.002   1.00 24.80 ? 262 HOH A O   1 
HETATM 1015 O  O   . HOH E 4 .   ? -10.609 1.237   -0.191  1.00 24.30 ? 263 HOH A O   1 
HETATM 1016 O  O   . HOH E 4 .   ? -9.474  -2.140  -1.496  1.00 21.55 ? 264 HOH A O   1 
HETATM 1017 O  O   . HOH E 4 .   ? -18.364 -2.033  0.347   1.00 38.75 ? 265 HOH A O   1 
HETATM 1018 O  O   . HOH E 4 .   ? 11.360  3.480   -0.945  1.00 42.99 ? 266 HOH A O   1 
HETATM 1019 O  O   . HOH E 4 .   ? -9.051  -0.407  3.774   1.00 21.99 ? 267 HOH A O   1 
HETATM 1020 O  O   . HOH E 4 .   ? -10.594 8.269   10.076  1.00 34.74 ? 268 HOH A O   1 
HETATM 1021 O  O   . HOH E 4 .   ? -6.870  -3.731  -12.097 1.00 20.89 ? 269 HOH A O   1 
HETATM 1022 O  O   . HOH E 4 .   ? -7.109  -6.602  -12.902 1.00 25.56 ? 270 HOH A O   1 
HETATM 1023 O  O   . HOH E 4 .   ? -0.449  -5.792  -13.973 1.00 23.48 ? 271 HOH A O   1 
HETATM 1024 O  O   . HOH E 4 .   ? -15.051 -5.048  -11.968 1.00 34.25 ? 272 HOH A O   1 
HETATM 1025 O  O   . HOH E 4 .   ? 3.175   -3.555  -2.321  1.00 23.92 ? 273 HOH A O   1 
HETATM 1026 O  O   . HOH E 4 .   ? 1.941   -6.055  -4.565  1.00 36.76 ? 274 HOH A O   1 
HETATM 1027 O  O   . HOH E 4 .   ? 2.188   -0.384  -19.366 1.00 20.29 ? 275 HOH A O   1 
HETATM 1028 O  O   . HOH E 4 .   ? -0.023  1.007   -18.687 1.00 18.62 ? 276 HOH A O   1 
HETATM 1029 O  O   . HOH E 4 .   ? -0.607  3.747   -18.773 1.00 23.11 ? 277 HOH A O   1 
HETATM 1030 O  O   . HOH E 4 .   ? 1.830   6.823   -15.538 1.00 27.18 ? 278 HOH A O   1 
HETATM 1031 O  O   . HOH E 4 .   ? 3.736   -6.038  -19.476 1.00 17.42 ? 279 HOH A O   1 
HETATM 1032 O  O   . HOH E 4 .   ? -4.899  10.427  -11.912 1.00 30.38 ? 280 HOH A O   1 
HETATM 1033 O  O   . HOH E 4 .   ? -5.572  8.391   -10.269 1.00 20.82 ? 281 HOH A O   1 
HETATM 1034 O  O   . HOH E 4 .   ? -2.975  14.946  -6.445  1.00 47.00 ? 282 HOH A O   1 
HETATM 1035 O  O   . HOH E 4 .   ? 1.174   8.974   -7.371  1.00 23.62 ? 283 HOH A O   1 
HETATM 1036 O  O   . HOH E 4 .   ? 18.435  -10.128 4.653   1.00 46.22 ? 284 HOH A O   1 
HETATM 1037 O  O   . HOH E 4 .   ? 18.529  -8.928  1.321   1.00 39.46 ? 285 HOH A O   1 
HETATM 1038 O  O   . HOH E 4 .   ? 7.869   -10.933 8.567   1.00 22.53 ? 286 HOH A O   1 
HETATM 1039 O  O   . HOH E 4 .   ? 7.830   -10.468 11.462  1.00 19.27 ? 287 HOH A O   1 
HETATM 1040 O  O   . HOH E 4 .   ? 12.863  -11.184 3.356   1.00 37.11 ? 288 HOH A O   1 
HETATM 1041 O  O   . HOH E 4 .   ? 4.941   -5.713  -2.621  1.00 33.86 ? 289 HOH A O   1 
HETATM 1042 O  O   . HOH E 4 .   ? -0.629  -8.197  13.409  1.00 20.12 ? 290 HOH A O   1 
HETATM 1043 O  O   . HOH E 4 .   ? -0.873  -0.696  15.832  1.00 18.92 ? 291 HOH A O   1 
HETATM 1044 O  O   . HOH E 4 .   ? -5.215  3.847   16.356  1.00 30.59 ? 292 HOH A O   1 
HETATM 1045 O  O   . HOH E 4 .   ? -1.763  10.089  14.266  1.00 25.76 ? 293 HOH A O   1 
HETATM 1046 O  O   . HOH E 4 .   ? 7.740   3.364   12.796  1.00 17.00 ? 294 HOH A O   1 
HETATM 1047 O  O   . HOH E 4 .   ? 8.855   5.727   11.815  1.00 36.30 ? 295 HOH A O   1 
HETATM 1048 O  O   . HOH E 4 .   ? -1.903  12.622  14.944  1.00 33.82 ? 296 HOH A O   1 
HETATM 1049 O  O   . HOH E 4 .   ? 5.989   7.017   18.502  1.00 22.89 ? 297 HOH A O   1 
HETATM 1050 O  O   . HOH E 4 .   ? 10.930  5.440   20.912  1.00 27.43 ? 298 HOH A O   1 
HETATM 1051 O  O   . HOH E 4 .   ? 11.048  -2.991  18.235  1.00 19.63 ? 299 HOH A O   1 
HETATM 1052 O  O   . HOH E 4 .   ? 9.738   3.548   4.145   1.00 24.08 ? 300 HOH A O   1 
HETATM 1053 O  O   . HOH E 4 .   ? -4.031  11.667  4.147   1.00 34.23 ? 301 HOH A O   1 
HETATM 1054 O  O   . HOH E 4 .   ? -6.205  3.517   -19.511 1.00 52.32 ? 302 HOH A O   1 
HETATM 1055 O  O   . HOH E 4 .   ? -3.487  -4.639  -10.760 1.00 23.53 ? 303 HOH A O   1 
HETATM 1056 O  O   . HOH E 4 .   ? 0.623   -1.377  -3.345  1.00 31.78 ? 304 HOH A O   1 
HETATM 1057 O  O   . HOH E 4 .   ? -0.651  -3.487  -4.346  1.00 25.78 ? 305 HOH A O   1 
HETATM 1058 O  O   . HOH E 4 .   ? -8.120  7.728   -4.410  1.00 28.64 ? 306 HOH A O   1 
HETATM 1059 O  O   . HOH E 4 .   ? -9.773  10.576  -0.094  1.00 43.82 ? 307 HOH A O   1 
HETATM 1060 O  O   . HOH E 4 .   ? -9.956  11.146  3.020   1.00 35.91 ? 308 HOH A O   1 
HETATM 1061 O  O   . HOH E 4 .   ? -6.947  11.998  4.933   1.00 30.99 ? 309 HOH A O   1 
HETATM 1062 O  O   . HOH E 4 .   ? 3.291   11.103  1.180   1.00 33.07 ? 310 HOH A O   1 
HETATM 1063 O  O   . HOH E 4 .   ? -1.725  11.336  -4.598  1.00 24.88 ? 311 HOH A O   1 
HETATM 1064 O  O   . HOH E 4 .   ? 2.813   10.915  -9.823  1.00 32.77 ? 312 HOH A O   1 
HETATM 1065 O  O   . HOH E 4 .   ? 13.549  3.584   12.111  1.00 32.02 ? 313 HOH A O   1 
HETATM 1066 O  O   . HOH E 4 .   ? 11.809  3.996   8.412   1.00 22.53 ? 314 HOH A O   1 
HETATM 1067 O  O   . HOH E 4 .   ? 13.742  2.202   9.243   1.00 19.94 ? 315 HOH A O   1 
HETATM 1068 O  O   . HOH E 4 .   ? 11.234  4.959   5.955   1.00 28.46 ? 316 HOH A O   1 
HETATM 1069 O  O   . HOH E 4 .   ? 16.423  3.235   13.183  1.00 36.55 ? 317 HOH A O   1 
HETATM 1070 O  O   . HOH E 4 .   ? 16.183  2.932   9.748   1.00 38.93 ? 318 HOH A O   1 
HETATM 1071 O  O   . HOH E 4 .   ? 4.692   8.469   11.500  1.00 26.94 ? 319 HOH A O   1 
HETATM 1072 O  O   . HOH E 4 .   ? 3.606   11.092  11.002  1.00 39.67 ? 320 HOH A O   1 
HETATM 1073 O  O   . HOH E 4 .   ? 1.425   11.987  12.008  1.00 46.91 ? 321 HOH A O   1 
HETATM 1074 O  O   . HOH E 4 .   ? -9.609  9.326   12.275  1.00 36.26 ? 322 HOH A O   1 
HETATM 1075 O  O   . HOH E 4 .   ? -11.373 6.195   14.142  1.00 50.26 ? 323 HOH A O   1 
HETATM 1076 O  O   . HOH E 4 .   ? -9.498  8.047   14.533  1.00 51.47 ? 324 HOH A O   1 
HETATM 1077 O  O   . HOH E 4 .   ? -11.671 5.736   9.931   1.00 36.09 ? 325 HOH A O   1 
HETATM 1078 O  O   . HOH E 4 .   ? -14.249 3.257   8.477   1.00 44.29 ? 326 HOH A O   1 
HETATM 1079 O  O   . HOH E 4 .   ? -7.088  -7.584  1.816   1.00 39.92 ? 327 HOH A O   1 
HETATM 1080 O  O   . HOH E 4 .   ? -9.982  -7.650  3.373   1.00 29.98 ? 328 HOH A O   1 
HETATM 1081 O  O   . HOH E 4 .   ? -10.496 -2.955  4.440   1.00 26.79 ? 329 HOH A O   1 
HETATM 1082 O  O   . HOH E 4 .   ? -9.822  -4.779  6.362   1.00 44.30 ? 330 HOH A O   1 
HETATM 1083 O  O   . HOH E 4 .   ? -11.323 0.851   2.802   1.00 43.59 ? 331 HOH A O   1 
HETATM 1084 O  O   . HOH E 4 .   ? -11.815 -1.230  1.299   1.00 29.89 ? 332 HOH A O   1 
HETATM 1085 O  O   . HOH E 4 .   ? -12.206 -6.278  3.473   1.00 31.87 ? 333 HOH A O   1 
HETATM 1086 O  O   . HOH E 4 .   ? -2.543  -2.429  14.412  1.00 30.75 ? 334 HOH A O   1 
HETATM 1087 O  O   . HOH E 4 .   ? 0.351   -3.257  16.904  0.50 9.61  ? 335 HOH A O   1 
HETATM 1088 O  O   . HOH E 4 .   ? 1.989   5.358   16.871  1.00 27.38 ? 336 HOH A O   1 
HETATM 1089 O  O   . HOH E 4 .   ? 1.249   3.117   17.979  1.00 27.21 ? 337 HOH A O   1 
HETATM 1090 O  O   . HOH E 4 .   ? 3.426   6.971   18.604  1.00 38.69 ? 338 HOH A O   1 
HETATM 1091 O  O   . HOH E 4 .   ? 11.172  5.841   25.117  1.00 29.13 ? 339 HOH A O   1 
HETATM 1092 O  O   . HOH E 4 .   ? 12.097  7.924   21.189  1.00 30.66 ? 340 HOH A O   1 
HETATM 1093 O  O   . HOH E 4 .   ? 7.290   -5.217  -3.894  1.00 25.40 ? 341 HOH A O   1 
HETATM 1094 O  O   . HOH E 4 .   ? -9.086  -10.014 -1.848  1.00 25.32 ? 342 HOH A O   1 
HETATM 1095 O  O   . HOH E 4 .   ? -12.706 -9.614  -7.761  1.00 36.68 ? 343 HOH A O   1 
HETATM 1096 O  O   . HOH E 4 .   ? -13.149 -3.158  5.573   1.00 49.03 ? 344 HOH A O   1 
HETATM 1097 O  O   . HOH E 4 .   ? -16.237 1.641   -8.407  1.00 42.30 ? 345 HOH A O   1 
HETATM 1098 O  O   . HOH E 4 .   ? -7.493  -7.356  -4.574  1.00 36.24 ? 346 HOH A O   1 
HETATM 1099 O  O   . HOH E 4 .   ? -4.345  -7.086  -11.131 1.00 41.30 ? 347 HOH A O   1 
HETATM 1100 O  O   . HOH E 4 .   ? -1.425  -6.414  -9.946  1.00 35.68 ? 348 HOH A O   1 
HETATM 1101 O  O   . HOH E 4 .   ? 4.930   12.558  -14.306 1.00 33.55 ? 349 HOH A O   1 
HETATM 1102 O  O   . HOH E 4 .   ? -12.591 8.829   -14.111 1.00 46.48 ? 350 HOH A O   1 
HETATM 1103 O  O   . HOH E 4 .   ? -2.926  5.316   -18.816 1.00 35.69 ? 351 HOH A O   1 
HETATM 1104 O  O   . HOH E 4 .   ? 12.660  -0.604  -5.887  1.00 39.37 ? 352 HOH A O   1 
HETATM 1105 O  O   . HOH E 4 .   ? 9.991   -4.913  -10.089 1.00 39.21 ? 353 HOH A O   1 
HETATM 1106 O  O   . HOH E 4 .   ? 12.495  -11.459 10.381  0.50 21.17 ? 354 HOH A O   1 
HETATM 1107 O  O   . HOH E 4 .   ? 10.151  -17.743 5.909   1.00 38.95 ? 355 HOH A O   1 
HETATM 1108 O  O   . HOH E 4 .   ? -14.330 7.495   -11.452 1.00 41.23 ? 356 HOH A O   1 
HETATM 1109 O  O   . HOH E 4 .   ? -6.102  -9.662  -17.603 1.00 44.89 ? 357 HOH A O   1 
HETATM 1110 O  O   . HOH E 4 .   ? -10.113 -3.181  -18.851 1.00 35.06 ? 358 HOH A O   1 
HETATM 1111 O  O   . HOH E 4 .   ? -4.610  -1.702  13.107  1.00 43.12 ? 359 HOH A O   1 
HETATM 1112 O  O   . HOH E 4 .   ? -2.863  -3.626  16.538  1.00 39.25 ? 360 HOH A O   1 
HETATM 1113 O  O   . HOH E 4 .   ? 11.838  -8.022  9.488   1.00 33.94 ? 361 HOH A O   1 
HETATM 1114 O  O   . HOH E 4 .   ? 10.770  -10.295 11.306  0.50 22.18 ? 362 HOH A O   1 
HETATM 1115 O  O   . HOH E 4 .   ? 10.968  -14.293 9.854   1.00 46.19 ? 363 HOH A O   1 
HETATM 1116 O  O   . HOH E 4 .   ? 11.707  -16.727 7.798   1.00 47.89 ? 364 HOH A O   1 
HETATM 1117 O  O   . HOH E 4 .   ? 5.607   -4.438  -8.450  1.00 31.28 ? 365 HOH A O   1 
HETATM 1118 O  O   . HOH E 4 .   ? 11.139  -3.248  -7.946  1.00 57.60 ? 366 HOH A O   1 
HETATM 1119 O  O   . HOH E 4 .   ? 5.183   -8.454  -1.213  1.00 41.68 ? 367 HOH A O   1 
HETATM 1120 O  O   . HOH E 4 .   ? 9.288   3.952   -3.039  1.00 33.75 ? 368 HOH A O   1 
HETATM 1121 O  O   . HOH E 4 .   ? 12.372  2.735   -4.816  1.00 40.90 ? 369 HOH A O   1 
HETATM 1122 O  O   . HOH E 4 .   ? 12.440  1.798   -7.454  1.00 41.37 ? 370 HOH A O   1 
HETATM 1123 O  O   . HOH E 4 .   ? -12.902 9.643   10.301  1.00 46.60 ? 371 HOH A O   1 
HETATM 1124 O  O   . HOH E 4 .   ? -13.502 9.207   2.925   1.00 38.81 ? 372 HOH A O   1 
HETATM 1125 O  O   . HOH E 4 .   ? -14.168 8.771   0.217   1.00 51.03 ? 373 HOH A O   1 
HETATM 1126 O  O   . HOH E 4 .   ? -10.400 7.705   -3.157  1.00 43.61 ? 374 HOH A O   1 
HETATM 1127 O  O   . HOH E 4 .   ? -11.655 -1.926  -16.266 1.00 37.25 ? 375 HOH A O   1 
HETATM 1128 O  O   . HOH E 4 .   ? -14.263 -2.931  -13.946 1.00 46.92 ? 376 HOH A O   1 
HETATM 1129 O  O   . HOH E 4 .   ? 4.886   4.880   -9.520  1.00 31.97 ? 377 HOH A O   1 
HETATM 1130 O  O   . HOH E 4 .   ? 0.887   11.843  -4.560  1.00 42.43 ? 378 HOH A O   1 
HETATM 1131 O  O   . HOH E 4 .   ? 0.361   14.403  -3.648  1.00 39.50 ? 379 HOH A O   1 
HETATM 1132 O  O   . HOH E 4 .   ? 2.889   13.313  2.995   1.00 34.23 ? 380 HOH A O   1 
HETATM 1133 O  O   . HOH E 4 .   ? -8.681  13.965  -2.468  1.00 48.96 ? 381 HOH A O   1 
HETATM 1134 O  O   . HOH E 4 .   ? -3.487  10.316  6.565   1.00 30.35 ? 382 HOH A O   1 
HETATM 1135 O  O   . HOH E 4 .   ? -8.855  14.221  6.173   1.00 43.60 ? 383 HOH A O   1 
HETATM 1136 O  O   . HOH E 4 .   ? -0.137  -7.976  -12.461 1.00 45.69 ? 384 HOH A O   1 
HETATM 1137 O  O   . HOH E 4 .   ? 12.167  6.931   14.673  1.00 48.55 ? 385 HOH A O   1 
HETATM 1138 O  O   . HOH E 4 .   ? -3.984  14.339  14.719  1.00 49.95 ? 386 HOH A O   1 
HETATM 1139 O  O   . HOH E 4 .   ? -2.124  8.949   16.524  1.00 36.55 ? 387 HOH A O   1 
HETATM 1140 O  O   . HOH E 4 .   ? -9.400  10.076  16.081  1.00 41.31 ? 388 HOH A O   1 
HETATM 1141 O  O   . HOH E 4 .   ? 2.606   9.599   18.847  1.00 41.03 ? 389 HOH A O   1 
HETATM 1142 O  O   . HOH E 4 .   ? 1.448   12.295  15.883  1.00 51.89 ? 390 HOH A O   1 
HETATM 1143 O  O   . HOH E 4 .   ? -4.647  13.758  8.063   1.00 47.55 ? 391 HOH A O   1 
HETATM 1144 O  O   . HOH E 4 .   ? -8.796  -7.803  11.298  1.00 41.77 ? 392 HOH A O   1 
HETATM 1145 O  O   . HOH E 4 .   ? -8.199  -6.654  14.985  1.00 45.33 ? 393 HOH A O   1 
HETATM 1146 O  O   . HOH E 4 .   ? -7.744  -9.420  13.290  1.00 36.97 ? 394 HOH A O   1 
HETATM 1147 O  O   . HOH E 4 .   ? -9.403  -5.596  12.728  1.00 50.39 ? 395 HOH A O   1 
HETATM 1148 O  O   . HOH E 4 .   ? 13.677  5.878   4.944   1.00 43.47 ? 396 HOH A O   1 
HETATM 1149 O  O   . HOH E 4 .   ? 17.221  -1.197  -0.069  1.00 38.65 ? 397 HOH A O   1 
HETATM 1150 O  O   . HOH E 4 .   ? 16.903  -8.537  3.207   1.00 46.94 ? 398 HOH A O   1 
HETATM 1151 O  O   . HOH E 4 .   ? 6.883   8.521   14.096  1.00 44.36 ? 399 HOH A O   1 
HETATM 1152 O  O   . HOH E 4 .   ? -9.199  -8.174  -12.670 1.00 50.90 ? 400 HOH A O   1 
HETATM 1153 O  O   . HOH E 4 .   ? 11.572  4.272   14.668  1.00 38.36 ? 401 HOH A O   1 
HETATM 1154 O  O   . HOH E 4 .   ? 15.745  1.956   7.034   1.00 43.38 ? 402 HOH A O   1 
HETATM 1155 O  O   . HOH E 4 .   ? 17.833  -0.543  8.176   1.00 43.96 ? 403 HOH A O   1 
HETATM 1156 O  O   . HOH E 4 .   ? 16.745  -1.532  -3.191  1.00 44.00 ? 404 HOH A O   1 
HETATM 1157 O  O   . HOH E 4 .   ? 14.973  3.336   0.369   1.00 49.76 ? 405 HOH A O   1 
HETATM 1158 O  O   . HOH E 4 .   ? -13.087 1.846   -1.398  1.00 38.88 ? 406 HOH A O   1 
HETATM 1159 O  O   . HOH E 4 .   ? -16.367 6.948   -2.248  1.00 50.23 ? 407 HOH A O   1 
# 
